data_6WTH
#
_entry.id   6WTH
#
_cell.length_a   1.00
_cell.length_b   1.00
_cell.length_c   1.00
_cell.angle_alpha   90.00
_cell.angle_beta   90.00
_cell.angle_gamma   90.00
#
_symmetry.space_group_name_H-M   'P 1'
#
loop_
_entity.id
_entity.type
_entity.pdbx_description
1 polymer 'Amiloride-sensitive sodium channel subunit alpha'
2 polymer 'Amiloride-sensitive sodium channel subunit beta'
3 polymer 'Amiloride-sensitive sodium channel subunit gamma'
4 polymer '7B1 Fab'
5 polymer '10D4 Fab'
6 branched 2-acetamido-2-deoxy-beta-D-glucopyranose-(1-4)-2-acetamido-2-deoxy-beta-D-glucopyranose
7 non-polymer 'SODIUM ION'
8 non-polymer 2-acetamido-2-deoxy-beta-D-glucopyranose
#
loop_
_entity_poly.entity_id
_entity_poly.type
_entity_poly.pdbx_seq_one_letter_code
_entity_poly.pdbx_strand_id
1 'polypeptide(L)'
;MEGNKLEEQDSSPPQSTPGLMKGNKREEQGLGPEPAAPQQPTAEEEALIEFHRSYRELFEFFCNNTTIHGAIRLVCSQHN
RMKTAFWAVLWLCTFGMMYWQFGLLFGEYFSYPVSLNINLNSDKLVFPAVTICTLNPYRYPEIKEELEELDRITEQTLFD
LYKYSSFTTLVAGSRSRRDLRGTLPHPLQRLRVPPPPHGARRARSVASSLRDNNPQVDWKDWKIGFQLCNQNKSDCFYQT
YSSGVDAVREWYRFHYINILSRLPETLPSLEEDTLGNFIFACRFNQVSCNQANYSHFHHPMYGNCYTFNDKNNSNLWMSS
MPGINNGLSLMLRAEQNDFIPLLSTVTGARVMVHGQDEPAFMDDGGFNLRPGVETSISMRKETLDRLGGDYGDCTKNGSD
VPVENLYPSKYTQQVCIHSCFQESMIKECGCAYIFYPRPQNVEYCDYRKHSSWGYCYYKLQVDFSSDHLGCFTKCRKPCS
VTSYQLSAGYSRWPSVTSQEWVFQMLSRQNNYTVNNKRNGVAKVNIFFKELNYKTNSESPSVTMVTLLSNLGSQWSLWFG
SSVLSVVEMAELVFDLLVIMFLMLLRRFRSRYWSPGRGGRGAQEVASTLASSPPSHFCPHPMSLSLSQPGPAPSPALTAP
PPAYATLGPRPSPGGSAGASSSTCPLGGP
;
A
2 'polypeptide(L)'
;MHVKKYLLKGLHRLQKGPGYTYKELLVWYCDNTNTHGPKRIICEGPKKKAMWFLLTLLFAALVCWQWGIFIRTYLSWEVS
VSLSVGFKTMDFPAVTICNASPFKYSKIKHLLKDLDELMEAVLERILAPELSHANATRNLNFSIWNHTPLVLIDERNPHH
PMVLDLFGDNHNGLTSSSASEKICNAHGCKMAMRLCSLNRTQCTFRNFTSATQALTEWYILQATNIFAQVPQQELVEMSY
PGEQMILACLFGAEPCNYRNFTSIFYPHYGNCYIFNWGMTEKALPSANPGTEFGLKLILDIGQEDYVPFLASTAGVRLML
HEQRSYPFIRDEGIYAMSGTETSIGVLVDKLQRMGEPYSPCTVNGSEVPVQNFYSDYNTTYSIQACLRSCFQDHMIRNCN
CGHYLYPLPRGEKYCNNRDFPDWAHCYSDLQMSVAQRETCIGMCKESCNDTQYKMTISMADWPSEASEDWIFHVLSQERD
QSTNITLSRKGIVKLNIYFQEFNYRTIEESAANNIVWLLSNLGGQFGFWMGGSVLCLIEFGEIIIDFVWITIIKLVALAK
SLRQRRAQASYAGPPPTVAELVEAHTNFGFQPDTAPRSPNTGPYPSEQALPIPGTPPPNYDSLRLQPLDVIESDSEGDAI
;
B
3 'polypeptide(L)'
;MAPGEKIKAKIKKNLPVTGPQAPTIKELMRWYCLNTNTHGCRRIVVSRGRLRRLLWIGFTLTAVALILWQCALLVFSFYT
VSVSIKVHFRKLDFPAVTICNINPYKYSTVRHLLADLEQETREALKSLYGFPESRKRREAESWNSVSEGKQPRFSHRIPL
LIFDQDEKGKARDFFTGRKRKVGGSIIHKASNVMHIESKQVVGFQLCSNDTSDCATYTFSSGINAIQEWYKLHYMNIMAQ
VPLEKKINMSYSAEELLVTCFFDGVSCDARNFTLFHHPMHGNCYTFNNRENETILSTSMGGSEYGLQVILYINEEEYNPF
LVSSTGAKVIIHRQDEYPFVEDVGTEIETAMVTSIGMHLTESFKLSEPYSQCTEDGSDVPIRNIYNAAYSLQICLHSCFQ
TKMVEKCGCAQYSQPLPPAANYCNYQQHPNWMYCYYQLHRAFVQEELGCQSVCKEACSFKEWTLTTSLAQWPSVVSEKWL
LPVLTWDQGRQVNKKLNKTDLAKLLIFYKDLNQRSIMESPANSIEMLLSNFGGQLGLWMSCSVVCVIEIIEVFFIDFFSI
IARRQWQKAKEWWAWKQAPPCPEAPRSPQGQDNPALDIDDDLPTFNSALHLPPALGTQVPGTPPPKYNTLRLERAFSNQL
TDTQMLDEL
;
C
4 'polypeptide(L)'
;(UNK)(UNK)(UNK)(UNK)(UNK)(UNK)(UNK)(UNK)(UNK)(UNK)(UNK)(UNK)(UNK)(UNK)(UNK)(UNK)
(UNK)(UNK)(UNK)(UNK)(UNK)(UNK)(UNK)(UNK)(UNK)(UNK)(UNK)(UNK)(UNK)(UNK)(UNK)(UNK)
(UNK)(UNK)(UNK)(UNK)(UNK)(UNK)(UNK)(UNK)(UNK)(UNK)(UNK)(UNK)(UNK)(UNK)(UNK)(UNK)
(UNK)(UNK)(UNK)(UNK)(UNK)(UNK)(UNK)(UNK)(UNK)(UNK)(UNK)(UNK)(UNK)(UNK)(UNK)(UNK)
(UNK)(UNK)(UNK)(UNK)(UNK)(UNK)(UNK)(UNK)(UNK)(UNK)(UNK)(UNK)(UNK)(UNK)(UNK)(UNK)
(UNK)(UNK)(UNK)(UNK)(UNK)(UNK)(UNK)(UNK)(UNK)(UNK)(UNK)(UNK)(UNK)(UNK)(UNK)(UNK)
(UNK)(UNK)(UNK)(UNK)(UNK)(UNK)(UNK)(UNK)(UNK)(UNK)(UNK)(UNK)(UNK)(UNK)(UNK)(UNK)
(UNK)(UNK)(UNK)(UNK)(UNK)(UNK)
;
D,E
5 'polypeptide(L)'
;(UNK)(UNK)(UNK)(UNK)(UNK)(UNK)(UNK)(UNK)(UNK)(UNK)(UNK)(UNK)(UNK)(UNK)(UNK)(UNK)
(UNK)(UNK)(UNK)(UNK)(UNK)(UNK)(UNK)(UNK)(UNK)(UNK)(UNK)(UNK)(UNK)(UNK)(UNK)(UNK)
(UNK)(UNK)(UNK)(UNK)(UNK)(UNK)(UNK)(UNK)(UNK)(UNK)(UNK)(UNK)(UNK)(UNK)(UNK)(UNK)
(UNK)(UNK)(UNK)(UNK)(UNK)(UNK)(UNK)(UNK)(UNK)(UNK)(UNK)(UNK)(UNK)(UNK)(UNK)(UNK)
(UNK)(UNK)(UNK)(UNK)(UNK)(UNK)(UNK)(UNK)(UNK)(UNK)(UNK)(UNK)(UNK)(UNK)(UNK)(UNK)
(UNK)(UNK)(UNK)(UNK)(UNK)(UNK)(UNK)(UNK)(UNK)(UNK)(UNK)(UNK)(UNK)(UNK)(UNK)(UNK)
(UNK)(UNK)(UNK)(UNK)(UNK)(UNK)(UNK)(UNK)(UNK)(UNK)(UNK)(UNK)(UNK)(UNK)(UNK)(UNK)
(UNK)(UNK)(UNK)
;
F,G
#
loop_
_chem_comp.id
_chem_comp.type
_chem_comp.name
_chem_comp.formula
NA non-polymer 'SODIUM ION' 'Na 1'
NAG D-saccharide, beta linking 2-acetamido-2-deoxy-beta-D-glucopyranose 'C8 H15 N O6'
#
# COMPACT_ATOMS: atom_id res chain seq x y z
N VAL A 114 11.82 -0.25 39.69
CA VAL A 114 12.48 -0.82 38.52
C VAL A 114 13.10 0.28 37.67
N SER A 115 13.76 -0.11 36.58
CA SER A 115 14.40 0.84 35.68
C SER A 115 14.32 0.31 34.26
N LEU A 116 13.93 1.17 33.33
CA LEU A 116 13.81 0.78 31.93
C LEU A 116 15.17 0.84 31.24
N ASN A 117 15.46 -0.19 30.44
CA ASN A 117 16.72 -0.26 29.72
C ASN A 117 16.42 -0.68 28.28
N ILE A 118 16.63 0.24 27.34
CA ILE A 118 16.38 0.00 25.93
C ILE A 118 17.69 -0.35 25.26
N ASN A 119 17.69 -1.44 24.50
CA ASN A 119 18.89 -1.87 23.80
C ASN A 119 18.49 -2.56 22.50
N LEU A 120 19.49 -2.87 21.68
CA LEU A 120 19.29 -3.52 20.38
C LEU A 120 19.99 -4.86 20.37
N ASN A 121 19.30 -5.89 19.91
CA ASN A 121 19.84 -7.24 19.84
C ASN A 121 20.18 -7.56 18.38
N SER A 122 21.46 -7.82 18.12
CA SER A 122 21.94 -8.16 16.78
C SER A 122 22.19 -9.67 16.76
N ASP A 123 21.12 -10.43 16.49
CA ASP A 123 21.19 -11.89 16.42
C ASP A 123 20.47 -12.35 15.16
N LYS A 124 20.47 -13.67 14.95
CA LYS A 124 19.78 -14.26 13.81
C LYS A 124 18.28 -14.15 14.03
N LEU A 125 17.64 -13.26 13.29
CA LEU A 125 16.21 -13.01 13.46
C LEU A 125 15.40 -14.16 12.87
N VAL A 126 14.68 -14.88 13.72
CA VAL A 126 13.79 -15.93 13.25
C VAL A 126 12.57 -15.29 12.60
N PHE A 127 12.20 -15.79 11.43
CA PHE A 127 11.07 -15.21 10.71
C PHE A 127 9.76 -15.62 11.37
N PRO A 128 8.85 -14.69 11.61
CA PRO A 128 7.60 -15.05 12.29
C PRO A 128 6.70 -15.89 11.42
N ALA A 129 5.78 -16.60 12.06
CA ALA A 129 4.83 -17.43 11.35
C ALA A 129 3.85 -16.56 10.57
N VAL A 130 3.63 -16.88 9.30
CA VAL A 130 2.79 -16.11 8.41
C VAL A 130 1.49 -16.88 8.18
N THR A 131 0.38 -16.29 8.60
CA THR A 131 -0.95 -16.87 8.38
C THR A 131 -1.61 -16.19 7.21
N ILE A 132 -1.85 -16.94 6.14
CA ILE A 132 -2.42 -16.42 4.90
C ILE A 132 -3.85 -16.92 4.80
N CYS A 133 -4.82 -16.02 4.88
CA CYS A 133 -6.23 -16.35 4.76
C CYS A 133 -6.82 -15.68 3.54
N THR A 134 -7.71 -16.39 2.85
CA THR A 134 -8.45 -15.82 1.74
C THR A 134 -9.76 -15.22 2.25
N LEU A 135 -10.35 -14.34 1.44
CA LEU A 135 -11.52 -13.57 1.84
C LEU A 135 -12.81 -14.13 1.25
N ASN A 136 -12.92 -15.45 1.13
CA ASN A 136 -14.14 -16.09 0.66
C ASN A 136 -14.34 -17.40 1.42
N PRO A 137 -15.31 -17.46 2.33
CA PRO A 137 -15.57 -18.70 3.07
C PRO A 137 -16.02 -19.82 2.14
N TYR A 138 -15.31 -20.94 2.19
CA TYR A 138 -15.62 -22.09 1.36
C TYR A 138 -16.86 -22.79 1.89
N ARG A 139 -17.90 -22.85 1.06
CA ARG A 139 -19.12 -23.56 1.44
C ARG A 139 -18.92 -25.06 1.28
N TYR A 140 -19.05 -25.79 2.37
CA TYR A 140 -18.83 -27.24 2.32
C TYR A 140 -19.98 -27.92 1.57
N PRO A 141 -19.70 -28.98 0.82
CA PRO A 141 -20.80 -29.73 0.18
C PRO A 141 -21.75 -30.37 1.17
N GLU A 142 -21.32 -30.57 2.42
CA GLU A 142 -22.22 -31.14 3.43
C GLU A 142 -23.35 -30.19 3.76
N ILE A 143 -23.06 -28.89 3.86
CA ILE A 143 -24.05 -27.89 4.20
C ILE A 143 -24.53 -27.13 2.96
N LYS A 144 -24.38 -27.72 1.78
CA LYS A 144 -24.84 -27.05 0.56
C LYS A 144 -26.36 -26.94 0.55
N GLU A 145 -27.06 -27.99 0.95
CA GLU A 145 -28.52 -27.94 0.99
C GLU A 145 -29.01 -27.00 2.08
N GLU A 146 -28.26 -26.86 3.17
CA GLU A 146 -28.63 -25.93 4.24
C GLU A 146 -28.28 -24.49 3.91
N LEU A 147 -27.31 -24.27 3.02
CA LEU A 147 -26.94 -22.92 2.60
C LEU A 147 -27.79 -22.40 1.46
N GLU A 148 -28.15 -23.27 0.51
CA GLU A 148 -29.02 -22.85 -0.59
C GLU A 148 -30.39 -22.41 -0.06
N GLU A 149 -30.87 -23.07 1.00
CA GLU A 149 -32.12 -22.64 1.63
C GLU A 149 -31.94 -21.28 2.28
N LEU A 150 -30.78 -21.04 2.89
CA LEU A 150 -30.53 -19.76 3.54
C LEU A 150 -30.44 -18.63 2.52
N ASP A 151 -29.87 -18.91 1.35
CA ASP A 151 -29.80 -17.89 0.30
C ASP A 151 -31.17 -17.58 -0.27
N ARG A 152 -32.05 -18.59 -0.36
CA ARG A 152 -33.40 -18.35 -0.86
C ARG A 152 -34.19 -17.46 0.08
N ILE A 153 -33.95 -17.59 1.39
CA ILE A 153 -34.64 -16.73 2.35
C ILE A 153 -34.11 -15.31 2.26
N THR A 154 -32.82 -15.14 2.01
CA THR A 154 -32.25 -13.80 1.90
C THR A 154 -32.70 -13.12 0.61
N GLU A 155 -32.69 -13.86 -0.51
CA GLU A 155 -33.16 -13.28 -1.78
C GLU A 155 -34.63 -12.90 -1.69
N GLN A 156 -35.42 -13.68 -0.94
CA GLN A 156 -36.82 -13.32 -0.74
C GLN A 156 -36.94 -12.12 0.20
N THR A 157 -36.02 -11.99 1.17
CA THR A 157 -36.05 -10.85 2.06
C THR A 157 -35.72 -9.56 1.33
N LEU A 158 -34.73 -9.59 0.45
CA LEU A 158 -34.37 -8.40 -0.32
C LEU A 158 -35.49 -8.01 -1.27
N PHE A 159 -36.16 -8.99 -1.88
CA PHE A 159 -37.24 -8.69 -2.81
C PHE A 159 -38.47 -8.13 -2.10
N ASP A 160 -38.67 -8.47 -0.83
CA ASP A 160 -39.82 -7.94 -0.10
C ASP A 160 -39.56 -6.56 0.47
N LEU A 161 -38.30 -6.24 0.77
CA LEU A 161 -37.94 -4.96 1.36
C LEU A 161 -37.41 -3.97 0.33
N TYR A 162 -36.39 -4.37 -0.44
CA TYR A 162 -35.75 -3.49 -1.40
C TYR A 162 -36.12 -3.80 -2.84
N LYS A 163 -37.04 -4.75 -3.07
CA LYS A 163 -37.49 -5.10 -4.41
C LYS A 163 -36.33 -5.52 -5.31
N TYR A 164 -35.35 -6.19 -4.72
CA TYR A 164 -34.17 -6.64 -5.45
C TYR A 164 -34.42 -8.03 -6.00
N SER A 165 -34.37 -8.16 -7.33
CA SER A 165 -34.57 -9.43 -8.02
C SER A 165 -33.26 -9.79 -8.73
N SER A 166 -32.61 -10.85 -8.27
CA SER A 166 -31.36 -11.29 -8.86
C SER A 166 -31.58 -11.91 -10.24
N THR A 183 -38.30 -22.14 6.61
CA THR A 183 -38.69 -21.35 7.78
C THR A 183 -37.55 -21.28 8.79
N LEU A 184 -37.05 -20.05 9.02
CA LEU A 184 -35.96 -19.82 9.95
C LEU A 184 -36.49 -19.23 11.25
N PRO A 185 -35.80 -19.46 12.37
CA PRO A 185 -36.35 -18.97 13.66
C PRO A 185 -36.28 -17.46 13.80
N HIS A 186 -35.25 -16.81 13.26
CA HIS A 186 -35.07 -15.37 13.38
C HIS A 186 -35.19 -14.73 12.01
N PRO A 187 -36.40 -14.35 11.58
CA PRO A 187 -36.54 -13.69 10.27
C PRO A 187 -36.13 -12.23 10.34
N LEU A 188 -35.66 -11.74 9.19
CA LEU A 188 -35.24 -10.35 9.07
C LEU A 188 -36.43 -9.51 8.60
N GLN A 189 -36.81 -8.52 9.41
CA GLN A 189 -37.97 -7.70 9.12
C GLN A 189 -37.65 -6.24 9.41
N ARG A 190 -38.41 -5.35 8.78
CA ARG A 190 -38.27 -3.91 8.96
C ARG A 190 -39.29 -3.42 9.97
N LEU A 191 -38.82 -2.72 11.00
CA LEU A 191 -39.70 -2.21 12.04
C LEU A 191 -39.74 -0.68 12.03
N LYS A 223 -35.80 1.11 10.90
CA LYS A 223 -34.62 0.27 10.88
C LYS A 223 -34.97 -1.17 10.45
N ILE A 224 -33.94 -1.98 10.28
CA ILE A 224 -34.10 -3.38 9.87
C ILE A 224 -33.24 -4.25 10.78
N GLY A 225 -33.85 -5.25 11.39
CA GLY A 225 -33.12 -6.15 12.27
C GLY A 225 -33.98 -7.32 12.69
N PHE A 226 -33.31 -8.35 13.18
CA PHE A 226 -33.97 -9.57 13.63
C PHE A 226 -34.15 -9.56 15.14
N GLN A 227 -35.18 -10.27 15.60
CA GLN A 227 -35.53 -10.28 17.01
C GLN A 227 -34.80 -11.41 17.72
N LEU A 228 -34.19 -11.09 18.86
CA LEU A 228 -33.53 -12.05 19.71
C LEU A 228 -34.29 -12.17 21.03
N CYS A 229 -34.59 -13.40 21.44
CA CYS A 229 -35.35 -13.67 22.65
C CYS A 229 -34.65 -14.76 23.46
N ASN A 230 -35.13 -14.95 24.68
CA ASN A 230 -34.61 -15.99 25.56
C ASN A 230 -35.39 -17.28 25.37
N GLN A 231 -35.20 -18.24 26.27
CA GLN A 231 -35.85 -19.54 26.13
C GLN A 231 -37.37 -19.42 26.26
N ASN A 232 -37.84 -18.91 27.40
CA ASN A 232 -39.27 -18.81 27.66
C ASN A 232 -39.94 -17.65 26.93
N LYS A 233 -39.20 -16.94 26.06
CA LYS A 233 -39.74 -15.82 25.30
C LYS A 233 -40.33 -14.76 26.22
N SER A 234 -39.49 -14.26 27.11
CA SER A 234 -39.87 -13.22 28.08
C SER A 234 -39.17 -11.91 27.81
N ASP A 235 -37.84 -11.90 27.71
CA ASP A 235 -37.08 -10.69 27.45
C ASP A 235 -36.70 -10.67 25.97
N CYS A 236 -37.63 -10.19 25.16
CA CYS A 236 -37.44 -10.10 23.71
C CYS A 236 -36.97 -8.69 23.35
N PHE A 237 -35.88 -8.60 22.58
CA PHE A 237 -35.35 -7.34 22.13
C PHE A 237 -34.91 -7.46 20.68
N TYR A 238 -35.08 -6.38 19.92
CA TYR A 238 -34.72 -6.37 18.50
C TYR A 238 -33.31 -5.83 18.33
N GLN A 239 -32.49 -6.55 17.56
CA GLN A 239 -31.15 -6.08 17.21
C GLN A 239 -31.25 -5.41 15.84
N THR A 240 -31.53 -4.11 15.86
CA THR A 240 -31.76 -3.36 14.64
C THR A 240 -30.44 -2.88 14.03
N TYR A 241 -30.51 -2.51 12.75
CA TYR A 241 -29.36 -1.98 12.04
C TYR A 241 -29.80 -0.76 11.24
N SER A 242 -28.83 0.09 10.91
CA SER A 242 -29.13 1.32 10.20
C SER A 242 -29.38 1.07 8.72
N SER A 243 -28.52 0.31 8.07
CA SER A 243 -28.63 0.04 6.63
C SER A 243 -28.90 -1.45 6.40
N GLY A 244 -29.40 -1.75 5.20
CA GLY A 244 -29.64 -3.13 4.83
C GLY A 244 -28.39 -3.92 4.54
N VAL A 245 -27.29 -3.25 4.21
CA VAL A 245 -26.04 -3.96 3.96
C VAL A 245 -25.53 -4.60 5.24
N ASP A 246 -25.49 -3.83 6.33
CA ASP A 246 -25.05 -4.38 7.60
C ASP A 246 -26.08 -5.34 8.19
N ALA A 247 -27.37 -5.10 7.93
CA ALA A 247 -28.42 -5.97 8.46
C ALA A 247 -28.36 -7.35 7.81
N VAL A 248 -28.31 -7.40 6.48
CA VAL A 248 -28.25 -8.68 5.78
C VAL A 248 -26.94 -9.40 6.07
N ARG A 249 -25.84 -8.65 6.20
CA ARG A 249 -24.56 -9.28 6.47
C ARG A 249 -24.54 -9.95 7.83
N GLU A 250 -25.03 -9.25 8.86
CA GLU A 250 -25.01 -9.82 10.20
C GLU A 250 -26.09 -10.90 10.37
N TRP A 251 -27.24 -10.74 9.72
CA TRP A 251 -28.29 -11.76 9.80
C TRP A 251 -27.85 -13.04 9.11
N TYR A 252 -27.23 -12.92 7.93
CA TYR A 252 -26.70 -14.09 7.25
C TYR A 252 -25.56 -14.71 8.04
N ARG A 253 -24.73 -13.88 8.68
CA ARG A 253 -23.63 -14.39 9.50
C ARG A 253 -24.14 -15.25 10.64
N PHE A 254 -25.21 -14.80 11.31
CA PHE A 254 -25.73 -15.54 12.45
C PHE A 254 -26.21 -16.93 12.04
N HIS A 255 -26.97 -17.01 10.95
CA HIS A 255 -27.45 -18.30 10.48
C HIS A 255 -26.32 -19.14 9.88
N TYR A 256 -25.32 -18.47 9.28
CA TYR A 256 -24.18 -19.21 8.74
C TYR A 256 -23.34 -19.84 9.84
N ILE A 257 -23.27 -19.19 11.01
CA ILE A 257 -22.51 -19.74 12.12
C ILE A 257 -23.20 -20.99 12.68
N ASN A 258 -24.53 -20.94 12.79
CA ASN A 258 -25.26 -22.07 13.36
C ASN A 258 -25.13 -23.31 12.47
N ILE A 259 -25.37 -23.17 11.17
CA ILE A 259 -25.27 -24.30 10.26
C ILE A 259 -23.84 -24.74 10.03
N LEU A 260 -22.85 -23.92 10.42
CA LEU A 260 -21.45 -24.32 10.33
C LEU A 260 -21.03 -25.21 11.48
N SER A 261 -21.73 -25.15 12.62
CA SER A 261 -21.44 -26.03 13.74
C SER A 261 -21.95 -27.45 13.53
N ARG A 262 -22.79 -27.66 12.52
CA ARG A 262 -23.34 -28.98 12.24
C ARG A 262 -22.39 -29.86 11.44
N LEU A 263 -21.19 -29.38 11.13
CA LEU A 263 -20.23 -30.18 10.40
C LEU A 263 -19.76 -31.36 11.26
N PRO A 264 -19.45 -32.50 10.64
CA PRO A 264 -18.97 -33.65 11.40
C PRO A 264 -17.63 -33.36 12.05
N GLU A 265 -17.35 -34.10 13.13
CA GLU A 265 -16.11 -33.97 13.87
C GLU A 265 -15.02 -34.90 13.35
N THR A 266 -15.13 -35.36 12.12
CA THR A 266 -14.17 -36.27 11.52
C THR A 266 -13.18 -35.51 10.66
N LEU A 267 -12.01 -36.12 10.46
CA LEU A 267 -10.97 -35.54 9.62
C LEU A 267 -11.31 -35.70 8.14
N PRO A 268 -10.85 -34.78 7.30
CA PRO A 268 -11.16 -34.88 5.87
C PRO A 268 -10.47 -36.09 5.25
N SER A 269 -11.17 -36.70 4.28
CA SER A 269 -10.66 -37.87 3.58
C SER A 269 -10.53 -37.66 2.08
N LEU A 270 -10.81 -36.46 1.58
CA LEU A 270 -10.72 -36.14 0.16
C LEU A 270 -9.63 -35.08 -0.02
N GLU A 271 -8.42 -35.51 -0.36
CA GLU A 271 -7.30 -34.59 -0.51
C GLU A 271 -7.48 -33.78 -1.78
N GLU A 272 -7.84 -32.51 -1.63
CA GLU A 272 -7.99 -31.59 -2.75
C GLU A 272 -6.89 -30.55 -2.72
N ASP A 273 -6.42 -30.16 -3.92
CA ASP A 273 -5.36 -29.16 -4.05
C ASP A 273 -5.96 -27.78 -3.81
N THR A 274 -6.17 -27.46 -2.53
CA THR A 274 -6.73 -26.18 -2.16
C THR A 274 -5.68 -25.10 -1.94
N LEU A 275 -4.42 -25.48 -1.79
CA LEU A 275 -3.35 -24.50 -1.60
C LEU A 275 -2.74 -24.06 -2.93
N GLY A 276 -2.55 -24.97 -3.87
CA GLY A 276 -1.98 -24.61 -5.16
C GLY A 276 -2.87 -23.68 -5.95
N ASN A 277 -4.18 -23.72 -5.72
CA ASN A 277 -5.10 -22.82 -6.40
C ASN A 277 -5.09 -21.42 -5.80
N PHE A 278 -4.58 -21.26 -4.57
CA PHE A 278 -4.54 -19.97 -3.90
C PHE A 278 -3.15 -19.33 -3.96
N ILE A 279 -2.12 -20.06 -3.55
CA ILE A 279 -0.75 -19.55 -3.57
C ILE A 279 -0.12 -19.95 -4.91
N PHE A 280 0.14 -18.96 -5.76
CA PHE A 280 0.74 -19.25 -7.05
C PHE A 280 2.26 -19.40 -6.98
N ALA A 281 2.90 -18.76 -6.00
CA ALA A 281 4.34 -18.82 -5.86
C ALA A 281 4.73 -18.55 -4.41
N CYS A 282 5.72 -19.31 -3.94
CA CYS A 282 6.29 -19.12 -2.61
C CYS A 282 7.80 -19.11 -2.74
N ARG A 283 8.46 -18.10 -2.16
CA ARG A 283 9.91 -18.01 -2.22
C ARG A 283 10.38 -17.15 -1.06
N PHE A 284 11.16 -17.75 -0.16
CA PHE A 284 11.71 -17.05 1.00
C PHE A 284 13.24 -17.11 0.93
N ASN A 285 13.87 -15.94 0.91
CA ASN A 285 15.32 -15.82 0.89
C ASN A 285 15.91 -16.58 -0.30
N GLN A 286 15.33 -16.34 -1.48
CA GLN A 286 15.76 -16.96 -2.73
C GLN A 286 15.67 -18.49 -2.65
N VAL A 287 14.73 -19.00 -1.87
CA VAL A 287 14.49 -20.43 -1.73
C VAL A 287 12.99 -20.67 -1.82
N SER A 288 12.58 -21.55 -2.72
CA SER A 288 11.17 -21.81 -2.92
C SER A 288 10.56 -22.50 -1.70
N CYS A 289 9.39 -22.01 -1.28
CA CYS A 289 8.67 -22.59 -0.16
C CYS A 289 7.31 -23.15 -0.59
N ASN A 290 7.24 -23.67 -1.82
CA ASN A 290 6.00 -24.26 -2.29
C ASN A 290 5.76 -25.62 -1.63
N GLN A 291 6.81 -26.40 -1.44
CA GLN A 291 6.73 -27.69 -0.77
C GLN A 291 7.21 -27.53 0.68
N ALA A 292 6.30 -27.07 1.54
CA ALA A 292 6.61 -26.83 2.93
C ALA A 292 5.42 -27.22 3.78
N ASN A 293 5.72 -27.68 5.00
CA ASN A 293 4.66 -28.07 5.93
C ASN A 293 3.90 -26.86 6.43
N TYR A 294 2.58 -27.01 6.57
CA TYR A 294 1.73 -25.92 7.02
C TYR A 294 0.55 -26.50 7.79
N SER A 295 -0.24 -25.61 8.38
CA SER A 295 -1.45 -25.98 9.10
C SER A 295 -2.64 -25.28 8.46
N HIS A 296 -3.72 -26.02 8.27
CA HIS A 296 -4.91 -25.53 7.60
C HIS A 296 -6.07 -25.46 8.58
N PHE A 297 -6.75 -24.31 8.61
CA PHE A 297 -7.96 -24.15 9.41
C PHE A 297 -8.86 -23.14 8.71
N HIS A 298 -10.16 -23.39 8.77
CA HIS A 298 -11.15 -22.56 8.08
C HIS A 298 -11.75 -21.56 9.06
N HIS A 299 -11.53 -20.27 8.79
CA HIS A 299 -12.12 -19.23 9.61
C HIS A 299 -13.57 -19.00 9.19
N PRO A 300 -14.47 -18.72 10.13
CA PRO A 300 -15.88 -18.49 9.74
C PRO A 300 -16.08 -17.30 8.82
N MET A 301 -15.59 -16.12 9.21
CA MET A 301 -15.82 -14.93 8.40
C MET A 301 -14.95 -14.92 7.15
N TYR A 302 -13.70 -15.33 7.29
CA TYR A 302 -12.78 -15.37 6.15
C TYR A 302 -12.84 -16.75 5.50
N GLY A 303 -11.89 -17.04 4.63
CA GLY A 303 -11.82 -18.31 3.94
C GLY A 303 -10.83 -19.26 4.58
N ASN A 304 -10.28 -20.14 3.74
CA ASN A 304 -9.28 -21.08 4.23
C ASN A 304 -7.98 -20.36 4.58
N CYS A 305 -7.39 -20.73 5.70
CA CYS A 305 -6.17 -20.13 6.19
C CYS A 305 -5.03 -21.13 6.12
N TYR A 306 -3.82 -20.64 5.88
CA TYR A 306 -2.62 -21.47 5.80
C TYR A 306 -1.50 -20.78 6.54
N THR A 307 -1.03 -21.40 7.61
CA THR A 307 0.04 -20.84 8.43
C THR A 307 1.36 -21.51 8.09
N PHE A 308 2.33 -20.72 7.65
CA PHE A 308 3.65 -21.21 7.30
C PHE A 308 4.65 -20.82 8.39
N ASN A 309 5.75 -21.58 8.46
CA ASN A 309 6.81 -21.36 9.44
C ASN A 309 6.24 -21.42 10.87
N ASP A 310 5.48 -22.47 11.14
CA ASP A 310 4.87 -22.68 12.44
C ASP A 310 5.86 -23.42 13.35
N LYS A 311 5.45 -23.63 14.61
CA LYS A 311 6.30 -24.34 15.56
C LYS A 311 6.49 -25.79 15.15
N ASN A 312 5.49 -26.40 14.50
CA ASN A 312 5.58 -27.80 14.09
C ASN A 312 6.53 -28.01 12.92
N ASN A 313 7.06 -26.95 12.33
CA ASN A 313 7.98 -27.07 11.21
C ASN A 313 9.42 -27.07 11.73
N SER A 314 10.15 -28.13 11.42
CA SER A 314 11.54 -28.23 11.88
C SER A 314 12.42 -27.19 11.19
N ASN A 315 12.27 -27.04 9.88
CA ASN A 315 13.03 -26.05 9.11
C ASN A 315 12.49 -24.66 9.44
N LEU A 316 13.22 -23.92 10.27
CA LEU A 316 12.82 -22.59 10.69
C LEU A 316 13.38 -21.56 9.73
N TRP A 317 12.52 -20.65 9.26
CA TRP A 317 12.94 -19.61 8.34
C TRP A 317 13.82 -18.60 9.07
N MET A 318 15.07 -18.48 8.63
CA MET A 318 16.04 -17.58 9.23
C MET A 318 16.31 -16.43 8.26
N SER A 319 16.09 -15.20 8.72
CA SER A 319 16.35 -14.01 7.91
C SER A 319 17.79 -13.57 8.14
N SER A 320 18.63 -13.76 7.12
CA SER A 320 20.04 -13.41 7.25
C SER A 320 20.24 -11.89 7.23
N MET A 321 19.81 -11.24 6.15
CA MET A 321 19.97 -9.81 5.99
C MET A 321 18.62 -9.16 5.73
N PRO A 322 18.43 -7.93 6.21
CA PRO A 322 17.16 -7.25 5.95
C PRO A 322 17.06 -6.75 4.52
N GLY A 323 15.83 -6.69 4.03
CA GLY A 323 15.58 -6.24 2.67
C GLY A 323 14.55 -7.08 1.94
N ILE A 324 14.09 -6.59 0.79
CA ILE A 324 13.06 -7.30 0.04
C ILE A 324 13.62 -8.57 -0.59
N ASN A 325 14.91 -8.56 -0.98
CA ASN A 325 15.49 -9.71 -1.65
C ASN A 325 15.63 -10.91 -0.71
N ASN A 326 15.86 -10.66 0.57
CA ASN A 326 16.05 -11.72 1.56
C ASN A 326 14.84 -11.90 2.46
N GLY A 327 13.64 -11.73 1.91
CA GLY A 327 12.42 -11.88 2.67
C GLY A 327 11.42 -12.80 1.97
N LEU A 328 10.26 -12.93 2.59
CA LEU A 328 9.21 -13.78 2.04
C LEU A 328 8.54 -13.10 0.86
N SER A 329 8.33 -13.87 -0.21
CA SER A 329 7.68 -13.38 -1.42
C SER A 329 6.51 -14.29 -1.74
N LEU A 330 5.30 -13.73 -1.71
CA LEU A 330 4.07 -14.49 -1.93
C LEU A 330 3.33 -13.92 -3.13
N MET A 331 2.49 -14.78 -3.72
CA MET A 331 1.63 -14.39 -4.85
C MET A 331 0.30 -15.11 -4.67
N LEU A 332 -0.65 -14.43 -4.04
CA LEU A 332 -1.94 -15.02 -3.74
C LEU A 332 -2.93 -14.77 -4.86
N ARG A 333 -4.06 -15.48 -4.80
CA ARG A 333 -5.14 -15.34 -5.76
C ARG A 333 -6.35 -14.74 -5.05
N ALA A 334 -6.80 -13.57 -5.49
CA ALA A 334 -7.97 -12.90 -4.93
C ALA A 334 -9.16 -13.24 -5.81
N GLU A 335 -9.95 -14.23 -5.38
CA GLU A 335 -11.12 -14.65 -6.15
C GLU A 335 -12.15 -13.54 -6.19
N GLN A 336 -12.46 -13.08 -7.41
CA GLN A 336 -13.43 -12.01 -7.58
C GLN A 336 -14.85 -12.47 -7.26
N ASN A 337 -15.21 -13.68 -7.71
CA ASN A 337 -16.53 -14.25 -7.46
C ASN A 337 -16.44 -15.14 -6.23
N ASP A 338 -16.86 -14.61 -5.09
CA ASP A 338 -16.80 -15.37 -3.85
C ASP A 338 -17.85 -16.47 -3.83
N PHE A 339 -17.61 -17.48 -3.00
CA PHE A 339 -18.57 -18.57 -2.86
C PHE A 339 -19.88 -18.08 -2.28
N ILE A 340 -19.81 -17.20 -1.28
CA ILE A 340 -21.00 -16.66 -0.63
C ILE A 340 -21.02 -15.15 -0.82
N PRO A 341 -21.72 -14.64 -1.83
CA PRO A 341 -21.75 -13.17 -2.03
C PRO A 341 -22.51 -12.44 -0.95
N LEU A 342 -23.48 -13.08 -0.29
CA LEU A 342 -24.25 -12.43 0.74
C LEU A 342 -23.46 -12.23 2.03
N LEU A 343 -22.35 -12.94 2.20
CA LEU A 343 -21.51 -12.81 3.38
C LEU A 343 -20.12 -12.29 3.04
N SER A 344 -19.47 -12.88 2.04
CA SER A 344 -18.14 -12.43 1.62
C SER A 344 -18.32 -11.25 0.66
N THR A 345 -18.08 -10.04 1.17
CA THR A 345 -18.22 -8.81 0.41
C THR A 345 -16.91 -8.05 0.35
N VAL A 346 -15.81 -8.76 0.08
CA VAL A 346 -14.50 -8.13 -0.04
C VAL A 346 -13.59 -9.07 -0.84
N THR A 347 -12.80 -8.49 -1.72
CA THR A 347 -11.84 -9.23 -2.53
C THR A 347 -10.43 -8.92 -2.07
N GLY A 348 -9.57 -9.93 -2.07
CA GLY A 348 -8.20 -9.78 -1.65
C GLY A 348 -7.71 -10.92 -0.79
N ALA A 349 -6.85 -10.63 0.18
CA ALA A 349 -6.34 -11.64 1.08
C ALA A 349 -5.83 -10.95 2.34
N ARG A 350 -5.68 -11.75 3.40
CA ARG A 350 -5.16 -11.26 4.68
C ARG A 350 -3.90 -12.02 5.04
N VAL A 351 -2.94 -11.31 5.64
CA VAL A 351 -1.69 -11.89 6.08
C VAL A 351 -1.42 -11.41 7.50
N MET A 352 -1.15 -12.35 8.40
CA MET A 352 -0.86 -12.03 9.79
C MET A 352 0.46 -12.68 10.18
N VAL A 353 1.36 -11.88 10.76
CA VAL A 353 2.64 -12.36 11.27
C VAL A 353 2.55 -12.40 12.79
N HIS A 354 2.85 -13.56 13.36
CA HIS A 354 2.79 -13.76 14.80
C HIS A 354 3.94 -14.67 15.22
N GLY A 355 4.02 -14.95 16.52
CA GLY A 355 5.08 -15.76 17.05
C GLY A 355 5.06 -17.18 16.50
N GLN A 356 6.15 -17.90 16.78
CA GLN A 356 6.27 -19.27 16.31
C GLN A 356 5.21 -20.17 16.96
N ASP A 357 4.86 -19.89 18.21
CA ASP A 357 3.89 -20.69 18.93
C ASP A 357 2.53 -20.00 19.08
N GLU A 358 2.50 -18.66 19.03
CA GLU A 358 1.27 -17.93 19.21
C GLU A 358 0.25 -18.29 18.13
N PRO A 359 -1.03 -18.26 18.46
CA PRO A 359 -2.07 -18.59 17.46
C PRO A 359 -2.28 -17.43 16.49
N ALA A 360 -3.24 -17.62 15.59
CA ALA A 360 -3.55 -16.67 14.54
C ALA A 360 -4.88 -16.00 14.85
N PHE A 361 -4.83 -14.72 15.23
CA PHE A 361 -6.01 -13.91 15.49
C PHE A 361 -6.18 -12.97 14.30
N MET A 362 -6.92 -13.42 13.28
CA MET A 362 -7.03 -12.64 12.05
C MET A 362 -7.80 -11.35 12.26
N ASP A 363 -8.70 -11.31 13.25
CA ASP A 363 -9.42 -10.07 13.53
C ASP A 363 -8.55 -9.05 14.25
N ASP A 364 -7.60 -9.52 15.07
CA ASP A 364 -6.77 -8.61 15.87
C ASP A 364 -5.63 -8.04 15.04
N GLY A 365 -4.78 -8.89 14.50
CA GLY A 365 -3.60 -8.43 13.79
C GLY A 365 -3.58 -8.81 12.31
N GLY A 366 -4.72 -8.74 11.65
CA GLY A 366 -4.81 -9.04 10.25
C GLY A 366 -4.48 -7.84 9.37
N PHE A 367 -3.89 -8.12 8.21
CA PHE A 367 -3.48 -7.08 7.27
C PHE A 367 -4.05 -7.42 5.91
N ASN A 368 -4.99 -6.61 5.43
CA ASN A 368 -5.64 -6.85 4.16
C ASN A 368 -4.69 -6.56 3.00
N LEU A 369 -5.07 -7.02 1.81
CA LEU A 369 -4.26 -6.89 0.61
C LEU A 369 -5.16 -6.53 -0.57
N ARG A 370 -4.69 -5.58 -1.38
CA ARG A 370 -5.56 -5.27 -2.51
C ARG A 370 -5.21 -6.15 -3.71
N PRO A 371 -6.21 -6.58 -4.47
CA PRO A 371 -5.95 -7.41 -5.66
C PRO A 371 -5.29 -6.57 -6.76
N GLY A 372 -4.15 -7.06 -7.25
CA GLY A 372 -3.48 -6.43 -8.37
C GLY A 372 -2.42 -5.40 -8.02
N VAL A 373 -1.91 -5.42 -6.79
CA VAL A 373 -0.83 -4.52 -6.39
C VAL A 373 0.19 -5.31 -5.59
N GLU A 374 1.46 -4.91 -5.71
CA GLU A 374 2.52 -5.52 -4.93
C GLU A 374 2.65 -4.79 -3.60
N THR A 375 2.44 -5.52 -2.50
CA THR A 375 2.42 -4.95 -1.15
C THR A 375 3.68 -5.41 -0.41
N SER A 376 4.66 -4.52 -0.32
CA SER A 376 5.90 -4.81 0.42
C SER A 376 5.69 -4.41 1.88
N ILE A 377 5.51 -5.42 2.74
CA ILE A 377 5.21 -5.21 4.15
C ILE A 377 6.52 -5.23 4.93
N SER A 378 6.83 -4.12 5.59
CA SER A 378 8.02 -4.03 6.43
C SER A 378 7.66 -4.32 7.88
N MET A 379 8.38 -5.26 8.49
CA MET A 379 8.11 -5.67 9.86
C MET A 379 9.15 -5.06 10.79
N ARG A 380 8.67 -4.46 11.88
CA ARG A 380 9.52 -3.94 12.93
C ARG A 380 9.20 -4.69 14.22
N LYS A 381 10.15 -5.50 14.68
CA LYS A 381 9.96 -6.31 15.87
C LYS A 381 10.21 -5.49 17.12
N GLU A 382 9.23 -5.49 18.03
CA GLU A 382 9.31 -4.73 19.28
C GLU A 382 8.95 -5.67 20.43
N THR A 383 9.91 -5.91 21.32
CA THR A 383 9.72 -6.79 22.46
C THR A 383 9.89 -6.02 23.76
N LEU A 384 9.18 -6.47 24.79
CA LEU A 384 9.23 -5.86 26.11
C LEU A 384 9.37 -6.97 27.15
N ASP A 385 10.43 -6.90 27.95
CA ASP A 385 10.69 -7.88 29.00
C ASP A 385 10.65 -7.19 30.36
N ARG A 386 9.91 -7.78 31.29
CA ARG A 386 9.78 -7.23 32.64
C ARG A 386 9.79 -8.37 33.65
N LEU A 387 10.12 -8.02 34.89
CA LEU A 387 10.20 -9.00 35.96
C LEU A 387 8.81 -9.26 36.56
N GLY A 388 8.67 -10.42 37.17
CA GLY A 388 7.41 -10.80 37.79
C GLY A 388 7.53 -11.12 39.26
N GLY A 389 6.39 -11.14 39.96
CA GLY A 389 6.39 -11.44 41.38
C GLY A 389 6.28 -10.20 42.24
N ASP A 390 7.39 -9.82 42.88
CA ASP A 390 7.39 -8.62 43.72
C ASP A 390 7.54 -7.36 42.90
N TYR A 391 8.34 -7.41 41.83
CA TYR A 391 8.53 -6.23 40.99
C TYR A 391 7.27 -5.92 40.17
N GLY A 392 6.62 -6.95 39.64
CA GLY A 392 5.42 -6.77 38.85
C GLY A 392 4.50 -7.96 38.97
N ASP A 393 3.30 -7.81 38.44
CA ASP A 393 2.28 -8.85 38.48
C ASP A 393 2.25 -9.69 37.21
N CYS A 394 3.25 -9.56 36.34
CA CYS A 394 3.28 -10.36 35.12
C CYS A 394 3.59 -11.82 35.44
N THR A 395 3.16 -12.70 34.54
CA THR A 395 3.39 -14.13 34.68
C THR A 395 4.08 -14.65 33.44
N LYS A 396 5.06 -15.54 33.63
CA LYS A 396 5.80 -16.16 32.55
C LYS A 396 5.29 -17.55 32.22
N ASN A 397 4.06 -17.87 32.62
CA ASN A 397 3.48 -19.19 32.41
C ASN A 397 1.97 -19.07 32.58
N GLY A 398 1.29 -20.21 32.49
CA GLY A 398 -0.14 -20.27 32.69
C GLY A 398 -0.57 -20.89 34.01
N SER A 399 0.38 -21.28 34.86
CA SER A 399 0.03 -21.89 36.14
C SER A 399 -0.48 -20.86 37.13
N ASP A 400 0.04 -19.63 37.07
CA ASP A 400 -0.39 -18.59 38.00
C ASP A 400 -1.83 -18.16 37.73
N VAL A 401 -2.26 -18.22 36.47
CA VAL A 401 -3.61 -17.82 36.09
C VAL A 401 -4.54 -19.02 36.22
N PRO A 402 -5.66 -18.91 36.95
CA PRO A 402 -6.58 -20.04 37.08
C PRO A 402 -7.37 -20.35 35.81
N VAL A 403 -7.32 -19.47 34.81
CA VAL A 403 -8.05 -19.72 33.57
C VAL A 403 -7.38 -20.84 32.79
N GLU A 404 -8.17 -21.80 32.33
CA GLU A 404 -7.66 -22.92 31.56
C GLU A 404 -7.38 -22.47 30.12
N ASN A 405 -6.15 -22.71 29.65
CA ASN A 405 -5.76 -22.31 28.30
C ASN A 405 -6.38 -23.29 27.29
N LEU A 406 -7.30 -22.79 26.48
CA LEU A 406 -7.95 -23.62 25.47
C LEU A 406 -7.17 -23.65 24.16
N TYR A 407 -6.38 -22.62 23.88
CA TYR A 407 -5.58 -22.61 22.66
C TYR A 407 -4.37 -23.52 22.83
N PRO A 408 -3.98 -24.26 21.79
CA PRO A 408 -2.76 -25.08 21.85
C PRO A 408 -1.51 -24.25 21.62
N SER A 409 -1.30 -23.25 22.48
CA SER A 409 -0.20 -22.31 22.33
C SER A 409 0.26 -21.88 23.71
N LYS A 410 1.20 -20.94 23.74
CA LYS A 410 1.71 -20.41 25.00
C LYS A 410 0.71 -19.42 25.60
N TYR A 411 1.05 -18.88 26.76
CA TYR A 411 0.18 -17.92 27.43
C TYR A 411 0.34 -16.53 26.82
N THR A 412 -0.79 -15.87 26.58
CA THR A 412 -0.80 -14.52 26.05
C THR A 412 -1.99 -13.77 26.63
N GLN A 413 -1.98 -12.45 26.48
CA GLN A 413 -3.07 -11.62 26.99
C GLN A 413 -4.39 -11.99 26.35
N GLN A 414 -4.45 -11.97 25.02
CA GLN A 414 -5.71 -12.26 24.32
C GLN A 414 -6.03 -13.74 24.33
N VAL A 415 -5.03 -14.60 24.43
CA VAL A 415 -5.28 -16.05 24.49
C VAL A 415 -6.04 -16.39 25.76
N CYS A 416 -5.64 -15.80 26.88
CA CYS A 416 -6.34 -16.04 28.13
C CYS A 416 -7.72 -15.39 28.14
N ILE A 417 -7.84 -14.21 27.54
CA ILE A 417 -9.13 -13.51 27.50
C ILE A 417 -10.14 -14.31 26.68
N HIS A 418 -9.73 -14.80 25.52
CA HIS A 418 -10.62 -15.62 24.71
C HIS A 418 -10.96 -16.93 25.42
N SER A 419 -10.01 -17.47 26.18
CA SER A 419 -10.27 -18.70 26.93
C SER A 419 -11.18 -18.42 28.13
N CYS A 420 -10.98 -17.28 28.80
CA CYS A 420 -11.82 -16.95 29.94
C CYS A 420 -13.23 -16.60 29.51
N PHE A 421 -13.38 -15.97 28.34
CA PHE A 421 -14.71 -15.68 27.82
C PHE A 421 -15.41 -16.95 27.34
N GLN A 422 -14.65 -17.91 26.83
CA GLN A 422 -15.25 -19.15 26.35
C GLN A 422 -15.80 -19.98 27.50
N GLU A 423 -15.11 -19.98 28.64
CA GLU A 423 -15.60 -20.71 29.80
C GLU A 423 -16.90 -20.11 30.31
N SER A 424 -16.99 -18.78 30.33
CA SER A 424 -18.24 -18.12 30.72
C SER A 424 -19.34 -18.37 29.68
N MET A 425 -18.96 -18.56 28.42
CA MET A 425 -19.94 -18.86 27.38
C MET A 425 -20.52 -20.25 27.56
N ILE A 426 -19.73 -21.19 28.06
CA ILE A 426 -20.20 -22.56 28.23
C ILE A 426 -21.06 -22.69 29.49
N LYS A 427 -20.65 -22.03 30.58
CA LYS A 427 -21.40 -22.15 31.83
C LYS A 427 -22.76 -21.50 31.74
N GLU A 428 -22.83 -20.30 31.15
CA GLU A 428 -24.09 -19.57 31.10
C GLU A 428 -24.97 -20.03 29.94
N CYS A 429 -24.47 -19.93 28.72
CA CYS A 429 -25.29 -20.23 27.54
C CYS A 429 -25.36 -21.71 27.21
N GLY A 430 -24.47 -22.52 27.79
CA GLY A 430 -24.51 -23.95 27.57
C GLY A 430 -23.81 -24.44 26.32
N CYS A 431 -23.35 -23.54 25.45
CA CYS A 431 -22.71 -23.93 24.22
C CYS A 431 -21.48 -23.07 23.99
N ALA A 432 -20.49 -23.65 23.31
CA ALA A 432 -19.23 -22.97 23.04
C ALA A 432 -19.33 -22.13 21.77
N TYR A 433 -18.59 -21.03 21.75
CA TYR A 433 -18.57 -20.15 20.59
C TYR A 433 -17.65 -20.71 19.51
N ILE A 434 -18.02 -20.46 18.25
CA ILE A 434 -17.28 -21.07 17.14
C ILE A 434 -15.95 -20.37 16.92
N PHE A 435 -15.94 -19.03 16.97
CA PHE A 435 -14.71 -18.29 16.74
C PHE A 435 -13.63 -18.57 17.77
N TYR A 436 -13.95 -19.26 18.85
CA TYR A 436 -13.01 -19.62 19.90
C TYR A 436 -12.93 -21.14 20.01
N PRO A 437 -11.79 -21.68 20.44
CA PRO A 437 -11.67 -23.13 20.58
C PRO A 437 -12.58 -23.67 21.68
N ARG A 438 -12.88 -24.96 21.59
CA ARG A 438 -13.77 -25.64 22.50
C ARG A 438 -13.07 -26.83 23.14
N PRO A 439 -13.50 -27.26 24.33
CA PRO A 439 -12.94 -28.47 24.93
C PRO A 439 -13.40 -29.73 24.21
N GLN A 440 -12.98 -30.90 24.70
CA GLN A 440 -13.27 -32.15 24.02
C GLN A 440 -14.72 -32.60 24.19
N ASN A 441 -15.44 -32.04 25.17
CA ASN A 441 -16.80 -32.47 25.46
C ASN A 441 -17.86 -31.46 25.01
N VAL A 442 -17.62 -30.17 25.22
CA VAL A 442 -18.63 -29.17 24.89
C VAL A 442 -18.66 -28.96 23.37
N GLU A 443 -19.87 -28.82 22.84
CA GLU A 443 -20.09 -28.60 21.42
C GLU A 443 -20.40 -27.14 21.14
N TYR A 444 -20.36 -26.77 19.86
CA TYR A 444 -20.61 -25.40 19.45
C TYR A 444 -22.10 -25.08 19.58
N CYS A 445 -22.44 -23.83 19.26
CA CYS A 445 -23.80 -23.33 19.40
C CYS A 445 -24.61 -23.59 18.13
N ASP A 446 -25.93 -23.77 18.32
CA ASP A 446 -26.84 -24.00 17.22
C ASP A 446 -28.26 -23.79 17.73
N TYR A 447 -29.07 -23.07 16.97
CA TYR A 447 -30.42 -22.73 17.43
C TYR A 447 -31.35 -23.94 17.51
N ARG A 448 -30.98 -25.06 16.90
CA ARG A 448 -31.82 -26.26 17.02
C ARG A 448 -31.58 -26.97 18.35
N LYS A 449 -30.32 -27.13 18.74
CA LYS A 449 -30.02 -27.75 20.03
C LYS A 449 -30.34 -26.81 21.18
N HIS A 450 -29.84 -25.58 21.12
CA HIS A 450 -30.08 -24.58 22.15
C HIS A 450 -31.12 -23.60 21.62
N SER A 451 -32.26 -23.50 22.32
CA SER A 451 -33.37 -22.70 21.82
C SER A 451 -33.00 -21.23 21.66
N SER A 452 -32.12 -20.71 22.52
CA SER A 452 -31.74 -19.30 22.46
C SER A 452 -30.31 -19.17 22.95
N TRP A 453 -29.39 -18.89 22.04
CA TRP A 453 -28.00 -18.62 22.38
C TRP A 453 -27.50 -17.27 21.91
N GLY A 454 -28.18 -16.63 20.96
CA GLY A 454 -27.78 -15.30 20.55
C GLY A 454 -28.13 -14.25 21.60
N TYR A 455 -29.27 -14.42 22.26
CA TYR A 455 -29.63 -13.52 23.36
C TYR A 455 -28.67 -13.69 24.52
N CYS A 456 -28.30 -14.93 24.85
CA CYS A 456 -27.35 -15.16 25.92
C CYS A 456 -25.96 -14.66 25.57
N TYR A 457 -25.60 -14.68 24.28
CA TYR A 457 -24.29 -14.17 23.88
C TYR A 457 -24.27 -12.64 23.90
N TYR A 458 -25.36 -12.00 23.49
CA TYR A 458 -25.40 -10.54 23.49
C TYR A 458 -25.33 -9.98 24.91
N LYS A 459 -26.11 -10.56 25.82
CA LYS A 459 -26.07 -10.12 27.22
C LYS A 459 -24.74 -10.47 27.87
N LEU A 460 -24.04 -11.49 27.36
CA LEU A 460 -22.75 -11.84 27.91
C LEU A 460 -21.70 -10.81 27.55
N GLN A 461 -21.77 -10.25 26.33
CA GLN A 461 -20.84 -9.21 25.93
C GLN A 461 -21.02 -7.95 26.76
N VAL A 462 -22.27 -7.67 27.18
CA VAL A 462 -22.51 -6.50 28.04
C VAL A 462 -21.84 -6.68 29.38
N ASP A 463 -21.94 -7.88 29.97
CA ASP A 463 -21.25 -8.14 31.23
C ASP A 463 -19.75 -8.26 31.04
N PHE A 464 -19.30 -8.73 29.87
CA PHE A 464 -17.86 -8.86 29.62
C PHE A 464 -17.22 -7.50 29.41
N SER A 465 -17.90 -6.60 28.70
CA SER A 465 -17.35 -5.27 28.45
C SER A 465 -17.34 -4.40 29.71
N SER A 466 -18.19 -4.70 30.68
CA SER A 466 -18.24 -3.95 31.93
C SER A 466 -17.36 -4.57 33.01
N ASP A 467 -16.51 -5.54 32.65
CA ASP A 467 -15.63 -6.21 33.60
C ASP A 467 -16.40 -6.85 34.75
N HIS A 468 -17.51 -7.51 34.41
CA HIS A 468 -18.29 -8.23 35.41
C HIS A 468 -17.86 -9.68 35.54
N LEU A 469 -17.40 -10.30 34.46
CA LEU A 469 -16.90 -11.67 34.53
C LEU A 469 -15.53 -11.75 35.20
N GLY A 470 -14.76 -10.66 35.17
CA GLY A 470 -13.45 -10.67 35.79
C GLY A 470 -12.35 -11.24 34.94
N CYS A 471 -12.55 -11.36 33.62
CA CYS A 471 -11.52 -11.94 32.77
C CYS A 471 -10.32 -11.02 32.64
N PHE A 472 -10.52 -9.71 32.76
CA PHE A 472 -9.40 -8.77 32.67
C PHE A 472 -8.56 -8.78 33.94
N THR A 473 -9.16 -9.09 35.09
CA THR A 473 -8.41 -9.14 36.34
C THR A 473 -7.71 -10.50 36.52
N LYS A 474 -8.37 -11.58 36.09
CA LYS A 474 -7.77 -12.90 36.25
C LYS A 474 -6.62 -13.11 35.28
N CYS A 475 -6.80 -12.70 34.02
CA CYS A 475 -5.77 -12.88 32.99
C CYS A 475 -4.69 -11.83 33.18
N ARG A 476 -3.55 -12.24 33.74
CA ARG A 476 -2.43 -11.34 33.90
C ARG A 476 -1.73 -11.09 32.56
N LYS A 477 -0.78 -10.18 32.58
CA LYS A 477 -0.06 -9.90 31.34
C LYS A 477 1.22 -10.74 31.28
N PRO A 478 1.59 -11.23 30.09
CA PRO A 478 2.84 -11.99 29.97
C PRO A 478 4.05 -11.08 30.16
N CYS A 479 5.08 -11.62 30.80
CA CYS A 479 6.29 -10.83 31.05
C CYS A 479 7.04 -10.54 29.77
N SER A 480 6.91 -11.40 28.75
CA SER A 480 7.55 -11.22 27.46
C SER A 480 6.48 -10.87 26.44
N VAL A 481 6.46 -9.62 26.00
CA VAL A 481 5.47 -9.11 25.05
C VAL A 481 6.18 -8.73 23.77
N THR A 482 5.90 -9.46 22.69
CA THR A 482 6.49 -9.22 21.39
C THR A 482 5.43 -8.71 20.42
N SER A 483 5.77 -7.67 19.66
CA SER A 483 4.84 -7.07 18.72
C SER A 483 5.53 -6.88 17.38
N TYR A 484 4.73 -6.76 16.33
CA TYR A 484 5.21 -6.57 14.96
C TYR A 484 4.46 -5.42 14.33
N GLN A 485 5.16 -4.32 14.08
CA GLN A 485 4.59 -3.18 13.39
C GLN A 485 4.74 -3.38 11.89
N LEU A 486 3.64 -3.20 11.15
CA LEU A 486 3.60 -3.46 9.72
C LEU A 486 3.50 -2.15 8.96
N SER A 487 4.44 -1.91 8.05
CA SER A 487 4.42 -0.75 7.16
C SER A 487 4.51 -1.24 5.72
N ALA A 488 3.52 -0.88 4.91
CA ALA A 488 3.38 -1.40 3.57
C ALA A 488 3.69 -0.33 2.53
N GLY A 489 4.28 -0.77 1.41
CA GLY A 489 4.50 0.09 0.27
C GLY A 489 3.87 -0.51 -0.98
N TYR A 490 2.87 0.18 -1.54
CA TYR A 490 2.06 -0.36 -2.60
C TYR A 490 2.57 0.08 -3.97
N SER A 491 2.30 -0.75 -4.97
CA SER A 491 2.65 -0.47 -6.36
C SER A 491 1.93 -1.48 -7.24
N ARG A 492 1.42 -1.01 -8.37
CA ARG A 492 0.67 -1.87 -9.29
C ARG A 492 1.59 -2.97 -9.82
N TRP A 493 1.27 -4.22 -9.49
CA TRP A 493 2.12 -5.36 -9.84
C TRP A 493 2.06 -5.68 -11.33
N PRO A 494 0.88 -5.78 -11.97
CA PRO A 494 0.88 -6.03 -13.41
C PRO A 494 1.27 -4.80 -14.22
N SER A 495 2.48 -4.81 -14.78
CA SER A 495 2.92 -3.70 -15.61
C SER A 495 2.39 -3.85 -17.03
N VAL A 496 2.09 -2.72 -17.66
CA VAL A 496 1.50 -2.74 -19.00
C VAL A 496 2.43 -3.39 -20.01
N THR A 497 3.74 -3.40 -19.72
CA THR A 497 4.71 -4.03 -20.60
C THR A 497 4.96 -5.49 -20.26
N SER A 498 4.39 -5.99 -19.16
CA SER A 498 4.59 -7.37 -18.75
C SER A 498 3.29 -8.16 -18.59
N GLN A 499 2.13 -7.52 -18.77
CA GLN A 499 0.88 -8.25 -18.65
C GLN A 499 0.73 -9.32 -19.73
N GLU A 500 1.51 -9.22 -20.81
CA GLU A 500 1.41 -10.19 -21.88
C GLU A 500 1.91 -11.56 -21.43
N TRP A 501 3.15 -11.63 -20.93
CA TRP A 501 3.74 -12.91 -20.58
C TRP A 501 3.44 -13.33 -19.14
N VAL A 502 3.14 -12.38 -18.25
CA VAL A 502 2.85 -12.76 -16.86
C VAL A 502 1.47 -13.39 -16.76
N PHE A 503 0.45 -12.74 -17.31
CA PHE A 503 -0.90 -13.29 -17.27
C PHE A 503 -1.00 -14.58 -18.07
N GLN A 504 -0.22 -14.69 -19.15
CA GLN A 504 -0.22 -15.93 -19.93
C GLN A 504 0.49 -17.06 -19.20
N MET A 505 1.50 -16.72 -18.38
CA MET A 505 2.18 -17.74 -17.60
C MET A 505 1.26 -18.36 -16.55
N LEU A 506 0.46 -17.52 -15.89
CA LEU A 506 -0.48 -18.03 -14.90
C LEU A 506 -1.57 -18.88 -15.54
N SER A 507 -1.92 -18.58 -16.81
CA SER A 507 -2.94 -19.37 -17.49
C SER A 507 -2.42 -20.74 -17.89
N ARG A 508 -1.11 -20.87 -18.09
CA ARG A 508 -0.52 -22.15 -18.48
C ARG A 508 -0.23 -23.04 -17.28
N GLN A 509 0.25 -22.47 -16.18
CA GLN A 509 0.62 -23.25 -15.01
C GLN A 509 -0.54 -23.39 -14.02
N ASN A 510 -1.17 -22.28 -13.66
CA ASN A 510 -2.20 -22.27 -12.63
C ASN A 510 -3.61 -22.23 -13.21
N ASN A 511 -3.76 -22.18 -14.53
CA ASN A 511 -5.06 -22.14 -15.19
C ASN A 511 -5.91 -20.98 -14.67
N TYR A 512 -5.29 -19.81 -14.58
CA TYR A 512 -5.95 -18.60 -14.08
C TYR A 512 -6.61 -17.89 -15.25
N THR A 513 -7.94 -17.83 -15.25
CA THR A 513 -8.68 -17.14 -16.29
C THR A 513 -8.48 -15.64 -16.13
N VAL A 514 -7.79 -15.01 -17.08
CA VAL A 514 -7.51 -13.59 -16.99
C VAL A 514 -8.78 -12.79 -17.25
N ASN A 515 -9.00 -11.77 -16.42
CA ASN A 515 -10.16 -10.90 -16.53
C ASN A 515 -9.67 -9.49 -16.84
N ASN A 516 -10.14 -8.92 -17.95
CA ASN A 516 -9.73 -7.58 -18.34
C ASN A 516 -10.33 -6.51 -17.46
N LYS A 517 -11.40 -6.81 -16.73
CA LYS A 517 -12.04 -5.81 -15.89
C LYS A 517 -11.26 -5.58 -14.60
N ARG A 518 -11.03 -6.64 -13.84
CA ARG A 518 -10.32 -6.57 -12.56
C ARG A 518 -9.08 -7.44 -12.60
N ASN A 519 -8.09 -7.06 -11.80
CA ASN A 519 -6.78 -7.72 -11.86
C ASN A 519 -6.84 -9.12 -11.29
N GLY A 520 -7.24 -9.26 -10.03
CA GLY A 520 -7.26 -10.56 -9.39
C GLY A 520 -6.01 -10.87 -8.58
N VAL A 521 -5.07 -11.59 -9.20
CA VAL A 521 -3.83 -12.01 -8.55
C VAL A 521 -3.12 -10.82 -7.91
N ALA A 522 -2.55 -11.04 -6.72
CA ALA A 522 -1.86 -10.00 -5.98
C ALA A 522 -0.56 -10.57 -5.42
N LYS A 523 0.50 -9.76 -5.48
CA LYS A 523 1.82 -10.15 -4.99
C LYS A 523 2.10 -9.47 -3.64
N VAL A 524 2.75 -10.21 -2.75
CA VAL A 524 3.05 -9.73 -1.41
C VAL A 524 4.52 -10.00 -1.09
N ASN A 525 5.16 -9.03 -0.47
CA ASN A 525 6.56 -9.17 -0.04
C ASN A 525 6.63 -8.82 1.44
N ILE A 526 7.15 -9.74 2.24
CA ILE A 526 7.31 -9.56 3.68
C ILE A 526 8.78 -9.65 4.03
N PHE A 527 9.23 -8.73 4.88
CA PHE A 527 10.64 -8.66 5.25
C PHE A 527 10.77 -7.81 6.50
N PHE A 528 11.99 -7.77 7.04
CA PHE A 528 12.31 -6.95 8.21
C PHE A 528 12.90 -5.63 7.75
N LYS A 529 12.46 -4.53 8.36
CA LYS A 529 12.99 -3.23 8.01
C LYS A 529 14.40 -3.04 8.56
N GLU A 530 14.61 -3.38 9.83
CA GLU A 530 15.90 -3.24 10.49
C GLU A 530 16.31 -4.57 11.09
N LEU A 531 17.62 -4.83 11.05
CA LEU A 531 18.16 -6.05 11.63
C LEU A 531 18.25 -6.00 13.16
N ASN A 532 18.41 -4.80 13.73
CA ASN A 532 18.54 -4.62 15.17
C ASN A 532 17.18 -4.20 15.71
N TYR A 533 16.38 -5.19 16.11
CA TYR A 533 15.08 -4.91 16.68
C TYR A 533 15.22 -4.38 18.10
N LYS A 534 14.37 -3.42 18.46
CA LYS A 534 14.44 -2.80 19.77
C LYS A 534 13.97 -3.75 20.85
N THR A 535 14.75 -3.85 21.93
CA THR A 535 14.45 -4.71 23.05
C THR A 535 14.39 -3.87 24.31
N ASN A 536 13.21 -3.80 24.93
CA ASN A 536 12.99 -3.04 26.14
C ASN A 536 12.96 -4.00 27.32
N SER A 537 13.99 -3.95 28.17
CA SER A 537 14.10 -4.81 29.33
C SER A 537 14.16 -3.98 30.59
N GLU A 538 13.47 -4.43 31.63
CA GLU A 538 13.46 -3.76 32.92
C GLU A 538 14.48 -4.40 33.85
N SER A 539 15.07 -3.59 34.72
CA SER A 539 16.06 -4.05 35.67
C SER A 539 15.78 -3.44 37.04
N PRO A 540 16.07 -4.18 38.11
CA PRO A 540 15.85 -3.63 39.46
C PRO A 540 16.86 -2.54 39.79
N SER A 541 16.52 -1.76 40.81
CA SER A 541 17.37 -0.66 41.25
C SER A 541 17.47 -0.63 42.78
N GLU B 78 15.84 14.36 38.20
CA GLU B 78 15.91 12.95 37.88
C GLU B 78 14.52 12.31 37.91
N VAL B 79 14.03 11.94 36.73
CA VAL B 79 12.71 11.31 36.60
C VAL B 79 12.90 9.89 36.09
N SER B 80 11.98 9.02 36.50
CA SER B 80 12.01 7.61 36.10
C SER B 80 11.00 7.37 34.99
N VAL B 81 11.41 6.60 33.98
CA VAL B 81 10.57 6.29 32.83
C VAL B 81 10.08 4.86 32.96
N SER B 82 8.77 4.67 32.85
CA SER B 82 8.14 3.37 32.95
C SER B 82 7.30 3.11 31.71
N LEU B 83 7.56 1.98 31.04
CA LEU B 83 6.85 1.59 29.83
C LEU B 83 5.95 0.40 30.14
N SER B 84 4.71 0.46 29.66
CA SER B 84 3.73 -0.60 29.86
C SER B 84 2.86 -0.71 28.62
N VAL B 85 3.00 -1.81 27.89
CA VAL B 85 2.21 -2.05 26.69
C VAL B 85 1.32 -3.27 26.95
N GLY B 86 0.16 -3.27 26.31
CA GLY B 86 -0.79 -4.37 26.47
C GLY B 86 -2.16 -4.01 25.95
N PHE B 87 -3.18 -4.62 26.56
CA PHE B 87 -4.57 -4.38 26.20
C PHE B 87 -5.36 -4.04 27.46
N LYS B 88 -6.23 -3.05 27.35
CA LYS B 88 -7.09 -2.67 28.46
C LYS B 88 -8.35 -2.02 27.92
N THR B 89 -9.38 -1.98 28.75
CA THR B 89 -10.64 -1.35 28.37
C THR B 89 -10.50 0.17 28.41
N MET B 90 -10.78 0.83 27.30
CA MET B 90 -10.68 2.27 27.22
C MET B 90 -11.69 2.79 26.21
N ASP B 91 -11.84 4.11 26.17
CA ASP B 91 -12.81 4.73 25.28
C ASP B 91 -12.32 4.68 23.84
N PHE B 92 -13.27 4.57 22.91
CA PHE B 92 -12.94 4.50 21.50
C PHE B 92 -12.55 5.89 20.99
N PRO B 93 -11.52 5.98 20.15
CA PRO B 93 -11.08 7.30 19.66
C PRO B 93 -12.15 7.98 18.84
N ALA B 94 -12.12 9.31 18.85
CA ALA B 94 -13.06 10.11 18.08
C ALA B 94 -12.70 10.04 16.60
N VAL B 95 -13.63 9.62 15.77
CA VAL B 95 -13.41 9.47 14.34
C VAL B 95 -14.03 10.67 13.63
N THR B 96 -13.19 11.52 13.07
CA THR B 96 -13.64 12.69 12.32
C THR B 96 -13.65 12.36 10.84
N ILE B 97 -14.76 12.67 10.18
CA ILE B 97 -14.96 12.35 8.77
C ILE B 97 -15.18 13.65 8.01
N CYS B 98 -14.25 13.97 7.11
CA CYS B 98 -14.36 15.13 6.26
C CYS B 98 -14.21 14.69 4.80
N ASN B 99 -15.00 15.32 3.93
CA ASN B 99 -14.90 15.02 2.51
C ASN B 99 -13.72 15.78 1.90
N ALA B 100 -13.25 15.29 0.75
CA ALA B 100 -12.12 15.92 0.08
C ALA B 100 -12.49 17.32 -0.40
N SER B 101 -13.65 17.45 -1.06
CA SER B 101 -14.03 18.80 -1.49
C SER B 101 -14.77 19.51 -0.36
N PRO B 102 -14.56 20.82 -0.22
CA PRO B 102 -15.26 21.54 0.86
C PRO B 102 -16.74 21.71 0.60
N PHE B 103 -17.16 21.85 -0.66
CA PHE B 103 -18.55 22.11 -0.97
C PHE B 103 -18.97 21.29 -2.19
N LYS B 104 -20.28 21.20 -2.39
CA LYS B 104 -20.84 20.52 -3.56
C LYS B 104 -20.90 21.51 -4.72
N TYR B 105 -20.32 21.12 -5.85
CA TYR B 105 -20.29 22.02 -7.02
C TYR B 105 -21.68 22.27 -7.58
N SER B 106 -22.62 21.33 -7.38
CA SER B 106 -23.97 21.53 -7.90
C SER B 106 -24.74 22.60 -7.16
N LYS B 107 -24.26 23.01 -5.97
CA LYS B 107 -24.94 24.02 -5.18
C LYS B 107 -24.09 25.26 -4.94
N ILE B 108 -22.91 25.35 -5.54
CA ILE B 108 -22.03 26.48 -5.31
C ILE B 108 -21.56 27.06 -6.65
N LYS B 109 -21.98 26.41 -7.75
CA LYS B 109 -21.58 26.89 -9.08
C LYS B 109 -22.17 28.27 -9.37
N HIS B 110 -23.30 28.61 -8.74
CA HIS B 110 -23.86 29.95 -8.92
C HIS B 110 -23.00 31.01 -8.26
N LEU B 111 -22.19 30.64 -7.28
CA LEU B 111 -21.31 31.58 -6.59
C LEU B 111 -19.93 31.65 -7.21
N LEU B 112 -19.46 30.55 -7.79
CA LEU B 112 -18.17 30.48 -8.46
C LEU B 112 -18.32 30.49 -9.99
N LYS B 113 -19.35 31.17 -10.48
CA LYS B 113 -19.60 31.18 -11.92
C LYS B 113 -18.55 32.02 -12.65
N ASP B 114 -18.36 33.26 -12.22
CA ASP B 114 -17.40 34.14 -12.88
C ASP B 114 -15.97 33.68 -12.67
N LEU B 115 -15.67 33.04 -11.53
CA LEU B 115 -14.32 32.57 -11.27
C LEU B 115 -13.98 31.38 -12.15
N ASP B 116 -14.88 30.40 -12.23
CA ASP B 116 -14.62 29.23 -13.07
C ASP B 116 -14.61 29.60 -14.55
N GLU B 117 -15.44 30.57 -14.94
CA GLU B 117 -15.41 31.03 -16.32
C GLU B 117 -14.09 31.73 -16.63
N LEU B 118 -13.49 32.40 -15.65
CA LEU B 118 -12.20 33.04 -15.87
C LEU B 118 -11.08 32.01 -15.83
N MET B 119 -11.20 30.98 -15.00
CA MET B 119 -10.17 29.95 -14.93
C MET B 119 -10.07 29.18 -16.24
N GLU B 120 -11.21 28.89 -16.87
CA GLU B 120 -11.19 28.20 -18.16
C GLU B 120 -10.52 29.06 -19.22
N ALA B 121 -10.62 30.38 -19.11
CA ALA B 121 -9.96 31.27 -20.06
C ALA B 121 -8.44 31.25 -19.84
N VAL B 122 -8.00 31.12 -18.60
CA VAL B 122 -6.57 31.04 -18.32
C VAL B 122 -6.00 29.74 -18.84
N LEU B 123 -6.75 28.65 -18.70
CA LEU B 123 -6.31 27.36 -19.26
C LEU B 123 -6.22 27.43 -20.78
N GLU B 124 -7.23 28.02 -21.43
CA GLU B 124 -7.20 28.14 -22.89
C GLU B 124 -6.06 29.05 -23.34
N ARG B 125 -5.72 30.05 -22.53
CA ARG B 125 -4.62 30.95 -22.89
C ARG B 125 -3.27 30.24 -22.82
N ILE B 126 -3.14 29.25 -21.94
CA ILE B 126 -1.87 28.56 -21.75
C ILE B 126 -1.79 27.32 -22.63
N LEU B 127 -2.85 26.50 -22.64
CA LEU B 127 -2.80 25.22 -23.34
C LEU B 127 -2.90 25.41 -24.85
N ALA B 128 -4.00 25.98 -25.33
CA ALA B 128 -4.25 26.17 -26.76
C ALA B 128 -4.48 27.66 -27.01
N PRO B 129 -3.41 28.46 -27.12
CA PRO B 129 -3.60 29.90 -27.36
C PRO B 129 -4.24 30.20 -28.71
N GLU B 130 -4.07 29.33 -29.71
CA GLU B 130 -4.64 29.58 -31.02
C GLU B 130 -6.16 29.53 -30.99
N LEU B 131 -6.74 28.66 -30.17
CA LEU B 131 -8.19 28.54 -30.08
C LEU B 131 -8.79 29.73 -29.34
N ASN B 139 -17.53 37.01 -22.95
CA ASN B 139 -16.71 37.97 -22.24
C ASN B 139 -16.23 37.43 -20.90
N LEU B 140 -15.28 38.14 -20.28
CA LEU B 140 -14.73 37.76 -19.00
C LEU B 140 -15.00 38.84 -17.97
N ASN B 141 -14.60 38.56 -16.73
CA ASN B 141 -14.76 39.49 -15.61
C ASN B 141 -13.37 39.80 -15.06
N PHE B 142 -12.81 40.94 -15.47
CA PHE B 142 -11.47 41.33 -15.05
C PHE B 142 -11.42 41.86 -13.62
N SER B 143 -12.57 42.09 -12.98
CA SER B 143 -12.56 42.51 -11.59
C SER B 143 -11.99 41.44 -10.68
N ILE B 144 -12.14 40.17 -11.07
CA ILE B 144 -11.54 39.08 -10.30
C ILE B 144 -10.08 38.90 -10.69
N TRP B 145 -9.73 39.17 -11.95
CA TRP B 145 -8.36 39.00 -12.41
C TRP B 145 -7.45 40.10 -11.89
N ASN B 146 -7.96 41.32 -11.75
CA ASN B 146 -7.14 42.43 -11.27
C ASN B 146 -6.81 42.31 -9.79
N HIS B 147 -7.52 41.46 -9.05
CA HIS B 147 -7.20 41.25 -7.64
C HIS B 147 -5.82 40.62 -7.48
N THR B 148 -5.55 39.57 -8.24
CA THR B 148 -4.24 38.91 -8.23
C THR B 148 -3.95 38.42 -9.64
N PRO B 149 -3.35 39.26 -10.48
CA PRO B 149 -3.06 38.85 -11.86
C PRO B 149 -1.94 37.82 -11.89
N LEU B 150 -2.17 36.74 -12.63
CA LEU B 150 -1.18 35.69 -12.82
C LEU B 150 -0.33 36.06 -14.03
N VAL B 151 0.88 36.53 -13.77
CA VAL B 151 1.73 37.07 -14.81
C VAL B 151 2.82 36.05 -15.16
N LEU B 152 3.50 36.28 -16.27
CA LEU B 152 4.60 35.44 -16.73
C LEU B 152 5.91 36.23 -16.65
N ILE B 153 6.90 35.64 -16.00
CA ILE B 153 8.21 36.26 -15.84
C ILE B 153 9.17 35.58 -16.81
N ASP B 154 9.47 36.25 -17.92
CA ASP B 154 10.41 35.75 -18.92
C ASP B 154 11.75 36.43 -18.66
N GLU B 155 12.64 35.72 -17.98
CA GLU B 155 13.94 36.27 -17.60
C GLU B 155 15.08 35.43 -18.13
N ARG B 156 14.86 34.73 -19.25
CA ARG B 156 15.96 33.99 -19.87
C ARG B 156 16.96 34.89 -20.56
N ASN B 157 16.66 36.18 -20.69
CA ASN B 157 17.60 37.17 -21.19
C ASN B 157 18.15 37.95 -20.00
N PRO B 158 19.38 37.71 -19.57
CA PRO B 158 19.88 38.39 -18.35
C PRO B 158 19.97 39.90 -18.48
N HIS B 159 19.98 40.44 -19.70
CA HIS B 159 20.09 41.88 -19.91
C HIS B 159 18.74 42.56 -20.11
N HIS B 160 17.65 41.80 -20.15
CA HIS B 160 16.34 42.39 -20.36
C HIS B 160 15.24 41.49 -19.80
N PRO B 161 15.06 41.45 -18.48
CA PRO B 161 13.96 40.65 -17.92
C PRO B 161 12.64 41.38 -18.08
N MET B 162 11.63 40.63 -18.52
CA MET B 162 10.31 41.19 -18.77
C MET B 162 9.26 40.39 -18.02
N VAL B 163 8.15 41.07 -17.69
CA VAL B 163 7.02 40.48 -16.98
C VAL B 163 5.78 40.75 -17.81
N LEU B 164 5.23 39.71 -18.42
CA LEU B 164 4.08 39.82 -19.32
C LEU B 164 2.84 39.24 -18.63
N ASP B 165 1.73 39.96 -18.74
CA ASP B 165 0.46 39.51 -18.19
C ASP B 165 -0.24 38.61 -19.20
N LEU B 166 -0.92 37.58 -18.70
CA LEU B 166 -1.61 36.65 -19.59
C LEU B 166 -2.77 37.33 -20.32
N PHE B 167 -3.46 38.24 -19.63
CA PHE B 167 -4.58 38.95 -20.25
C PHE B 167 -4.27 40.44 -20.38
N ALA B 179 3.87 32.71 -36.69
CA ALA B 179 3.55 33.67 -35.65
C ALA B 179 2.83 32.99 -34.49
N SER B 180 3.54 32.15 -33.76
CA SER B 180 2.95 31.44 -32.63
C SER B 180 2.84 32.38 -31.43
N GLU B 181 1.68 32.34 -30.76
CA GLU B 181 1.43 33.16 -29.59
C GLU B 181 1.43 32.32 -28.31
N LYS B 182 2.24 31.26 -28.28
CA LYS B 182 2.31 30.40 -27.12
C LYS B 182 2.98 31.12 -25.95
N ILE B 183 2.86 30.53 -24.77
CA ILE B 183 3.45 31.05 -23.55
C ILE B 183 4.73 30.28 -23.26
N CYS B 184 5.79 31.00 -22.89
CA CYS B 184 7.08 30.36 -22.66
C CYS B 184 7.01 29.38 -21.49
N ASN B 185 7.67 28.23 -21.66
CA ASN B 185 7.77 27.23 -20.61
C ASN B 185 9.18 26.64 -20.56
N ALA B 186 10.18 27.43 -20.92
CA ALA B 186 11.56 26.96 -20.96
C ALA B 186 12.15 26.98 -19.55
N HIS B 187 13.47 26.78 -19.46
CA HIS B 187 14.13 26.76 -18.16
C HIS B 187 14.26 28.15 -17.55
N GLY B 188 14.41 29.18 -18.37
CA GLY B 188 14.56 30.53 -17.87
C GLY B 188 13.27 31.25 -17.57
N CYS B 189 12.13 30.72 -18.03
CA CYS B 189 10.84 31.35 -17.81
C CYS B 189 10.18 30.80 -16.55
N LYS B 190 9.25 31.58 -16.01
CA LYS B 190 8.53 31.19 -14.81
C LYS B 190 7.25 32.01 -14.71
N MET B 191 6.31 31.50 -13.92
CA MET B 191 5.01 32.11 -13.74
C MET B 191 4.83 32.49 -12.28
N ALA B 192 4.37 33.71 -12.02
CA ALA B 192 4.22 34.22 -10.67
C ALA B 192 2.90 34.93 -10.51
N MET B 193 2.56 35.21 -9.25
CA MET B 193 1.35 35.94 -8.88
C MET B 193 1.75 37.31 -8.35
N ARG B 194 1.19 38.36 -8.94
CA ARG B 194 1.53 39.73 -8.57
C ARG B 194 0.59 40.19 -7.46
N LEU B 195 1.13 40.36 -6.26
CA LEU B 195 0.37 40.78 -5.08
C LEU B 195 0.74 42.23 -4.77
N CYS B 196 -0.17 43.16 -5.07
CA CYS B 196 0.05 44.57 -4.82
C CYS B 196 -0.59 44.98 -3.50
N SER B 197 0.04 45.95 -2.83
CA SER B 197 -0.38 46.36 -1.49
C SER B 197 -1.21 47.63 -1.50
N LEU B 198 -0.65 48.73 -2.01
CA LEU B 198 -1.29 50.04 -1.94
C LEU B 198 -1.31 50.67 -3.32
N ASN B 199 -2.47 50.66 -3.97
CA ASN B 199 -2.68 51.32 -5.26
C ASN B 199 -1.68 50.82 -6.31
N ARG B 200 -1.41 49.51 -6.27
CA ARG B 200 -0.52 48.85 -7.25
C ARG B 200 0.88 49.45 -7.23
N THR B 201 1.35 49.83 -6.04
CA THR B 201 2.69 50.38 -5.89
C THR B 201 3.65 49.39 -5.25
N GLN B 202 3.30 48.82 -4.10
CA GLN B 202 4.14 47.84 -3.41
C GLN B 202 3.69 46.45 -3.82
N CYS B 203 4.03 46.08 -5.06
CA CYS B 203 3.64 44.80 -5.63
C CYS B 203 4.77 43.79 -5.46
N THR B 204 4.44 42.63 -4.92
CA THR B 204 5.38 41.53 -4.78
C THR B 204 4.97 40.38 -5.68
N PHE B 205 5.90 39.45 -5.89
CA PHE B 205 5.69 38.31 -6.78
C PHE B 205 5.87 37.03 -6.00
N ARG B 206 4.86 36.16 -6.07
CA ARG B 206 4.95 34.81 -5.53
C ARG B 206 5.30 33.87 -6.67
N ASN B 207 6.59 33.53 -6.77
CA ASN B 207 7.11 32.83 -7.94
C ASN B 207 6.75 31.34 -7.90
N PHE B 208 6.46 30.80 -9.08
CA PHE B 208 6.19 29.38 -9.26
C PHE B 208 6.92 28.88 -10.50
N THR B 209 7.38 27.65 -10.45
CA THR B 209 8.09 27.07 -11.58
C THR B 209 7.16 26.40 -12.59
N SER B 210 6.17 25.65 -12.10
CA SER B 210 5.23 24.96 -12.97
C SER B 210 3.88 25.67 -12.94
N ALA B 211 3.16 25.58 -14.06
CA ALA B 211 1.86 26.22 -14.17
C ALA B 211 0.79 25.47 -13.40
N THR B 212 0.95 24.15 -13.21
CA THR B 212 -0.05 23.38 -12.48
C THR B 212 -0.11 23.77 -11.02
N GLN B 213 0.96 24.35 -10.48
CA GLN B 213 0.98 24.78 -9.10
C GLN B 213 0.51 26.23 -8.95
N ALA B 214 0.86 27.09 -9.91
CA ALA B 214 0.42 28.49 -9.84
C ALA B 214 -1.08 28.59 -10.05
N LEU B 215 -1.65 27.73 -10.89
CA LEU B 215 -3.09 27.78 -11.13
C LEU B 215 -3.87 27.32 -9.91
N THR B 216 -3.36 26.32 -9.18
CA THR B 216 -4.04 25.88 -7.97
C THR B 216 -3.96 26.94 -6.88
N GLU B 217 -2.77 27.53 -6.69
CA GLU B 217 -2.62 28.57 -5.66
C GLU B 217 -3.43 29.80 -6.00
N TRP B 218 -3.55 30.14 -7.29
CA TRP B 218 -4.33 31.30 -7.69
C TRP B 218 -5.82 31.05 -7.46
N TYR B 219 -6.30 29.85 -7.78
CA TYR B 219 -7.73 29.56 -7.61
C TYR B 219 -8.10 29.49 -6.14
N ILE B 220 -7.23 28.91 -5.30
CA ILE B 220 -7.51 28.84 -3.87
C ILE B 220 -7.59 30.23 -3.26
N LEU B 221 -6.69 31.12 -3.68
CA LEU B 221 -6.72 32.49 -3.17
C LEU B 221 -7.97 33.23 -3.61
N GLN B 222 -8.43 32.97 -4.85
CA GLN B 222 -9.64 33.62 -5.34
C GLN B 222 -10.89 32.98 -4.75
N ALA B 223 -10.87 31.66 -4.55
CA ALA B 223 -12.01 30.99 -3.94
C ALA B 223 -12.17 31.39 -2.47
N THR B 224 -11.06 31.51 -1.75
CA THR B 224 -11.12 31.96 -0.37
C THR B 224 -11.66 33.38 -0.27
N ASN B 225 -11.37 34.21 -1.27
CA ASN B 225 -11.90 35.57 -1.30
C ASN B 225 -13.42 35.56 -1.40
N ILE B 226 -13.99 34.55 -2.06
CA ILE B 226 -15.45 34.48 -2.19
C ILE B 226 -16.06 33.78 -0.99
N PHE B 227 -15.38 32.79 -0.43
CA PHE B 227 -15.88 32.06 0.73
C PHE B 227 -15.81 32.87 2.02
N ALA B 228 -15.09 33.99 2.03
CA ALA B 228 -14.96 34.81 3.22
C ALA B 228 -16.05 35.86 3.34
N GLN B 229 -16.86 36.05 2.31
CA GLN B 229 -17.93 37.05 2.32
C GLN B 229 -19.29 36.38 2.16
N VAL B 230 -19.48 35.25 2.84
CA VAL B 230 -20.74 34.52 2.83
C VAL B 230 -20.99 33.98 4.24
N PRO B 231 -22.19 34.15 4.79
CA PRO B 231 -22.44 33.69 6.16
C PRO B 231 -22.27 32.18 6.28
N GLN B 232 -21.88 31.75 7.48
CA GLN B 232 -21.61 30.33 7.71
C GLN B 232 -22.89 29.51 7.69
N GLN B 233 -23.99 30.08 8.18
CA GLN B 233 -25.27 29.36 8.16
C GLN B 233 -25.72 29.07 6.74
N GLU B 234 -25.30 29.90 5.77
CA GLU B 234 -25.56 29.65 4.36
C GLU B 234 -24.44 28.87 3.70
N LEU B 235 -23.22 28.93 4.24
CA LEU B 235 -22.09 28.23 3.66
C LEU B 235 -22.07 26.75 4.04
N VAL B 236 -22.78 26.36 5.09
CA VAL B 236 -22.82 24.95 5.49
C VAL B 236 -23.84 24.17 4.65
N GLU B 237 -24.97 24.79 4.34
CA GLU B 237 -26.01 24.08 3.59
C GLU B 237 -25.61 23.80 2.15
N MET B 238 -24.57 24.48 1.63
CA MET B 238 -24.08 24.24 0.28
C MET B 238 -22.88 23.29 0.26
N SER B 239 -22.73 22.47 1.30
CA SER B 239 -21.68 21.47 1.38
C SER B 239 -22.31 20.08 1.43
N TYR B 240 -21.47 19.07 1.59
CA TYR B 240 -21.94 17.69 1.65
C TYR B 240 -22.66 17.41 2.96
N PRO B 241 -23.96 17.12 2.94
CA PRO B 241 -24.66 16.83 4.20
C PRO B 241 -24.31 15.44 4.72
N GLY B 242 -24.62 15.23 6.00
CA GLY B 242 -24.39 13.94 6.62
C GLY B 242 -25.37 12.86 6.24
N GLU B 243 -26.52 13.24 5.69
CA GLU B 243 -27.52 12.24 5.30
C GLU B 243 -27.05 11.40 4.12
N GLN B 244 -26.33 12.01 3.18
CA GLN B 244 -25.88 11.31 1.99
C GLN B 244 -24.46 10.77 2.09
N MET B 245 -23.63 11.33 2.97
CA MET B 245 -22.28 10.83 3.13
C MET B 245 -22.26 9.51 3.89
N ILE B 246 -22.73 9.52 5.14
CA ILE B 246 -22.73 8.33 5.99
C ILE B 246 -23.93 7.48 5.57
N LEU B 247 -23.66 6.43 4.79
CA LEU B 247 -24.71 5.51 4.38
C LEU B 247 -24.93 4.39 5.38
N ALA B 248 -23.91 4.06 6.18
CA ALA B 248 -24.03 3.00 7.16
C ALA B 248 -23.10 3.30 8.33
N CYS B 249 -23.49 2.82 9.51
CA CYS B 249 -22.70 3.04 10.72
C CYS B 249 -23.03 1.91 11.69
N LEU B 250 -22.00 1.18 12.12
CA LEU B 250 -22.20 0.05 13.04
C LEU B 250 -20.98 -0.05 13.95
N PHE B 251 -21.14 0.39 15.19
CA PHE B 251 -20.07 0.31 16.19
C PHE B 251 -20.29 -0.96 17.00
N GLY B 252 -19.59 -2.02 16.65
CA GLY B 252 -19.76 -3.30 17.31
C GLY B 252 -21.12 -3.92 17.05
N ALA B 253 -21.97 -3.93 18.07
CA ALA B 253 -23.33 -4.44 17.94
C ALA B 253 -24.38 -3.34 18.04
N GLU B 254 -23.97 -2.08 18.20
CA GLU B 254 -24.90 -0.97 18.31
C GLU B 254 -24.89 -0.15 17.04
N PRO B 255 -26.03 0.04 16.39
CA PRO B 255 -26.07 0.79 15.14
C PRO B 255 -25.97 2.29 15.39
N CYS B 256 -25.80 3.04 14.30
CA CYS B 256 -25.70 4.49 14.37
C CYS B 256 -26.00 5.05 12.99
N ASN B 257 -26.17 6.37 12.93
CA ASN B 257 -26.48 7.05 11.68
C ASN B 257 -25.87 8.45 11.74
N TYR B 258 -26.30 9.32 10.83
CA TYR B 258 -25.74 10.67 10.76
C TYR B 258 -26.11 11.50 11.98
N ARG B 259 -27.15 11.12 12.72
CA ARG B 259 -27.53 11.87 13.92
C ARG B 259 -26.55 11.67 15.06
N ASN B 260 -25.81 10.57 15.07
CA ASN B 260 -24.81 10.33 16.10
C ASN B 260 -23.47 10.98 15.78
N PHE B 261 -23.36 11.69 14.67
CA PHE B 261 -22.13 12.38 14.26
C PHE B 261 -22.28 13.87 14.53
N THR B 262 -21.40 14.41 15.36
CA THR B 262 -21.42 15.85 15.63
C THR B 262 -20.93 16.60 14.40
N SER B 263 -21.76 17.51 13.90
CA SER B 263 -21.49 18.24 12.67
C SER B 263 -20.78 19.55 12.99
N ILE B 264 -19.56 19.70 12.47
CA ILE B 264 -18.81 20.94 12.56
C ILE B 264 -18.43 21.35 11.14
N PHE B 265 -18.02 22.61 11.01
CA PHE B 265 -17.66 23.18 9.71
C PHE B 265 -16.18 23.52 9.73
N TYR B 266 -15.36 22.63 9.18
CA TYR B 266 -13.95 22.93 9.00
C TYR B 266 -13.78 23.80 7.76
N PRO B 267 -13.19 24.99 7.87
CA PRO B 267 -13.18 25.92 6.73
C PRO B 267 -12.38 25.44 5.53
N HIS B 268 -11.61 24.36 5.66
CA HIS B 268 -10.82 23.84 4.54
C HIS B 268 -11.45 22.63 3.88
N TYR B 269 -12.12 21.77 4.64
CA TYR B 269 -12.75 20.57 4.11
C TYR B 269 -14.27 20.62 4.18
N GLY B 270 -14.85 21.77 4.53
CA GLY B 270 -16.29 21.88 4.63
C GLY B 270 -16.85 21.26 5.89
N ASN B 271 -17.97 20.56 5.77
CA ASN B 271 -18.63 19.95 6.91
C ASN B 271 -17.92 18.66 7.31
N CYS B 272 -17.43 18.60 8.55
CA CYS B 272 -16.86 17.40 9.12
C CYS B 272 -17.82 16.80 10.14
N TYR B 273 -17.71 15.48 10.33
CA TYR B 273 -18.59 14.76 11.24
C TYR B 273 -17.74 13.89 12.15
N ILE B 274 -17.90 14.05 13.45
CA ILE B 274 -17.14 13.32 14.46
C ILE B 274 -18.06 12.24 15.03
N PHE B 275 -17.60 10.98 14.96
CA PHE B 275 -18.45 9.86 15.35
C PHE B 275 -18.70 9.85 16.85
N ASN B 276 -17.64 9.69 17.64
CA ASN B 276 -17.73 9.60 19.10
C ASN B 276 -16.88 10.72 19.68
N TRP B 277 -17.47 11.91 19.79
CA TRP B 277 -16.74 13.03 20.37
C TRP B 277 -16.82 13.00 21.89
N GLY B 278 -18.02 13.13 22.44
CA GLY B 278 -18.21 13.13 23.86
C GLY B 278 -18.54 14.47 24.50
N MET B 279 -19.07 15.43 23.74
CA MET B 279 -19.44 16.71 24.31
C MET B 279 -20.76 16.63 25.06
N THR B 280 -21.75 15.96 24.47
CA THR B 280 -23.06 15.80 25.09
C THR B 280 -23.20 14.47 25.81
N GLU B 281 -22.98 13.37 25.11
CA GLU B 281 -23.08 12.04 25.68
C GLU B 281 -21.69 11.49 26.01
N LYS B 282 -21.67 10.42 26.81
CA LYS B 282 -20.42 9.80 27.19
C LYS B 282 -19.82 9.02 26.02
N ALA B 283 -18.49 8.89 26.03
CA ALA B 283 -17.81 8.15 24.99
C ALA B 283 -18.07 6.65 25.12
N LEU B 284 -18.16 5.98 23.97
CA LEU B 284 -18.46 4.56 23.93
C LEU B 284 -17.17 3.76 24.10
N PRO B 285 -17.01 2.98 25.16
CA PRO B 285 -15.81 2.17 25.32
C PRO B 285 -15.88 0.88 24.53
N SER B 286 -14.70 0.33 24.24
CA SER B 286 -14.57 -0.94 23.53
C SER B 286 -13.52 -1.77 24.23
N ALA B 287 -13.90 -2.98 24.65
CA ALA B 287 -13.01 -3.87 25.38
C ALA B 287 -12.67 -5.13 24.60
N ASN B 288 -12.97 -5.17 23.31
CA ASN B 288 -12.72 -6.36 22.48
C ASN B 288 -11.95 -5.94 21.24
N PRO B 289 -10.80 -6.54 20.96
CA PRO B 289 -10.07 -6.20 19.73
C PRO B 289 -10.61 -6.98 18.53
N GLY B 290 -10.58 -6.32 17.37
CA GLY B 290 -11.03 -6.96 16.15
C GLY B 290 -12.00 -6.12 15.35
N THR B 291 -12.12 -6.42 14.05
CA THR B 291 -13.03 -5.67 13.20
C THR B 291 -14.49 -5.89 13.58
N GLU B 292 -14.81 -7.06 14.14
CA GLU B 292 -16.19 -7.35 14.49
C GLU B 292 -16.68 -6.47 15.64
N PHE B 293 -15.78 -6.03 16.51
CA PHE B 293 -16.14 -5.21 17.65
C PHE B 293 -15.76 -3.75 17.47
N GLY B 294 -15.25 -3.36 16.31
CA GLY B 294 -14.86 -1.99 16.04
C GLY B 294 -15.93 -1.21 15.33
N LEU B 295 -15.51 -0.09 14.74
CA LEU B 295 -16.41 0.79 14.01
C LEU B 295 -16.44 0.41 12.54
N LYS B 296 -17.65 0.27 12.00
CA LYS B 296 -17.85 -0.08 10.59
C LYS B 296 -18.63 1.05 9.93
N LEU B 297 -18.08 1.61 8.86
CA LEU B 297 -18.67 2.75 8.18
C LEU B 297 -18.68 2.51 6.67
N ILE B 298 -19.76 2.94 6.03
CA ILE B 298 -19.88 2.93 4.58
C ILE B 298 -20.20 4.35 4.14
N LEU B 299 -19.21 5.02 3.57
CA LEU B 299 -19.33 6.42 3.19
C LEU B 299 -19.54 6.54 1.69
N ASP B 300 -20.27 7.59 1.29
CA ASP B 300 -20.54 7.89 -0.11
C ASP B 300 -19.80 9.16 -0.48
N ILE B 301 -18.76 9.02 -1.29
CA ILE B 301 -17.97 10.15 -1.77
C ILE B 301 -18.49 10.53 -3.15
N GLY B 302 -19.18 11.67 -3.22
CA GLY B 302 -19.72 12.11 -4.50
C GLY B 302 -18.73 12.90 -5.30
N GLN B 303 -18.06 12.25 -6.25
CA GLN B 303 -17.05 12.91 -7.06
C GLN B 303 -17.66 13.72 -8.20
N GLU B 304 -18.92 13.48 -8.55
CA GLU B 304 -19.55 14.26 -9.60
C GLU B 304 -19.89 15.67 -9.15
N ASP B 305 -19.97 15.91 -7.84
CA ASP B 305 -20.23 17.23 -7.29
C ASP B 305 -18.97 17.90 -6.75
N TYR B 306 -17.79 17.33 -7.01
CA TYR B 306 -16.55 17.95 -6.59
C TYR B 306 -16.30 19.23 -7.37
N VAL B 307 -15.60 20.17 -6.74
CA VAL B 307 -15.19 21.40 -7.40
C VAL B 307 -14.00 21.06 -8.29
N PRO B 308 -14.05 21.37 -9.58
CA PRO B 308 -12.98 20.93 -10.49
C PRO B 308 -11.62 21.54 -10.17
N PHE B 309 -11.54 22.86 -10.08
CA PHE B 309 -10.27 23.55 -9.92
C PHE B 309 -9.85 23.73 -8.46
N LEU B 310 -10.60 23.17 -7.52
CA LEU B 310 -10.29 23.32 -6.10
C LEU B 310 -9.96 22.01 -5.42
N ALA B 311 -10.70 20.95 -5.70
CA ALA B 311 -10.50 19.65 -5.06
C ALA B 311 -9.97 18.67 -6.11
N SER B 312 -8.71 18.27 -5.95
CA SER B 312 -8.10 17.31 -6.86
C SER B 312 -8.26 15.88 -6.35
N THR B 313 -7.78 15.61 -5.14
CA THR B 313 -7.85 14.27 -4.58
C THR B 313 -9.31 13.85 -4.39
N ALA B 314 -9.60 12.59 -4.72
CA ALA B 314 -10.94 12.05 -4.67
C ALA B 314 -11.12 11.03 -3.55
N GLY B 315 -10.51 11.30 -2.39
CA GLY B 315 -10.62 10.45 -1.24
C GLY B 315 -11.54 11.01 -0.18
N VAL B 316 -11.31 10.59 1.07
CA VAL B 316 -12.05 11.06 2.22
C VAL B 316 -11.10 11.16 3.40
N ARG B 317 -11.09 12.32 4.06
CA ARG B 317 -10.17 12.56 5.16
C ARG B 317 -10.67 11.89 6.44
N LEU B 318 -9.75 11.29 7.19
CA LEU B 318 -10.05 10.63 8.44
C LEU B 318 -9.05 11.04 9.49
N MET B 319 -9.51 11.18 10.74
CA MET B 319 -8.64 11.59 11.83
C MET B 319 -9.12 10.93 13.11
N LEU B 320 -8.16 10.46 13.91
CA LEU B 320 -8.43 9.88 15.23
C LEU B 320 -7.79 10.77 16.28
N HIS B 321 -8.62 11.34 17.15
CA HIS B 321 -8.14 12.27 18.17
C HIS B 321 -8.83 11.93 19.49
N GLU B 322 -8.62 12.78 20.49
CA GLU B 322 -9.16 12.56 21.82
C GLU B 322 -10.66 12.88 21.83
N GLN B 323 -11.25 12.87 23.03
CA GLN B 323 -12.68 13.08 23.16
C GLN B 323 -13.06 14.56 23.18
N ARG B 324 -12.21 15.43 23.72
CA ARG B 324 -12.50 16.85 23.79
C ARG B 324 -11.40 17.66 23.13
N SER B 325 -10.94 17.21 21.96
CA SER B 325 -9.91 17.89 21.19
C SER B 325 -10.44 18.24 19.83
N TYR B 326 -10.08 19.43 19.35
CA TYR B 326 -10.54 19.87 18.03
C TYR B 326 -9.81 19.09 16.94
N PRO B 327 -10.50 18.56 15.95
CA PRO B 327 -9.84 17.78 14.89
C PRO B 327 -9.14 18.68 13.89
N PHE B 328 -7.82 18.64 13.90
CA PHE B 328 -7.00 19.36 12.92
C PHE B 328 -6.67 18.40 11.79
N ILE B 329 -7.46 18.46 10.72
CA ILE B 329 -7.38 17.46 9.66
C ILE B 329 -6.12 17.65 8.82
N ARG B 330 -5.79 18.91 8.52
CA ARG B 330 -4.66 19.18 7.64
C ARG B 330 -3.34 18.74 8.25
N ASP B 331 -3.20 18.84 9.58
CA ASP B 331 -1.95 18.43 10.23
C ASP B 331 -1.92 16.93 10.46
N GLU B 332 -2.87 16.40 11.23
CA GLU B 332 -2.94 14.98 11.55
C GLU B 332 -4.18 14.41 10.87
N GLY B 333 -4.02 13.95 9.63
CA GLY B 333 -5.13 13.39 8.89
C GLY B 333 -4.70 12.44 7.79
N ILE B 334 -5.44 11.35 7.61
CA ILE B 334 -5.14 10.36 6.60
C ILE B 334 -6.28 10.32 5.59
N TYR B 335 -5.99 9.73 4.43
CA TYR B 335 -6.96 9.57 3.36
C TYR B 335 -7.58 8.18 3.42
N ALA B 336 -8.44 7.90 2.45
CA ALA B 336 -9.06 6.58 2.31
C ALA B 336 -9.56 6.44 0.89
N MET B 337 -9.06 5.43 0.18
CA MET B 337 -9.43 5.23 -1.22
C MET B 337 -10.92 4.96 -1.36
N SER B 338 -11.47 5.33 -2.51
CA SER B 338 -12.87 5.09 -2.82
C SER B 338 -13.00 3.73 -3.52
N GLY B 339 -13.90 2.90 -3.00
CA GLY B 339 -14.08 1.57 -3.53
C GLY B 339 -13.23 0.50 -2.87
N THR B 340 -12.71 0.76 -1.68
CA THR B 340 -11.89 -0.21 -0.96
C THR B 340 -12.35 -0.28 0.49
N GLU B 341 -11.83 -1.27 1.21
CA GLU B 341 -12.12 -1.46 2.63
C GLU B 341 -10.85 -1.15 3.41
N THR B 342 -10.78 0.06 3.97
CA THR B 342 -9.59 0.51 4.70
C THR B 342 -9.71 0.07 6.15
N SER B 343 -8.94 -0.94 6.53
CA SER B 343 -8.90 -1.41 7.90
C SER B 343 -7.85 -0.63 8.67
N ILE B 344 -8.25 -0.05 9.80
CA ILE B 344 -7.38 0.81 10.60
C ILE B 344 -7.30 0.24 12.00
N GLY B 345 -6.16 -0.34 12.35
CA GLY B 345 -5.93 -0.83 13.69
C GLY B 345 -5.30 0.22 14.58
N VAL B 346 -6.00 0.63 15.62
CA VAL B 346 -5.58 1.76 16.44
C VAL B 346 -4.68 1.26 17.57
N LEU B 347 -3.66 2.07 17.88
CA LEU B 347 -2.78 1.84 19.02
C LEU B 347 -2.56 3.17 19.71
N VAL B 348 -3.10 3.31 20.92
CA VAL B 348 -3.06 4.58 21.65
C VAL B 348 -1.68 4.67 22.31
N ASP B 349 -0.79 5.48 21.72
CA ASP B 349 0.54 5.69 22.25
C ASP B 349 0.54 6.99 23.04
N LYS B 350 0.66 6.89 24.37
CA LYS B 350 0.62 8.03 25.25
C LYS B 350 1.99 8.30 25.84
N LEU B 351 2.21 9.55 26.24
CA LEU B 351 3.44 9.98 26.89
C LEU B 351 3.08 11.06 27.91
N GLN B 352 3.16 10.70 29.19
CA GLN B 352 2.78 11.61 30.28
C GLN B 352 4.06 12.24 30.84
N ARG B 353 4.22 13.55 30.62
CA ARG B 353 5.36 14.26 31.15
C ARG B 353 5.25 14.38 32.67
N MET B 354 6.36 14.78 33.29
CA MET B 354 6.42 14.85 34.75
C MET B 354 5.53 15.98 35.27
N GLY B 355 5.81 17.21 34.88
CA GLY B 355 5.02 18.33 35.33
C GLY B 355 5.70 19.65 34.99
N GLU B 356 5.27 20.71 35.70
CA GLU B 356 5.80 22.04 35.41
C GLU B 356 7.24 22.22 35.90
N PRO B 357 7.58 21.92 37.16
CA PRO B 357 8.96 22.16 37.61
C PRO B 357 10.00 21.27 36.94
N TYR B 358 9.58 20.25 36.19
CA TYR B 358 10.51 19.36 35.52
C TYR B 358 10.52 19.53 34.00
N SER B 359 9.51 20.17 33.42
CA SER B 359 9.44 20.36 31.98
C SER B 359 8.49 21.52 31.71
N PRO B 360 8.75 22.29 30.65
CA PRO B 360 7.84 23.41 30.31
C PRO B 360 6.59 22.93 29.58
N CYS B 361 5.69 22.30 30.34
CA CYS B 361 4.43 21.79 29.81
C CYS B 361 3.29 22.27 30.70
N THR B 362 2.14 22.52 30.08
CA THR B 362 0.95 22.96 30.79
C THR B 362 -0.06 21.83 30.90
N VAL B 363 -0.94 21.93 31.89
CA VAL B 363 -1.95 20.92 32.14
C VAL B 363 -3.30 21.39 31.62
N ASN B 364 -3.78 22.51 32.18
CA ASN B 364 -5.08 23.04 31.77
C ASN B 364 -4.97 23.84 30.47
N GLY B 365 -3.90 24.60 30.32
CA GLY B 365 -3.70 25.42 29.14
C GLY B 365 -4.08 26.88 29.31
N SER B 366 -4.44 27.32 30.50
CA SER B 366 -4.81 28.71 30.72
C SER B 366 -3.62 29.61 31.00
N GLU B 367 -2.41 29.05 31.10
CA GLU B 367 -1.22 29.84 31.38
C GLU B 367 -0.62 30.48 30.13
N VAL B 368 -1.14 30.16 28.95
CA VAL B 368 -0.58 30.74 27.72
C VAL B 368 -1.02 32.20 27.61
N PRO B 369 -0.18 33.09 27.07
CA PRO B 369 -0.60 34.49 26.98
C PRO B 369 -1.67 34.74 25.93
N VAL B 370 -1.57 34.11 24.77
CA VAL B 370 -2.52 34.35 23.69
C VAL B 370 -3.85 33.69 24.02
N GLN B 371 -4.94 34.34 23.63
CA GLN B 371 -6.27 33.79 23.87
C GLN B 371 -6.61 32.74 22.82
N ASN B 372 -7.44 31.78 23.22
CA ASN B 372 -7.82 30.67 22.35
C ASN B 372 -9.09 31.04 21.58
N PHE B 373 -9.00 30.98 20.25
CA PHE B 373 -10.14 31.30 19.40
C PHE B 373 -11.09 30.12 19.20
N TYR B 374 -10.73 28.94 19.67
CA TYR B 374 -11.59 27.76 19.59
C TYR B 374 -12.44 27.57 20.83
N SER B 375 -12.73 28.65 21.56
CA SER B 375 -13.52 28.54 22.79
C SER B 375 -14.99 28.22 22.50
N ASP B 376 -15.45 28.46 21.27
CA ASP B 376 -16.84 28.17 20.93
C ASP B 376 -17.11 26.66 20.89
N TYR B 377 -16.08 25.84 20.77
CA TYR B 377 -16.23 24.39 20.72
C TYR B 377 -16.10 23.73 22.07
N ASN B 378 -15.63 24.45 23.09
CA ASN B 378 -15.45 23.92 24.44
C ASN B 378 -14.55 22.70 24.45
N THR B 379 -13.49 22.75 23.64
CA THR B 379 -12.53 21.66 23.57
C THR B 379 -11.37 21.92 24.54
N THR B 380 -10.55 20.89 24.74
CA THR B 380 -9.40 21.01 25.61
C THR B 380 -8.28 21.77 24.92
N TYR B 381 -7.24 22.09 25.70
CA TYR B 381 -6.10 22.81 25.15
C TYR B 381 -5.30 21.92 24.21
N SER B 382 -4.82 22.52 23.12
CA SER B 382 -4.03 21.81 22.13
C SER B 382 -2.94 22.74 21.61
N ILE B 383 -1.75 22.18 21.37
CA ILE B 383 -0.64 22.98 20.88
C ILE B 383 -0.94 23.50 19.47
N GLN B 384 -1.68 22.71 18.68
CA GLN B 384 -2.02 23.15 17.33
C GLN B 384 -3.04 24.27 17.35
N ALA B 385 -3.93 24.28 18.34
CA ALA B 385 -4.91 25.36 18.45
C ALA B 385 -4.24 26.67 18.84
N CYS B 386 -3.14 26.59 19.59
CA CYS B 386 -2.42 27.81 19.97
C CYS B 386 -1.62 28.36 18.80
N LEU B 387 -1.16 27.50 17.88
CA LEU B 387 -0.42 27.97 16.72
C LEU B 387 -1.36 28.64 15.72
N ARG B 388 -2.64 28.29 15.74
CA ARG B 388 -3.61 28.94 14.86
C ARG B 388 -4.26 30.15 15.51
N SER B 389 -4.28 30.22 16.84
CA SER B 389 -4.82 31.42 17.50
C SER B 389 -3.84 32.57 17.42
N CYS B 390 -2.54 32.29 17.50
CA CYS B 390 -1.54 33.35 17.38
C CYS B 390 -1.47 33.88 15.95
N PHE B 391 -1.50 32.98 14.96
CA PHE B 391 -1.45 33.40 13.57
C PHE B 391 -2.68 34.23 13.21
N GLN B 392 -3.85 33.81 13.68
CA GLN B 392 -5.06 34.59 13.45
C GLN B 392 -5.01 35.92 14.19
N ASP B 393 -4.38 35.95 15.36
CA ASP B 393 -4.22 37.20 16.09
C ASP B 393 -3.22 38.12 15.39
N HIS B 394 -2.13 37.55 14.88
CA HIS B 394 -1.18 38.34 14.10
C HIS B 394 -1.79 38.77 12.78
N MET B 395 -2.73 37.98 12.25
CA MET B 395 -3.40 38.35 11.00
C MET B 395 -4.28 39.58 11.20
N ILE B 396 -5.04 39.62 12.30
CA ILE B 396 -5.89 40.77 12.59
C ILE B 396 -5.04 41.98 12.98
N ARG B 397 -3.87 41.75 13.57
CA ARG B 397 -3.04 42.85 14.04
C ARG B 397 -2.46 43.66 12.89
N ASN B 398 -1.92 42.98 11.89
CA ASN B 398 -1.33 43.68 10.74
C ASN B 398 -2.40 44.30 9.87
N CYS B 399 -3.27 43.48 9.29
CA CYS B 399 -4.41 43.95 8.53
C CYS B 399 -5.70 43.71 9.31
N ASN B 400 -6.60 44.68 9.26
CA ASN B 400 -7.80 44.67 10.11
C ASN B 400 -8.83 43.67 9.59
N CYS B 401 -8.42 42.41 9.54
CA CYS B 401 -9.30 41.33 9.10
C CYS B 401 -8.68 40.00 9.51
N GLY B 402 -9.51 38.97 9.59
CA GLY B 402 -9.07 37.64 9.93
C GLY B 402 -9.25 36.69 8.77
N HIS B 403 -8.37 35.70 8.69
CA HIS B 403 -8.39 34.77 7.56
C HIS B 403 -9.62 33.87 7.64
N TYR B 404 -9.99 33.30 6.48
CA TYR B 404 -11.16 32.45 6.39
C TYR B 404 -10.90 31.04 6.93
N LEU B 405 -9.66 30.56 6.83
CA LEU B 405 -9.32 29.21 7.24
C LEU B 405 -9.10 29.08 8.75
N TYR B 406 -9.45 30.10 9.53
CA TYR B 406 -9.26 30.10 10.97
C TYR B 406 -10.48 30.72 11.62
N PRO B 407 -10.75 30.39 12.88
CA PRO B 407 -11.89 30.98 13.58
C PRO B 407 -11.75 32.50 13.69
N LEU B 408 -12.89 33.16 13.85
CA LEU B 408 -12.97 34.61 13.90
C LEU B 408 -13.52 35.05 15.25
N PRO B 409 -12.84 35.94 15.96
CA PRO B 409 -13.37 36.44 17.24
C PRO B 409 -14.65 37.23 17.03
N ARG B 410 -15.35 37.46 18.14
CA ARG B 410 -16.61 38.21 18.09
C ARG B 410 -16.32 39.69 17.84
N GLY B 411 -16.87 40.22 16.76
CA GLY B 411 -16.70 41.61 16.39
C GLY B 411 -15.80 41.83 15.19
N GLU B 412 -14.92 40.88 14.89
CA GLU B 412 -14.02 41.03 13.75
C GLU B 412 -14.75 40.70 12.45
N LYS B 413 -14.00 40.71 11.35
CA LYS B 413 -14.56 40.47 10.03
C LYS B 413 -13.55 39.71 9.19
N TYR B 414 -14.04 38.80 8.35
CA TYR B 414 -13.16 38.03 7.48
C TYR B 414 -12.52 38.94 6.43
N CYS B 415 -11.45 38.43 5.83
CA CYS B 415 -10.69 39.19 4.83
C CYS B 415 -11.38 39.05 3.47
N ASN B 416 -12.02 40.13 3.02
CA ASN B 416 -12.67 40.18 1.72
C ASN B 416 -11.88 41.09 0.80
N ASN B 417 -12.33 41.18 -0.45
CA ASN B 417 -11.71 42.06 -1.43
C ASN B 417 -12.42 43.41 -1.55
N ARG B 418 -13.71 43.47 -1.23
CA ARG B 418 -14.42 44.74 -1.28
C ARG B 418 -14.11 45.62 -0.08
N ASP B 419 -13.70 45.03 1.04
CA ASP B 419 -13.40 45.77 2.27
C ASP B 419 -11.91 45.99 2.47
N PHE B 420 -11.11 44.92 2.42
CA PHE B 420 -9.68 44.98 2.69
C PHE B 420 -8.94 44.41 1.49
N PRO B 421 -8.71 45.20 0.45
CA PRO B 421 -8.03 44.68 -0.75
C PRO B 421 -6.59 44.28 -0.51
N ASP B 422 -6.00 44.66 0.62
CA ASP B 422 -4.61 44.37 0.92
C ASP B 422 -4.43 43.04 1.65
N TRP B 423 -5.49 42.24 1.77
CA TRP B 423 -5.38 40.99 2.53
C TRP B 423 -4.55 39.95 1.80
N ALA B 424 -4.48 40.03 0.47
CA ALA B 424 -3.66 39.09 -0.29
C ALA B 424 -2.18 39.26 0.04
N HIS B 425 -1.71 40.51 0.07
CA HIS B 425 -0.33 40.76 0.46
C HIS B 425 -0.13 40.56 1.96
N CYS B 426 -1.17 40.84 2.75
CA CYS B 426 -1.08 40.67 4.20
C CYS B 426 -0.91 39.20 4.56
N TYR B 427 -1.74 38.33 3.98
CA TYR B 427 -1.68 36.90 4.32
C TYR B 427 -0.40 36.27 3.79
N SER B 428 0.09 36.74 2.63
CA SER B 428 1.29 36.15 2.05
C SER B 428 2.52 36.49 2.89
N ASP B 429 2.59 37.71 3.43
CA ASP B 429 3.73 38.09 4.24
C ASP B 429 3.75 37.37 5.58
N LEU B 430 2.61 36.85 6.04
CA LEU B 430 2.55 36.12 7.30
C LEU B 430 2.63 34.61 7.12
N GLN B 431 2.22 34.08 5.98
CA GLN B 431 2.34 32.66 5.72
C GLN B 431 3.78 32.28 5.40
N MET B 432 4.42 33.04 4.51
CA MET B 432 5.81 32.78 4.12
C MET B 432 6.75 33.64 4.96
N SER B 433 6.76 33.37 6.26
CA SER B 433 7.63 34.10 7.18
C SER B 433 7.98 33.16 8.32
N VAL B 434 9.21 32.63 8.31
CA VAL B 434 9.67 31.75 9.38
C VAL B 434 9.93 32.52 10.67
N ALA B 435 10.12 33.83 10.60
CA ALA B 435 10.40 34.61 11.79
C ALA B 435 9.21 34.60 12.75
N GLN B 436 8.01 34.88 12.22
CA GLN B 436 6.82 34.93 13.08
C GLN B 436 6.42 33.54 13.54
N ARG B 437 6.76 32.51 12.77
CA ARG B 437 6.46 31.14 13.20
C ARG B 437 7.25 30.76 14.44
N GLU B 438 8.52 31.16 14.50
CA GLU B 438 9.35 30.83 15.66
C GLU B 438 8.91 31.59 16.90
N THR B 439 8.36 32.79 16.72
CA THR B 439 7.92 33.59 17.86
C THR B 439 6.72 32.96 18.54
N CYS B 440 5.76 32.45 17.75
CA CYS B 440 4.55 31.88 18.33
C CYS B 440 4.85 30.53 18.99
N ILE B 441 5.79 29.76 18.44
CA ILE B 441 6.16 28.50 19.05
C ILE B 441 6.73 28.72 20.46
N GLY B 442 7.46 29.82 20.65
CA GLY B 442 7.99 30.12 21.97
C GLY B 442 6.90 30.53 22.94
N MET B 443 5.85 31.20 22.45
CA MET B 443 4.77 31.62 23.32
C MET B 443 3.84 30.46 23.67
N CYS B 444 3.62 29.53 22.75
CA CYS B 444 2.75 28.39 23.00
C CYS B 444 3.50 27.30 23.75
N LYS B 445 2.78 26.61 24.63
CA LYS B 445 3.34 25.52 25.41
C LYS B 445 2.65 24.22 25.05
N GLU B 446 3.34 23.10 25.30
CA GLU B 446 2.80 21.79 25.05
C GLU B 446 2.07 21.25 26.28
N SER B 447 1.28 20.20 26.06
CA SER B 447 0.58 19.54 27.14
C SER B 447 1.44 18.44 27.75
N CYS B 448 1.32 18.27 29.06
CA CYS B 448 2.12 17.27 29.75
C CYS B 448 1.65 15.85 29.39
N ASN B 449 0.37 15.70 29.07
CA ASN B 449 -0.20 14.41 28.70
C ASN B 449 -0.58 14.48 27.21
N ASP B 450 0.30 13.99 26.35
CA ASP B 450 0.04 13.91 24.93
C ASP B 450 -0.41 12.51 24.55
N THR B 451 -1.19 12.42 23.48
CA THR B 451 -1.76 11.15 23.03
C THR B 451 -1.67 11.04 21.53
N GLN B 452 -1.09 9.95 21.05
CA GLN B 452 -1.00 9.66 19.63
C GLN B 452 -1.66 8.31 19.35
N TYR B 453 -1.98 8.09 18.06
CA TYR B 453 -2.67 6.88 17.62
C TYR B 453 -1.84 6.25 16.50
N LYS B 454 -0.99 5.29 16.86
CA LYS B 454 -0.16 4.57 15.89
C LYS B 454 -1.04 3.57 15.16
N MET B 455 -1.70 4.05 14.10
CA MET B 455 -2.65 3.27 13.34
C MET B 455 -1.99 2.67 12.11
N THR B 456 -2.32 1.41 11.83
CA THR B 456 -1.84 0.71 10.64
C THR B 456 -2.96 0.60 9.63
N ILE B 457 -2.70 1.05 8.41
CA ILE B 457 -3.70 1.10 7.35
C ILE B 457 -3.51 -0.11 6.43
N SER B 458 -4.59 -0.85 6.19
CA SER B 458 -4.57 -1.99 5.28
C SER B 458 -5.86 -1.97 4.48
N MET B 459 -5.74 -1.94 3.16
CA MET B 459 -6.88 -1.78 2.27
C MET B 459 -7.07 -3.02 1.41
N ALA B 460 -8.27 -3.12 0.83
CA ALA B 460 -8.65 -4.21 -0.06
C ALA B 460 -9.92 -3.82 -0.78
N ASP B 461 -10.03 -4.23 -2.05
CA ASP B 461 -11.20 -3.89 -2.86
C ASP B 461 -12.45 -4.47 -2.24
N TRP B 462 -13.33 -3.60 -1.73
CA TRP B 462 -14.50 -4.04 -0.98
C TRP B 462 -15.61 -4.55 -1.90
N PRO B 463 -16.09 -3.78 -2.89
CA PRO B 463 -17.21 -4.27 -3.72
C PRO B 463 -16.74 -5.37 -4.65
N SER B 464 -17.12 -6.61 -4.34
CA SER B 464 -16.78 -7.75 -5.16
C SER B 464 -17.73 -7.85 -6.36
N GLU B 465 -17.28 -8.60 -7.38
CA GLU B 465 -18.11 -8.75 -8.57
C GLU B 465 -19.40 -9.51 -8.29
N ALA B 466 -19.41 -10.34 -7.24
CA ALA B 466 -20.59 -11.10 -6.90
C ALA B 466 -21.55 -10.36 -5.97
N SER B 467 -21.04 -9.43 -5.17
CA SER B 467 -21.85 -8.70 -4.22
C SER B 467 -22.11 -7.26 -4.63
N GLU B 468 -21.54 -6.81 -5.75
CA GLU B 468 -21.76 -5.43 -6.18
C GLU B 468 -23.20 -5.18 -6.59
N ASP B 469 -23.91 -6.23 -7.01
CA ASP B 469 -25.28 -6.05 -7.49
C ASP B 469 -26.23 -5.68 -6.35
N TRP B 470 -26.26 -6.52 -5.30
CA TRP B 470 -27.25 -6.32 -4.24
C TRP B 470 -26.83 -5.21 -3.28
N ILE B 471 -25.53 -5.02 -3.08
CA ILE B 471 -25.07 -3.98 -2.15
C ILE B 471 -25.44 -2.60 -2.67
N PHE B 472 -25.10 -2.32 -3.94
CA PHE B 472 -25.39 -1.01 -4.51
C PHE B 472 -26.89 -0.81 -4.70
N HIS B 473 -27.65 -1.89 -4.83
CA HIS B 473 -29.11 -1.75 -4.97
C HIS B 473 -29.75 -1.40 -3.64
N VAL B 474 -29.22 -1.92 -2.54
CA VAL B 474 -29.77 -1.61 -1.22
C VAL B 474 -29.42 -0.18 -0.81
N LEU B 475 -28.15 0.20 -0.99
CA LEU B 475 -27.72 1.54 -0.61
C LEU B 475 -28.43 2.61 -1.42
N SER B 476 -28.64 2.35 -2.71
CA SER B 476 -29.35 3.32 -3.54
C SER B 476 -30.83 3.39 -3.16
N GLN B 477 -31.40 2.28 -2.72
CA GLN B 477 -32.80 2.28 -2.31
C GLN B 477 -33.02 3.06 -1.02
N GLU B 478 -32.05 3.00 -0.09
CA GLU B 478 -32.18 3.73 1.17
C GLU B 478 -31.91 5.22 0.99
N ARG B 479 -30.93 5.57 0.17
CA ARG B 479 -30.58 6.97 -0.01
C ARG B 479 -31.64 7.70 -0.82
N ASP B 480 -31.95 7.20 -2.02
CA ASP B 480 -32.93 7.85 -2.87
C ASP B 480 -34.33 7.73 -2.30
N GLN B 481 -34.81 6.51 -2.10
CA GLN B 481 -36.14 6.28 -1.56
C GLN B 481 -36.09 6.03 -0.06
N THR B 486 -26.40 6.60 -9.08
CA THR B 486 -25.90 7.60 -8.14
C THR B 486 -24.73 7.04 -7.33
N LEU B 487 -24.57 5.71 -7.36
CA LEU B 487 -23.51 5.02 -6.63
C LEU B 487 -22.70 4.18 -7.58
N SER B 488 -21.38 4.27 -7.47
CA SER B 488 -20.47 3.52 -8.32
C SER B 488 -19.24 3.15 -7.50
N ARG B 489 -18.21 2.62 -8.19
CA ARG B 489 -16.98 2.25 -7.50
C ARG B 489 -16.26 3.46 -6.93
N LYS B 490 -16.41 4.63 -7.57
CA LYS B 490 -15.73 5.83 -7.12
C LYS B 490 -16.45 6.51 -5.97
N GLY B 491 -17.64 6.06 -5.60
CA GLY B 491 -18.41 6.71 -4.56
C GLY B 491 -18.33 6.05 -3.20
N ILE B 492 -18.49 4.73 -3.16
CA ILE B 492 -18.59 4.02 -1.89
C ILE B 492 -17.22 3.84 -1.27
N VAL B 493 -17.13 4.12 0.04
CA VAL B 493 -15.91 3.94 0.82
C VAL B 493 -16.24 3.12 2.05
N LYS B 494 -15.43 2.10 2.31
CA LYS B 494 -15.61 1.21 3.45
C LYS B 494 -14.47 1.42 4.44
N LEU B 495 -14.82 1.60 5.71
CA LEU B 495 -13.85 1.86 6.76
C LEU B 495 -14.08 0.90 7.92
N ASN B 496 -13.03 0.23 8.35
CA ASN B 496 -13.08 -0.69 9.49
C ASN B 496 -12.03 -0.25 10.51
N ILE B 497 -12.46 0.55 11.48
CA ILE B 497 -11.58 1.02 12.55
C ILE B 497 -11.77 0.14 13.77
N TYR B 498 -10.67 -0.27 14.39
CA TYR B 498 -10.71 -1.23 15.49
C TYR B 498 -9.41 -1.13 16.27
N PHE B 499 -9.34 -1.88 17.36
CA PHE B 499 -8.15 -1.98 18.19
C PHE B 499 -7.39 -3.26 17.85
N GLN B 500 -6.07 -3.18 17.90
CA GLN B 500 -5.21 -4.32 17.61
C GLN B 500 -5.12 -5.21 18.85
N GLU B 501 -4.21 -6.19 18.83
CA GLU B 501 -4.00 -7.04 19.99
C GLU B 501 -3.52 -6.21 21.18
N PHE B 502 -2.67 -5.23 20.94
CA PHE B 502 -2.25 -4.27 21.96
C PHE B 502 -2.77 -2.90 21.55
N ASN B 503 -3.66 -2.32 22.37
CA ASN B 503 -4.33 -1.09 22.01
C ASN B 503 -3.76 0.15 22.70
N TYR B 504 -2.84 -0.03 23.65
CA TYR B 504 -2.27 1.12 24.34
C TYR B 504 -0.80 0.87 24.62
N ARG B 505 -0.02 1.95 24.67
CA ARG B 505 1.40 1.90 24.98
C ARG B 505 1.74 3.18 25.73
N THR B 506 1.72 3.11 27.05
CA THR B 506 1.90 4.27 27.91
C THR B 506 3.35 4.39 28.37
N ILE B 507 3.87 5.62 28.31
CA ILE B 507 5.21 5.93 28.79
C ILE B 507 5.04 7.03 29.84
N GLU B 508 5.07 6.65 31.11
CA GLU B 508 4.83 7.56 32.21
C GLU B 508 6.13 7.93 32.91
N GLU B 509 6.27 9.21 33.25
CA GLU B 509 7.43 9.73 33.96
C GLU B 509 7.06 9.97 35.41
N SER B 510 7.89 9.45 36.32
CA SER B 510 7.67 9.59 37.76
C SER B 510 8.92 10.19 38.40
N ALA B 511 8.69 11.06 39.39
CA ALA B 511 9.78 11.72 40.10
C ALA B 511 10.44 10.72 41.05
N ALA B 512 11.70 10.40 40.80
CA ALA B 512 12.42 9.45 41.65
C ALA B 512 13.90 9.82 41.72
N THR C 80 25.67 1.41 35.31
CA THR C 80 24.25 1.44 35.07
C THR C 80 23.84 2.68 34.29
N VAL C 81 22.85 2.54 33.41
CA VAL C 81 22.37 3.64 32.60
C VAL C 81 20.91 3.92 32.95
N SER C 82 20.45 5.10 32.57
CA SER C 82 19.07 5.51 32.81
C SER C 82 18.55 6.24 31.58
N VAL C 83 17.43 5.76 31.04
CA VAL C 83 16.85 6.36 29.85
C VAL C 83 16.06 7.61 30.24
N SER C 84 15.98 8.57 29.32
CA SER C 84 15.24 9.81 29.53
C SER C 84 14.60 10.20 28.22
N ILE C 85 13.30 9.99 28.12
CA ILE C 85 12.53 10.30 26.91
C ILE C 85 11.94 11.69 27.07
N LYS C 86 12.39 12.63 26.24
CA LYS C 86 11.90 14.00 26.28
C LYS C 86 11.62 14.47 24.86
N VAL C 87 10.51 15.19 24.68
CA VAL C 87 10.10 15.67 23.38
C VAL C 87 10.34 17.17 23.29
N HIS C 88 10.61 17.64 22.08
CA HIS C 88 10.83 19.05 21.81
C HIS C 88 9.90 19.51 20.71
N PHE C 89 9.48 20.77 20.79
CA PHE C 89 8.60 21.37 19.80
C PHE C 89 9.28 22.63 19.27
N ARG C 90 9.99 22.49 18.15
CA ARG C 90 10.69 23.61 17.53
C ARG C 90 10.90 23.29 16.06
N LYS C 91 11.56 24.21 15.36
CA LYS C 91 11.86 24.01 13.95
C LYS C 91 12.94 22.94 13.80
N LEU C 92 12.58 21.84 13.14
CA LEU C 92 13.49 20.71 12.95
C LEU C 92 13.85 20.59 11.48
N ASP C 93 14.99 19.96 11.22
CA ASP C 93 15.49 19.82 9.86
C ASP C 93 14.66 18.80 9.07
N PHE C 94 14.63 18.99 7.76
CA PHE C 94 13.92 18.07 6.86
C PHE C 94 14.90 17.08 6.28
N PRO C 95 14.61 15.79 6.32
CA PRO C 95 15.57 14.77 5.86
C PRO C 95 15.66 14.75 4.34
N ALA C 96 16.56 13.90 3.85
CA ALA C 96 16.74 13.72 2.41
C ALA C 96 15.80 12.64 1.90
N VAL C 97 15.15 12.92 0.78
CA VAL C 97 14.18 12.00 0.17
C VAL C 97 14.78 11.49 -1.12
N THR C 98 15.24 10.23 -1.11
CA THR C 98 15.86 9.62 -2.28
C THR C 98 14.77 9.07 -3.19
N ILE C 99 14.23 9.95 -4.02
CA ILE C 99 13.22 9.54 -4.99
C ILE C 99 13.87 8.77 -6.12
N CYS C 100 13.26 7.64 -6.50
CA CYS C 100 13.85 6.80 -7.53
C CYS C 100 12.77 5.92 -8.14
N ASN C 101 12.81 5.79 -9.45
CA ASN C 101 11.90 4.92 -10.19
C ASN C 101 12.43 3.49 -10.19
N ILE C 102 11.52 2.52 -10.08
CA ILE C 102 11.93 1.13 -10.05
C ILE C 102 12.44 0.66 -11.40
N ASN C 103 12.08 1.35 -12.48
CA ASN C 103 12.61 1.05 -13.80
C ASN C 103 13.92 1.81 -14.00
N PRO C 104 15.05 1.11 -14.08
CA PRO C 104 16.34 1.81 -14.14
C PRO C 104 16.54 2.62 -15.42
N TYR C 105 16.34 1.97 -16.57
CA TYR C 105 16.57 2.62 -17.85
C TYR C 105 15.38 2.39 -18.77
N LYS C 106 15.12 3.36 -19.65
CA LYS C 106 14.11 3.19 -20.67
C LYS C 106 14.49 2.03 -21.58
N TYR C 107 13.53 1.12 -21.79
CA TYR C 107 13.84 -0.09 -22.55
C TYR C 107 14.20 0.22 -24.00
N SER C 108 13.70 1.33 -24.54
CA SER C 108 14.07 1.74 -25.89
C SER C 108 15.52 2.19 -25.97
N THR C 109 16.11 2.61 -24.85
CA THR C 109 17.48 3.09 -24.83
C THR C 109 18.49 1.95 -24.65
N VAL C 110 18.18 0.99 -23.79
CA VAL C 110 19.07 -0.13 -23.53
C VAL C 110 18.63 -1.38 -24.27
N ARG C 111 17.86 -1.24 -25.34
CA ARG C 111 17.43 -2.40 -26.11
C ARG C 111 18.59 -3.02 -26.86
N HIS C 112 19.53 -2.20 -27.36
CA HIS C 112 20.66 -2.72 -28.10
C HIS C 112 21.62 -3.50 -27.20
N LEU C 113 21.66 -3.17 -25.91
CA LEU C 113 22.51 -3.91 -24.98
C LEU C 113 21.87 -5.22 -24.56
N LEU C 114 20.54 -5.22 -24.41
CA LEU C 114 19.79 -6.40 -23.97
C LEU C 114 19.02 -7.03 -25.11
N ALA C 115 19.52 -6.90 -26.34
CA ALA C 115 18.84 -7.49 -27.48
C ALA C 115 18.95 -9.01 -27.48
N ASP C 116 20.18 -9.52 -27.34
CA ASP C 116 20.37 -10.97 -27.30
C ASP C 116 19.82 -11.57 -26.01
N LEU C 117 19.81 -10.80 -24.92
CA LEU C 117 19.25 -11.30 -23.68
C LEU C 117 17.73 -11.44 -23.78
N GLU C 118 17.07 -10.49 -24.45
CA GLU C 118 15.63 -10.60 -24.65
C GLU C 118 15.29 -11.75 -25.58
N GLN C 119 16.09 -11.95 -26.62
CA GLN C 119 15.86 -13.06 -27.55
C GLN C 119 16.04 -14.40 -26.86
N GLU C 120 17.10 -14.52 -26.04
CA GLU C 120 17.34 -15.76 -25.32
C GLU C 120 16.29 -16.00 -24.25
N THR C 121 15.71 -14.94 -23.69
CA THR C 121 14.68 -15.09 -22.68
C THR C 121 13.39 -15.61 -23.28
N ARG C 122 12.98 -15.04 -24.42
CA ARG C 122 11.75 -15.46 -25.07
C ARG C 122 11.86 -16.89 -25.62
N GLU C 123 13.07 -17.29 -26.03
CA GLU C 123 13.27 -18.66 -26.47
C GLU C 123 13.11 -19.63 -25.31
N ALA C 124 13.41 -19.20 -24.08
CA ALA C 124 13.20 -20.06 -22.93
C ALA C 124 11.72 -20.23 -22.62
N LEU C 125 10.92 -19.20 -22.92
CA LEU C 125 9.47 -19.30 -22.69
C LEU C 125 8.83 -20.27 -23.67
N LYS C 126 9.23 -20.21 -24.94
CA LYS C 126 8.62 -21.06 -25.95
C LYS C 126 9.08 -22.52 -25.83
N SER C 127 10.26 -22.74 -25.22
CA SER C 127 10.78 -24.09 -25.08
C SER C 127 10.35 -24.73 -23.77
N LEU C 128 10.60 -24.06 -22.64
CA LEU C 128 10.28 -24.65 -21.35
C LEU C 128 8.78 -24.63 -21.09
N TYR C 129 8.13 -23.48 -21.30
CA TYR C 129 6.73 -23.32 -20.99
C TYR C 129 5.82 -23.50 -22.21
N GLY C 130 6.37 -23.58 -23.41
CA GLY C 130 5.58 -23.84 -24.59
C GLY C 130 4.64 -22.72 -24.98
N PHE C 131 5.17 -21.52 -25.16
CA PHE C 131 4.36 -20.41 -25.62
C PHE C 131 4.04 -20.57 -27.11
N PRO C 132 2.85 -20.13 -27.53
CA PRO C 132 2.47 -20.32 -28.94
C PRO C 132 3.23 -19.45 -29.91
N GLU C 133 3.98 -18.45 -29.43
CA GLU C 133 4.75 -17.55 -30.28
C GLU C 133 3.89 -16.86 -31.32
N PRO C 152 29.85 -5.46 -23.50
CA PRO C 152 28.68 -6.10 -22.90
C PRO C 152 28.06 -7.16 -23.81
N ARG C 153 28.32 -8.43 -23.52
CA ARG C 153 27.82 -9.54 -24.31
C ARG C 153 27.13 -10.55 -23.41
N PHE C 154 26.25 -11.35 -24.00
CA PHE C 154 25.53 -12.38 -23.29
C PHE C 154 26.31 -13.69 -23.32
N SER C 155 26.26 -14.43 -22.21
CA SER C 155 26.95 -15.70 -22.07
C SER C 155 25.93 -16.83 -21.98
N HIS C 156 26.11 -17.86 -22.79
CA HIS C 156 25.22 -19.01 -22.80
C HIS C 156 25.64 -20.10 -21.83
N ARG C 157 26.43 -19.75 -20.81
CA ARG C 157 26.91 -20.70 -19.83
C ARG C 157 25.93 -20.94 -18.68
N ILE C 158 24.93 -20.07 -18.51
CA ILE C 158 23.95 -20.22 -17.45
C ILE C 158 22.56 -20.26 -18.08
N PRO C 159 22.14 -21.38 -18.66
CA PRO C 159 20.82 -21.46 -19.27
C PRO C 159 19.77 -22.01 -18.32
N LEU C 160 18.51 -21.87 -18.72
CA LEU C 160 17.41 -22.43 -17.96
C LEU C 160 17.22 -23.90 -18.30
N LEU C 161 17.15 -24.74 -17.27
CA LEU C 161 17.01 -26.17 -17.44
C LEU C 161 15.76 -26.64 -16.70
N ILE C 162 15.40 -27.91 -16.93
CA ILE C 162 14.25 -28.52 -16.29
C ILE C 162 14.76 -29.58 -15.32
N PHE C 163 14.47 -29.37 -14.03
CA PHE C 163 14.93 -30.27 -12.97
C PHE C 163 13.77 -31.12 -12.47
N ASP C 164 14.11 -32.21 -11.79
CA ASP C 164 13.12 -33.11 -11.24
C ASP C 164 12.78 -32.76 -9.79
N GLN C 200 8.10 -30.47 -13.40
CA GLN C 200 7.64 -29.15 -13.83
C GLN C 200 8.44 -28.06 -13.15
N VAL C 201 9.50 -28.44 -12.44
CA VAL C 201 10.37 -27.50 -11.76
C VAL C 201 11.51 -27.13 -12.69
N VAL C 202 11.70 -25.83 -12.88
CA VAL C 202 12.76 -25.31 -13.76
C VAL C 202 13.69 -24.43 -12.94
N GLY C 203 14.89 -24.24 -13.47
CA GLY C 203 15.86 -23.41 -12.78
C GLY C 203 17.19 -23.43 -13.50
N PHE C 204 18.22 -22.97 -12.79
CA PHE C 204 19.57 -22.92 -13.32
C PHE C 204 20.56 -23.23 -12.21
N GLN C 205 21.75 -23.66 -12.60
CA GLN C 205 22.80 -24.02 -11.66
C GLN C 205 24.05 -23.21 -11.95
N LEU C 206 24.80 -22.89 -10.90
CA LEU C 206 26.03 -22.13 -10.98
C LEU C 206 27.20 -23.03 -10.56
N CYS C 207 27.96 -23.51 -11.53
CA CYS C 207 29.07 -24.41 -11.28
C CYS C 207 30.38 -23.63 -11.15
N SER C 208 31.41 -24.32 -10.67
CA SER C 208 32.73 -23.75 -10.49
C SER C 208 33.60 -24.05 -11.71
N ASN C 209 34.88 -23.73 -11.61
CA ASN C 209 35.79 -23.99 -12.72
C ASN C 209 36.00 -25.49 -12.94
N ASP C 210 36.24 -26.23 -11.85
CA ASP C 210 36.41 -27.67 -11.95
C ASP C 210 35.11 -28.42 -12.16
N THR C 211 33.97 -27.73 -12.10
CA THR C 211 32.65 -28.33 -12.30
C THR C 211 32.39 -29.47 -11.31
N SER C 212 32.99 -29.38 -10.13
CA SER C 212 32.76 -30.40 -9.11
C SER C 212 31.47 -30.14 -8.34
N ASP C 213 31.22 -28.89 -7.97
CA ASP C 213 30.03 -28.50 -7.25
C ASP C 213 29.29 -27.42 -8.04
N CYS C 214 27.97 -27.48 -8.02
CA CYS C 214 27.12 -26.54 -8.74
C CYS C 214 26.03 -26.03 -7.81
N ALA C 215 25.97 -24.72 -7.65
CA ALA C 215 24.92 -24.10 -6.83
C ALA C 215 23.67 -23.93 -7.69
N THR C 216 22.66 -24.76 -7.43
CA THR C 216 21.44 -24.77 -8.22
C THR C 216 20.34 -23.97 -7.54
N TYR C 217 19.47 -23.38 -8.35
CA TYR C 217 18.33 -22.61 -7.88
C TYR C 217 17.09 -23.11 -8.61
N THR C 218 16.20 -23.78 -7.90
CA THR C 218 14.98 -24.33 -8.46
C THR C 218 13.83 -23.35 -8.28
N PHE C 219 12.88 -23.39 -9.22
CA PHE C 219 11.73 -22.51 -9.20
C PHE C 219 10.47 -23.31 -9.50
N SER C 220 9.41 -23.03 -8.76
CA SER C 220 8.12 -23.66 -8.97
C SER C 220 7.17 -22.79 -9.80
N SER C 221 7.47 -21.51 -9.96
CA SER C 221 6.66 -20.59 -10.74
C SER C 221 7.43 -20.13 -11.97
N GLY C 222 6.70 -19.89 -13.06
CA GLY C 222 7.31 -19.48 -14.31
C GLY C 222 7.78 -18.05 -14.31
N ILE C 223 6.92 -17.13 -13.86
CA ILE C 223 7.28 -15.72 -13.83
C ILE C 223 8.38 -15.46 -12.80
N ASN C 224 8.41 -16.26 -11.73
CA ASN C 224 9.47 -16.11 -10.74
C ASN C 224 10.81 -16.59 -11.27
N ALA C 225 10.81 -17.61 -12.13
CA ALA C 225 12.06 -18.13 -12.68
C ALA C 225 12.64 -17.16 -13.71
N ILE C 226 11.79 -16.55 -14.53
CA ILE C 226 12.28 -15.67 -15.59
C ILE C 226 12.88 -14.40 -14.99
N GLN C 227 12.20 -13.81 -14.00
CA GLN C 227 12.69 -12.57 -13.41
C GLN C 227 14.02 -12.77 -12.69
N GLU C 228 14.20 -13.91 -12.05
CA GLU C 228 15.47 -14.18 -11.38
C GLU C 228 16.57 -14.50 -12.38
N TRP C 229 16.23 -15.23 -13.45
CA TRP C 229 17.24 -15.56 -14.45
C TRP C 229 17.60 -14.34 -15.29
N TYR C 230 16.61 -13.50 -15.62
CA TYR C 230 16.89 -12.29 -16.38
C TYR C 230 17.72 -11.31 -15.57
N LYS C 231 17.41 -11.16 -14.28
CA LYS C 231 18.19 -10.25 -13.43
C LYS C 231 19.61 -10.75 -13.23
N LEU C 232 19.81 -12.07 -13.28
CA LEU C 232 21.16 -12.62 -13.13
C LEU C 232 22.06 -12.19 -14.28
N HIS C 233 21.55 -12.24 -15.51
CA HIS C 233 22.33 -11.80 -16.66
C HIS C 233 22.31 -10.27 -16.79
N TYR C 234 21.24 -9.63 -16.33
CA TYR C 234 21.18 -8.17 -16.40
C TYR C 234 22.24 -7.52 -15.53
N MET C 235 22.46 -8.07 -14.32
CA MET C 235 23.49 -7.55 -13.45
C MET C 235 24.89 -7.79 -13.99
N ASN C 236 25.06 -8.74 -14.91
CA ASN C 236 26.37 -9.03 -15.49
C ASN C 236 26.59 -8.32 -16.81
N ILE C 237 25.52 -8.01 -17.54
CA ILE C 237 25.68 -7.24 -18.78
C ILE C 237 25.91 -5.77 -18.48
N MET C 238 25.18 -5.22 -17.50
CA MET C 238 25.35 -3.83 -17.12
C MET C 238 26.58 -3.58 -16.27
N ALA C 239 27.24 -4.63 -15.78
CA ALA C 239 28.45 -4.45 -14.97
C ALA C 239 29.68 -4.16 -15.82
N GLN C 240 29.66 -4.50 -17.10
CA GLN C 240 30.76 -4.23 -18.01
C GLN C 240 30.48 -3.03 -18.90
N VAL C 241 29.55 -2.17 -18.51
CA VAL C 241 29.25 -0.93 -19.22
C VAL C 241 29.83 0.23 -18.41
N PRO C 242 30.52 1.17 -19.04
CA PRO C 242 31.09 2.29 -18.28
C PRO C 242 30.03 3.09 -17.55
N LEU C 243 30.43 3.63 -16.40
CA LEU C 243 29.48 4.34 -15.54
C LEU C 243 28.96 5.61 -16.21
N GLU C 244 29.82 6.30 -16.96
CA GLU C 244 29.39 7.54 -17.61
C GLU C 244 28.32 7.27 -18.66
N LYS C 245 28.40 6.12 -19.34
CA LYS C 245 27.38 5.78 -20.32
C LYS C 245 26.07 5.38 -19.66
N LYS C 246 26.16 4.70 -18.51
CA LYS C 246 24.95 4.26 -17.81
C LYS C 246 24.15 5.44 -17.28
N ILE C 247 24.83 6.46 -16.75
CA ILE C 247 24.14 7.63 -16.23
C ILE C 247 23.43 8.39 -17.36
N ASN C 248 24.04 8.41 -18.55
CA ASN C 248 23.42 9.13 -19.66
C ASN C 248 22.19 8.40 -20.20
N MET C 249 22.17 7.07 -20.10
CA MET C 249 21.03 6.29 -20.61
C MET C 249 19.85 6.26 -19.65
N SER C 250 20.06 6.60 -18.37
CA SER C 250 18.99 6.55 -17.39
C SER C 250 18.17 7.84 -17.46
N TYR C 251 17.27 8.02 -16.50
CA TYR C 251 16.41 9.19 -16.48
C TYR C 251 17.19 10.42 -15.98
N SER C 252 16.71 11.59 -16.39
CA SER C 252 17.28 12.85 -15.95
C SER C 252 16.41 13.46 -14.85
N ALA C 253 16.93 14.53 -14.24
CA ALA C 253 16.20 15.18 -13.16
C ALA C 253 14.94 15.88 -13.65
N GLU C 254 14.97 16.40 -14.87
CA GLU C 254 13.81 17.08 -15.44
C GLU C 254 12.80 16.11 -16.04
N GLU C 255 13.22 14.90 -16.39
CA GLU C 255 12.31 13.93 -16.99
C GLU C 255 11.52 13.18 -15.93
N LEU C 256 12.16 12.83 -14.81
CA LEU C 256 11.48 12.10 -13.75
C LEU C 256 10.55 12.98 -12.94
N LEU C 257 10.89 14.26 -12.79
CA LEU C 257 10.13 15.19 -11.97
C LEU C 257 9.28 16.09 -12.86
N VAL C 258 8.01 16.26 -12.48
CA VAL C 258 7.09 17.15 -13.17
C VAL C 258 6.83 18.43 -12.38
N THR C 259 6.62 18.31 -11.08
CA THR C 259 6.34 19.46 -10.24
C THR C 259 7.02 19.26 -8.88
N CYS C 260 7.71 20.30 -8.42
CA CYS C 260 8.38 20.28 -7.12
C CYS C 260 7.81 21.40 -6.26
N PHE C 261 7.67 21.12 -4.97
CA PHE C 261 7.06 22.07 -4.04
C PHE C 261 7.46 21.71 -2.63
N PHE C 262 7.90 22.70 -1.85
CA PHE C 262 8.33 22.46 -0.48
C PHE C 262 8.22 23.74 0.31
N ASP C 263 7.34 23.76 1.30
CA ASP C 263 7.20 24.89 2.23
C ASP C 263 6.90 26.18 1.47
N GLY C 264 5.90 26.15 0.61
CA GLY C 264 5.50 27.34 -0.15
C GLY C 264 6.33 27.66 -1.37
N VAL C 265 7.65 27.72 -1.22
CA VAL C 265 8.52 28.02 -2.36
C VAL C 265 8.60 26.80 -3.28
N SER C 266 8.55 27.04 -4.58
CA SER C 266 8.57 25.98 -5.57
C SER C 266 10.00 25.64 -5.94
N CYS C 267 10.35 24.36 -5.88
CA CYS C 267 11.68 23.89 -6.22
C CYS C 267 11.71 23.41 -7.67
N ASP C 268 12.91 23.04 -8.13
CA ASP C 268 13.12 22.61 -9.51
C ASP C 268 14.11 21.44 -9.51
N ALA C 269 14.50 21.01 -10.70
CA ALA C 269 15.41 19.88 -10.84
C ALA C 269 16.81 20.19 -10.32
N ARG C 270 17.18 21.46 -10.22
CA ARG C 270 18.50 21.81 -9.69
C ARG C 270 18.61 21.53 -8.20
N ASN C 271 17.49 21.41 -7.49
CA ASN C 271 17.48 21.15 -6.06
C ASN C 271 17.65 19.68 -5.71
N PHE C 272 17.94 18.83 -6.69
CA PHE C 272 18.09 17.40 -6.47
C PHE C 272 19.49 16.96 -6.84
N THR C 273 20.06 16.07 -6.03
CA THR C 273 21.41 15.56 -6.22
C THR C 273 21.35 14.19 -6.87
N LEU C 274 22.24 13.97 -7.84
CA LEU C 274 22.27 12.70 -8.55
C LEU C 274 22.78 11.58 -7.65
N PHE C 275 22.18 10.40 -7.80
CA PHE C 275 22.59 9.22 -7.04
C PHE C 275 22.30 8.00 -7.91
N HIS C 276 23.32 7.48 -8.56
CA HIS C 276 23.14 6.36 -9.49
C HIS C 276 23.10 5.05 -8.72
N HIS C 277 22.02 4.29 -8.90
CA HIS C 277 21.86 3.00 -8.28
C HIS C 277 21.93 1.91 -9.35
N PRO C 278 22.63 0.81 -9.10
CA PRO C 278 22.78 -0.22 -10.14
C PRO C 278 21.49 -0.90 -10.53
N MET C 279 20.47 -0.89 -9.66
CA MET C 279 19.21 -1.56 -9.94
C MET C 279 18.11 -0.61 -10.36
N HIS C 280 18.04 0.59 -9.78
CA HIS C 280 16.98 1.55 -10.06
C HIS C 280 17.44 2.70 -10.94
N GLY C 281 18.62 2.61 -11.53
CA GLY C 281 19.11 3.66 -12.40
C GLY C 281 19.62 4.88 -11.67
N ASN C 282 19.04 6.03 -11.93
CA ASN C 282 19.46 7.29 -11.31
C ASN C 282 18.43 7.70 -10.27
N CYS C 283 18.87 7.87 -9.02
CA CYS C 283 18.04 8.37 -7.94
C CYS C 283 18.41 9.81 -7.63
N TYR C 284 17.43 10.57 -7.17
CA TYR C 284 17.61 11.99 -6.89
C TYR C 284 17.13 12.29 -5.48
N THR C 285 18.04 12.81 -4.66
CA THR C 285 17.74 13.17 -3.28
C THR C 285 17.38 14.65 -3.19
N PHE C 286 16.36 14.96 -2.38
CA PHE C 286 15.91 16.35 -2.26
C PHE C 286 16.94 17.18 -1.51
N ASN C 287 17.28 16.78 -0.30
CA ASN C 287 18.32 17.46 0.47
C ASN C 287 19.68 16.84 0.15
N ASN C 288 20.67 17.11 1.01
CA ASN C 288 21.99 16.52 0.90
C ASN C 288 22.69 16.92 -0.40
N ARG C 289 22.92 18.23 -0.59
CA ARG C 289 23.75 18.72 -1.67
C ARG C 289 24.87 19.56 -1.08
N GLU C 290 26.05 19.46 -1.70
CA GLU C 290 27.24 20.08 -1.15
C GLU C 290 27.15 21.60 -1.21
N ASN C 291 27.69 22.26 -0.18
CA ASN C 291 27.74 23.72 -0.08
C ASN C 291 26.34 24.34 -0.17
N GLU C 292 25.50 23.94 0.79
CA GLU C 292 24.14 24.45 0.89
C GLU C 292 23.59 24.09 2.26
N THR C 293 22.79 25.00 2.81
CA THR C 293 22.19 24.77 4.11
C THR C 293 21.10 23.71 4.03
N ILE C 294 20.83 23.08 5.17
CA ILE C 294 19.82 22.03 5.25
C ILE C 294 18.46 22.68 5.42
N LEU C 295 17.50 22.28 4.58
CA LEU C 295 16.16 22.82 4.68
C LEU C 295 15.46 22.30 5.93
N SER C 296 14.81 23.20 6.65
CA SER C 296 14.11 22.86 7.89
C SER C 296 12.67 23.35 7.81
N THR C 297 11.76 22.56 8.38
CA THR C 297 10.35 22.90 8.40
C THR C 297 9.97 23.48 9.75
N SER C 298 9.17 24.55 9.74
CA SER C 298 8.74 25.22 10.96
C SER C 298 7.24 25.18 11.14
N MET C 299 6.49 24.62 10.20
CA MET C 299 5.03 24.52 10.31
C MET C 299 4.61 23.16 9.77
N GLY C 300 4.06 22.33 10.63
CA GLY C 300 3.63 21.01 10.20
C GLY C 300 2.41 21.05 9.31
N GLY C 301 2.22 19.97 8.56
CA GLY C 301 1.10 19.87 7.65
C GLY C 301 1.48 19.34 6.29
N SER C 302 0.49 18.88 5.52
CA SER C 302 0.75 18.32 4.20
C SER C 302 1.06 19.38 3.15
N GLU C 303 0.75 20.64 3.43
CA GLU C 303 0.97 21.72 2.47
C GLU C 303 2.30 22.44 2.66
N TYR C 304 2.87 22.41 3.87
CA TYR C 304 4.14 23.04 4.14
C TYR C 304 5.31 22.05 4.09
N GLY C 305 5.12 20.91 3.42
CA GLY C 305 6.17 19.93 3.30
C GLY C 305 6.51 19.62 1.85
N LEU C 306 7.23 18.53 1.63
CA LEU C 306 7.59 18.14 0.27
C LEU C 306 6.34 17.66 -0.48
N GLN C 307 6.13 18.23 -1.67
CA GLN C 307 4.97 17.90 -2.52
C GLN C 307 5.48 17.80 -3.95
N VAL C 308 5.81 16.58 -4.37
CA VAL C 308 6.41 16.33 -5.67
C VAL C 308 5.48 15.47 -6.50
N ILE C 309 5.51 15.68 -7.82
CA ILE C 309 4.73 14.91 -8.78
C ILE C 309 5.72 14.21 -9.70
N LEU C 310 5.71 12.88 -9.68
CA LEU C 310 6.66 12.07 -10.42
C LEU C 310 6.08 11.59 -11.73
N TYR C 311 6.94 11.49 -12.74
CA TYR C 311 6.57 10.96 -14.06
C TYR C 311 7.15 9.55 -14.18
N ILE C 312 6.26 8.58 -14.32
CA ILE C 312 6.65 7.18 -14.42
C ILE C 312 6.12 6.66 -15.75
N ASN C 313 6.97 6.69 -16.77
CA ASN C 313 6.58 6.26 -18.12
C ASN C 313 6.49 4.74 -18.12
N GLU C 314 5.28 4.22 -17.96
CA GLU C 314 5.07 2.78 -17.90
C GLU C 314 5.25 2.10 -19.24
N GLU C 315 5.24 2.84 -20.35
CA GLU C 315 5.39 2.24 -21.67
C GLU C 315 6.82 1.79 -21.96
N GLU C 316 7.81 2.36 -21.27
CA GLU C 316 9.20 2.00 -21.48
C GLU C 316 9.75 1.13 -20.34
N TYR C 317 8.88 0.40 -19.65
CA TYR C 317 9.32 -0.47 -18.58
C TYR C 317 9.91 -1.76 -19.13
N ASN C 318 10.92 -2.27 -18.44
CA ASN C 318 11.54 -3.53 -18.82
C ASN C 318 10.58 -4.68 -18.54
N PRO C 319 10.18 -5.46 -19.54
CA PRO C 319 9.17 -6.50 -19.29
C PRO C 319 9.64 -7.60 -18.35
N PHE C 320 10.91 -8.00 -18.41
CA PHE C 320 11.39 -9.13 -17.65
C PHE C 320 12.16 -8.75 -16.40
N LEU C 321 12.76 -7.55 -16.35
CA LEU C 321 13.56 -7.16 -15.20
C LEU C 321 12.67 -6.79 -14.01
N VAL C 322 11.84 -5.76 -14.19
CA VAL C 322 10.98 -5.25 -13.13
C VAL C 322 9.56 -5.72 -13.38
N SER C 323 8.88 -6.16 -12.31
CA SER C 323 7.53 -6.68 -12.42
C SER C 323 6.48 -5.58 -12.23
N SER C 324 6.53 -4.89 -11.09
CA SER C 324 5.54 -3.87 -10.77
C SER C 324 5.87 -2.57 -11.50
N THR C 325 5.02 -1.57 -11.30
CA THR C 325 5.22 -0.24 -11.87
C THR C 325 4.97 0.81 -10.80
N GLY C 326 5.86 1.78 -10.69
CA GLY C 326 5.75 2.81 -9.69
C GLY C 326 7.12 3.31 -9.28
N ALA C 327 7.12 4.19 -8.29
CA ALA C 327 8.34 4.77 -7.76
C ALA C 327 8.54 4.30 -6.32
N LYS C 328 9.66 4.72 -5.74
CA LYS C 328 9.96 4.38 -4.35
C LYS C 328 10.93 5.42 -3.79
N VAL C 329 10.76 5.72 -2.51
CA VAL C 329 11.55 6.76 -1.85
C VAL C 329 12.13 6.20 -0.56
N ILE C 330 13.18 6.86 -0.07
CA ILE C 330 13.87 6.48 1.15
C ILE C 330 14.07 7.72 1.99
N ILE C 331 13.64 7.68 3.25
CA ILE C 331 13.80 8.78 4.19
C ILE C 331 15.05 8.51 5.00
N HIS C 332 16.05 9.38 4.85
CA HIS C 332 17.32 9.21 5.53
C HIS C 332 17.94 10.57 5.80
N ARG C 333 19.03 10.57 6.56
CA ARG C 333 19.75 11.80 6.87
C ARG C 333 20.61 12.22 5.68
N GLN C 334 21.28 13.37 5.82
CA GLN C 334 22.18 13.84 4.78
C GLN C 334 23.49 13.08 4.75
N ASP C 335 23.87 12.45 5.85
CA ASP C 335 25.11 11.69 5.92
C ASP C 335 24.87 10.18 5.89
N GLU C 336 23.63 9.75 5.72
CA GLU C 336 23.28 8.33 5.70
C GLU C 336 23.15 7.86 4.26
N TYR C 337 23.67 6.67 3.98
CA TYR C 337 23.57 6.11 2.64
C TYR C 337 22.19 5.51 2.42
N PRO C 338 21.49 5.90 1.35
CA PRO C 338 20.15 5.35 1.10
C PRO C 338 20.22 3.96 0.50
N PHE C 339 19.59 3.00 1.17
CA PHE C 339 19.48 1.63 0.67
C PHE C 339 18.11 1.50 0.00
N VAL C 340 18.11 1.55 -1.33
CA VAL C 340 16.85 1.56 -2.07
C VAL C 340 16.18 0.18 -2.00
N GLU C 341 16.95 -0.89 -2.17
CA GLU C 341 16.37 -2.22 -2.17
C GLU C 341 16.05 -2.70 -0.76
N ASP C 342 16.78 -2.23 0.25
CA ASP C 342 16.62 -2.75 1.60
C ASP C 342 15.45 -2.07 2.32
N VAL C 343 15.53 -0.75 2.50
CA VAL C 343 14.56 -0.04 3.34
C VAL C 343 13.77 0.94 2.50
N GLY C 344 13.57 0.63 1.22
CA GLY C 344 12.78 1.48 0.35
C GLY C 344 11.31 1.12 0.36
N THR C 345 10.47 2.16 0.32
CA THR C 345 9.02 2.00 0.31
C THR C 345 8.49 2.40 -1.05
N GLU C 346 7.78 1.48 -1.70
CA GLU C 346 7.26 1.72 -3.03
C GLU C 346 6.11 2.72 -2.99
N ILE C 347 5.82 3.30 -4.15
CA ILE C 347 4.75 4.29 -4.30
C ILE C 347 3.96 3.93 -5.55
N GLU C 348 2.63 3.93 -5.41
CA GLU C 348 1.77 3.60 -6.54
C GLU C 348 1.76 4.74 -7.56
N THR C 349 1.77 4.36 -8.84
CA THR C 349 1.92 5.33 -9.92
C THR C 349 0.61 5.96 -10.36
N ALA C 350 -0.52 5.57 -9.78
CA ALA C 350 -1.82 6.07 -10.21
C ALA C 350 -2.45 7.03 -9.22
N MET C 351 -2.02 7.05 -7.97
CA MET C 351 -2.67 7.82 -6.93
C MET C 351 -1.65 8.55 -6.08
N VAL C 352 -2.14 9.45 -5.24
CA VAL C 352 -1.29 10.24 -4.35
C VAL C 352 -0.96 9.42 -3.11
N THR C 353 0.21 9.65 -2.54
CA THR C 353 0.68 8.96 -1.34
C THR C 353 1.18 9.99 -0.35
N SER C 354 0.47 10.15 0.76
CA SER C 354 0.86 11.07 1.82
C SER C 354 1.60 10.30 2.90
N ILE C 355 2.82 10.74 3.20
CA ILE C 355 3.70 10.06 4.15
C ILE C 355 3.96 11.03 5.30
N GLY C 356 3.27 10.82 6.42
CA GLY C 356 3.52 11.60 7.62
C GLY C 356 4.51 10.93 8.53
N MET C 357 5.60 11.63 8.86
CA MET C 357 6.69 11.05 9.62
C MET C 357 6.90 11.81 10.92
N HIS C 358 7.43 11.10 11.92
CA HIS C 358 7.80 11.66 13.20
C HIS C 358 9.25 11.35 13.49
N LEU C 359 10.01 12.37 13.87
CA LEU C 359 11.43 12.21 14.15
C LEU C 359 11.62 11.60 15.53
N THR C 360 12.38 10.50 15.60
CA THR C 360 12.67 9.82 16.84
C THR C 360 14.17 9.56 16.92
N GLU C 361 14.86 10.31 17.76
CA GLU C 361 16.30 10.17 17.93
C GLU C 361 16.61 9.33 19.17
N SER C 362 17.76 8.68 19.14
CA SER C 362 18.20 7.84 20.25
C SER C 362 19.70 8.00 20.43
N PHE C 363 20.13 8.06 21.69
CA PHE C 363 21.53 8.20 22.04
C PHE C 363 21.88 7.17 23.10
N LYS C 364 23.09 6.61 22.99
CA LYS C 364 23.53 5.57 23.91
C LYS C 364 25.00 5.78 24.26
N LEU C 365 25.36 5.41 25.47
CA LEU C 365 26.74 5.55 25.92
C LEU C 365 27.64 4.55 25.21
N SER C 366 28.83 4.99 24.83
CA SER C 366 29.66 4.24 23.89
C SER C 366 30.68 3.33 24.58
N GLU C 367 31.60 3.91 25.34
CA GLU C 367 32.80 3.18 25.74
C GLU C 367 32.53 2.13 26.83
N PRO C 368 32.03 2.50 28.02
CA PRO C 368 32.05 1.54 29.13
C PRO C 368 30.82 0.65 29.22
N TYR C 369 29.68 1.10 28.68
CA TYR C 369 28.40 0.45 28.94
C TYR C 369 27.95 -0.46 27.80
N SER C 370 27.83 0.08 26.59
CA SER C 370 27.24 -0.65 25.47
C SER C 370 28.25 -1.12 24.43
N GLN C 371 29.49 -0.66 24.50
CA GLN C 371 30.55 -0.99 23.55
C GLN C 371 30.23 -0.57 22.12
N CYS C 372 29.21 0.27 21.93
CA CYS C 372 28.90 0.77 20.60
C CYS C 372 29.94 1.80 20.16
N THR C 373 30.16 1.88 18.86
CA THR C 373 31.14 2.80 18.28
C THR C 373 30.43 3.97 17.60
N GLU C 374 31.10 5.12 17.61
CA GLU C 374 30.60 6.33 16.98
C GLU C 374 31.62 6.81 15.96
N ASP C 375 31.12 7.30 14.82
CA ASP C 375 31.91 7.81 13.70
C ASP C 375 32.76 6.73 13.04
N GLY C 376 32.64 5.48 13.48
CA GLY C 376 33.41 4.40 12.88
C GLY C 376 34.90 4.50 13.05
N SER C 377 35.35 4.94 14.23
CA SER C 377 36.77 5.09 14.49
C SER C 377 37.38 3.87 15.16
N ASP C 378 36.59 3.13 15.95
CA ASP C 378 37.13 1.97 16.65
C ASP C 378 37.32 0.78 15.72
N VAL C 379 36.44 0.61 14.75
CA VAL C 379 36.51 -0.52 13.82
C VAL C 379 37.58 -0.25 12.77
N PRO C 380 38.36 -1.25 12.36
CA PRO C 380 39.39 -1.05 11.34
C PRO C 380 38.90 -1.21 9.91
N ILE C 381 37.62 -1.53 9.71
CA ILE C 381 37.11 -1.74 8.35
C ILE C 381 36.97 -0.40 7.64
N ARG C 382 37.42 -0.36 6.39
CA ARG C 382 37.32 0.84 5.58
C ARG C 382 35.92 0.96 5.00
N ASN C 383 35.37 2.18 5.08
CA ASN C 383 34.02 2.45 4.60
C ASN C 383 34.08 2.82 3.13
N ILE C 384 33.49 1.98 2.27
CA ILE C 384 33.49 2.24 0.83
C ILE C 384 32.27 3.03 0.37
N TYR C 385 31.30 3.28 1.26
CA TYR C 385 30.09 4.00 0.89
C TYR C 385 30.26 5.52 0.96
N ASN C 386 31.32 6.01 1.62
CA ASN C 386 31.57 7.44 1.77
C ASN C 386 30.38 8.15 2.43
N ALA C 387 30.01 7.65 3.60
CA ALA C 387 28.91 8.20 4.37
C ALA C 387 29.17 7.91 5.84
N ALA C 388 28.17 8.20 6.67
CA ALA C 388 28.29 7.93 8.10
C ALA C 388 28.36 6.43 8.37
N TYR C 389 28.84 6.09 9.56
CA TYR C 389 29.00 4.69 9.94
C TYR C 389 27.67 4.08 10.34
N SER C 390 27.49 2.81 10.01
CA SER C 390 26.30 2.06 10.39
C SER C 390 26.66 0.58 10.41
N LEU C 391 25.77 -0.22 11.00
CA LEU C 391 26.01 -1.65 11.06
C LEU C 391 25.86 -2.29 9.68
N GLN C 392 24.81 -1.92 8.94
CA GLN C 392 24.64 -2.45 7.60
C GLN C 392 25.73 -1.98 6.66
N ILE C 393 26.24 -0.76 6.85
CA ILE C 393 27.34 -0.27 6.04
C ILE C 393 28.63 -0.99 6.40
N CYS C 394 28.80 -1.35 7.68
CA CYS C 394 30.00 -2.07 8.09
C CYS C 394 29.99 -3.50 7.58
N LEU C 395 28.82 -4.15 7.59
CA LEU C 395 28.73 -5.53 7.12
C LEU C 395 28.94 -5.59 5.61
N HIS C 396 28.34 -4.66 4.86
CA HIS C 396 28.49 -4.66 3.41
C HIS C 396 29.93 -4.32 3.02
N SER C 397 30.55 -3.38 3.73
CA SER C 397 31.95 -3.04 3.44
C SER C 397 32.87 -4.19 3.78
N CYS C 398 32.57 -4.93 4.85
CA CYS C 398 33.39 -6.08 5.21
C CYS C 398 33.19 -7.23 4.23
N PHE C 399 31.95 -7.42 3.75
CA PHE C 399 31.71 -8.46 2.75
C PHE C 399 32.34 -8.11 1.42
N GLN C 400 32.29 -6.83 1.03
CA GLN C 400 32.92 -6.41 -0.20
C GLN C 400 34.43 -6.57 -0.13
N THR C 401 35.02 -6.24 1.01
CA THR C 401 36.48 -6.38 1.16
C THR C 401 36.88 -7.85 1.12
N LYS C 402 36.11 -8.71 1.79
CA LYS C 402 36.41 -10.14 1.76
C LYS C 402 36.18 -10.73 0.38
N MET C 403 35.30 -10.12 -0.41
CA MET C 403 35.01 -10.66 -1.75
C MET C 403 36.15 -10.35 -2.72
N VAL C 404 36.69 -9.14 -2.66
CA VAL C 404 37.81 -8.78 -3.53
C VAL C 404 39.05 -9.61 -3.18
N GLU C 405 39.23 -9.94 -1.91
CA GLU C 405 40.35 -10.78 -1.52
C GLU C 405 40.17 -12.22 -1.99
N LYS C 406 38.93 -12.73 -1.93
CA LYS C 406 38.67 -14.10 -2.36
C LYS C 406 38.76 -14.21 -3.88
N CYS C 407 37.93 -13.48 -4.60
CA CYS C 407 37.97 -13.45 -6.06
C CYS C 407 38.27 -12.04 -6.54
N GLY C 408 38.87 -11.96 -7.74
CA GLY C 408 39.43 -10.71 -8.22
C GLY C 408 38.43 -9.61 -8.44
N CYS C 409 37.15 -9.93 -8.54
CA CYS C 409 36.12 -8.94 -8.84
C CYS C 409 35.30 -8.59 -7.60
N ALA C 410 34.62 -7.46 -7.67
CA ALA C 410 33.78 -6.96 -6.59
C ALA C 410 32.32 -7.00 -7.00
N GLN C 411 31.45 -7.19 -6.02
CA GLN C 411 30.02 -7.33 -6.29
C GLN C 411 29.47 -6.06 -6.93
N TYR C 412 28.55 -6.25 -7.87
CA TYR C 412 27.98 -5.15 -8.63
C TYR C 412 26.82 -4.46 -7.91
N SER C 413 26.11 -5.19 -7.04
CA SER C 413 24.99 -4.60 -6.32
C SER C 413 25.44 -3.56 -5.30
N GLN C 414 26.69 -3.63 -4.85
CA GLN C 414 27.25 -2.69 -3.89
C GLN C 414 28.28 -1.79 -4.57
N PRO C 415 28.58 -0.63 -3.98
CA PRO C 415 29.56 0.27 -4.60
C PRO C 415 30.93 -0.38 -4.72
N LEU C 416 31.71 0.12 -5.67
CA LEU C 416 33.00 -0.46 -6.01
C LEU C 416 34.06 0.03 -5.05
N PRO C 417 34.80 -0.85 -4.38
CA PRO C 417 35.92 -0.41 -3.54
C PRO C 417 37.01 0.21 -4.40
N PRO C 418 37.91 1.00 -3.81
CA PRO C 418 38.97 1.61 -4.61
C PRO C 418 39.93 0.56 -5.15
N ALA C 419 40.36 0.77 -6.39
CA ALA C 419 41.27 -0.13 -7.10
C ALA C 419 40.69 -1.56 -7.16
N ALA C 420 39.54 -1.67 -7.81
CA ALA C 420 38.86 -2.95 -7.99
C ALA C 420 37.99 -2.87 -9.23
N ASN C 421 37.39 -4.00 -9.59
CA ASN C 421 36.53 -4.09 -10.75
C ASN C 421 35.27 -4.86 -10.40
N TYR C 422 34.19 -4.58 -11.13
CA TYR C 422 32.93 -5.26 -10.91
C TYR C 422 33.00 -6.69 -11.44
N CYS C 423 32.00 -7.48 -11.08
CA CYS C 423 31.94 -8.88 -11.47
C CYS C 423 31.10 -9.07 -12.73
N ASN C 424 31.54 -10.00 -13.57
CA ASN C 424 30.82 -10.35 -14.79
C ASN C 424 31.36 -11.68 -15.32
N TYR C 425 30.47 -12.52 -15.85
CA TYR C 425 30.90 -13.83 -16.33
C TYR C 425 31.80 -13.76 -17.57
N GLN C 426 31.88 -12.59 -18.22
CA GLN C 426 32.74 -12.47 -19.39
C GLN C 426 34.20 -12.37 -19.01
N GLN C 427 34.52 -11.64 -17.94
CA GLN C 427 35.89 -11.49 -17.47
C GLN C 427 36.20 -12.37 -16.27
N HIS C 428 35.23 -12.57 -15.37
CA HIS C 428 35.39 -13.42 -14.19
C HIS C 428 34.37 -14.56 -14.30
N PRO C 429 34.71 -15.61 -15.03
CA PRO C 429 33.73 -16.69 -15.25
C PRO C 429 33.38 -17.49 -14.01
N ASN C 430 34.22 -17.48 -12.99
CA ASN C 430 34.04 -18.28 -11.79
C ASN C 430 33.68 -17.43 -10.57
N TRP C 431 32.87 -16.39 -10.78
CA TRP C 431 32.42 -15.56 -9.67
C TRP C 431 31.02 -15.88 -9.22
N MET C 432 30.20 -16.51 -10.07
CA MET C 432 28.86 -16.91 -9.66
C MET C 432 28.92 -17.90 -8.50
N TYR C 433 29.87 -18.83 -8.55
CA TYR C 433 30.05 -19.78 -7.46
C TYR C 433 30.91 -19.19 -6.34
N CYS C 434 31.76 -18.21 -6.67
CA CYS C 434 32.58 -17.57 -5.65
C CYS C 434 31.72 -16.77 -4.68
N TYR C 435 30.76 -16.01 -5.20
CA TYR C 435 29.86 -15.26 -4.34
C TYR C 435 28.94 -16.20 -3.55
N TYR C 436 28.64 -17.37 -4.11
CA TYR C 436 27.78 -18.33 -3.42
C TYR C 436 28.45 -18.84 -2.15
N GLN C 437 29.72 -19.20 -2.24
CA GLN C 437 30.43 -19.72 -1.06
C GLN C 437 30.65 -18.63 -0.02
N LEU C 438 30.92 -17.40 -0.47
CA LEU C 438 31.13 -16.30 0.48
C LEU C 438 29.83 -15.97 1.21
N HIS C 439 28.72 -15.90 0.48
CA HIS C 439 27.44 -15.63 1.12
C HIS C 439 27.01 -16.79 2.02
N ARG C 440 27.38 -18.02 1.63
CA ARG C 440 27.07 -19.17 2.47
C ARG C 440 27.87 -19.13 3.77
N ALA C 441 29.10 -18.61 3.72
CA ALA C 441 29.93 -18.48 4.91
C ALA C 441 29.69 -17.18 5.66
N PHE C 442 28.96 -16.23 5.07
CA PHE C 442 28.67 -14.98 5.75
C PHE C 442 27.48 -15.14 6.69
N VAL C 443 26.50 -15.95 6.32
CA VAL C 443 25.35 -16.18 7.19
C VAL C 443 25.74 -17.03 8.38
N GLN C 444 26.63 -18.00 8.17
CA GLN C 444 27.09 -18.87 9.23
C GLN C 444 28.16 -18.23 10.11
N GLU C 445 28.49 -16.97 9.88
CA GLU C 445 29.47 -16.23 10.67
C GLU C 445 30.84 -16.93 10.65
N GLU C 446 31.38 -17.07 9.44
CA GLU C 446 32.67 -17.69 9.24
C GLU C 446 33.69 -16.76 8.59
N LEU C 447 33.27 -15.67 7.96
CA LEU C 447 34.21 -14.74 7.34
C LEU C 447 34.87 -13.84 8.39
N GLY C 448 34.12 -13.46 9.41
CA GLY C 448 34.65 -12.59 10.45
C GLY C 448 34.20 -11.15 10.30
N CYS C 449 32.95 -10.95 9.92
CA CYS C 449 32.39 -9.61 9.74
C CYS C 449 31.40 -9.22 10.83
N GLN C 450 30.64 -10.17 11.37
CA GLN C 450 29.67 -9.84 12.41
C GLN C 450 30.34 -9.59 13.75
N SER C 451 31.53 -10.14 13.97
CA SER C 451 32.21 -9.97 15.25
C SER C 451 32.94 -8.63 15.34
N VAL C 452 33.52 -8.18 14.22
CA VAL C 452 34.28 -6.94 14.24
C VAL C 452 33.37 -5.72 14.15
N CYS C 453 32.29 -5.81 13.39
CA CYS C 453 31.38 -4.69 13.25
C CYS C 453 30.57 -4.48 14.52
N LYS C 454 30.41 -3.22 14.90
CA LYS C 454 29.66 -2.83 16.09
C LYS C 454 28.54 -1.89 15.71
N GLU C 455 27.48 -1.90 16.51
CA GLU C 455 26.33 -1.04 16.26
C GLU C 455 26.68 0.42 16.52
N ALA C 456 26.01 1.31 15.80
CA ALA C 456 26.17 2.73 16.01
C ALA C 456 25.38 3.18 17.23
N CYS C 457 25.97 4.11 18.00
CA CYS C 457 25.33 4.56 19.24
C CYS C 457 24.12 5.42 18.93
N SER C 458 24.31 6.50 18.17
CA SER C 458 23.25 7.45 17.87
C SER C 458 22.73 7.23 16.45
N PHE C 459 21.42 7.38 16.28
CA PHE C 459 20.78 7.26 14.98
C PHE C 459 19.38 7.86 15.06
N LYS C 460 18.87 8.27 13.92
CA LYS C 460 17.54 8.84 13.80
C LYS C 460 16.59 7.86 13.12
N GLU C 461 15.29 8.13 13.24
CA GLU C 461 14.28 7.29 12.64
C GLU C 461 13.02 8.12 12.39
N TRP C 462 12.36 7.85 11.28
CA TRP C 462 11.13 8.54 10.90
C TRP C 462 10.01 7.52 10.76
N THR C 463 9.07 7.55 11.70
CA THR C 463 7.92 6.64 11.67
C THR C 463 6.97 7.08 10.57
N LEU C 464 7.05 6.43 9.42
CA LEU C 464 6.25 6.82 8.26
C LEU C 464 4.81 6.35 8.41
N THR C 465 3.88 7.23 8.05
CA THR C 465 2.44 6.92 8.05
C THR C 465 1.94 7.08 6.62
N THR C 466 1.79 5.96 5.91
CA THR C 466 1.41 5.98 4.51
C THR C 466 -0.11 5.99 4.37
N SER C 467 -0.60 6.83 3.46
CA SER C 467 -2.03 6.94 3.19
C SER C 467 -2.22 7.21 1.70
N LEU C 468 -3.10 6.44 1.07
CA LEU C 468 -3.31 6.52 -0.37
C LEU C 468 -4.73 6.97 -0.68
N ALA C 469 -4.87 7.68 -1.80
CA ALA C 469 -6.16 8.13 -2.30
C ALA C 469 -6.00 8.51 -3.76
N GLN C 470 -7.08 8.34 -4.53
CA GLN C 470 -7.06 8.65 -5.95
C GLN C 470 -6.73 10.12 -6.17
N TRP C 471 -5.56 10.41 -6.73
CA TRP C 471 -5.14 11.80 -6.88
C TRP C 471 -5.99 12.53 -7.93
N PRO C 472 -6.04 12.10 -9.20
CA PRO C 472 -6.88 12.82 -10.16
C PRO C 472 -8.33 12.36 -10.10
N SER C 473 -9.22 13.25 -9.65
CA SER C 473 -10.63 12.91 -9.60
C SER C 473 -11.21 12.89 -11.02
N VAL C 474 -12.47 12.45 -11.11
CA VAL C 474 -13.13 12.38 -12.41
C VAL C 474 -13.30 13.77 -13.03
N VAL C 475 -13.39 14.80 -12.21
CA VAL C 475 -13.62 16.16 -12.70
C VAL C 475 -12.32 16.94 -12.84
N SER C 476 -11.39 16.77 -11.90
CA SER C 476 -10.14 17.53 -11.94
C SER C 476 -9.17 16.96 -12.98
N GLU C 477 -9.41 15.73 -13.44
CA GLU C 477 -8.52 15.13 -14.43
C GLU C 477 -8.63 15.84 -15.77
N LYS C 478 -9.75 16.52 -16.02
CA LYS C 478 -9.94 17.19 -17.31
C LYS C 478 -8.98 18.36 -17.49
N TRP C 479 -8.55 19.00 -16.39
CA TRP C 479 -7.67 20.15 -16.47
C TRP C 479 -6.29 19.91 -15.88
N LEU C 480 -6.08 18.80 -15.15
CA LEU C 480 -4.77 18.53 -14.58
C LEU C 480 -3.82 17.95 -15.61
N LEU C 481 -4.25 16.91 -16.31
CA LEU C 481 -3.39 16.26 -17.30
C LEU C 481 -2.96 17.19 -18.44
N PRO C 482 -3.85 18.00 -19.05
CA PRO C 482 -3.36 18.91 -20.10
C PRO C 482 -2.36 19.94 -19.60
N VAL C 483 -2.46 20.34 -18.33
CA VAL C 483 -1.51 21.31 -17.79
C VAL C 483 -0.23 20.61 -17.32
N LEU C 484 -0.36 19.41 -16.76
CA LEU C 484 0.82 18.67 -16.30
C LEU C 484 1.71 18.26 -17.47
N THR C 485 1.13 18.04 -18.66
CA THR C 485 1.94 17.76 -19.83
C THR C 485 2.49 19.03 -20.48
N TRP C 486 1.93 20.19 -20.15
CA TRP C 486 2.47 21.45 -20.67
C TRP C 486 3.77 21.82 -19.98
N ASP C 487 3.92 21.47 -18.70
CA ASP C 487 5.17 21.72 -18.00
C ASP C 487 6.28 20.82 -18.54
N GLN C 488 5.98 19.53 -18.69
CA GLN C 488 6.93 18.56 -19.22
C GLN C 488 6.72 18.39 -20.72
N GLY C 489 6.98 19.47 -21.46
CA GLY C 489 6.76 19.48 -22.89
C GLY C 489 7.93 18.95 -23.70
N ARG C 490 9.15 19.23 -23.24
CA ARG C 490 10.33 18.78 -23.98
C ARG C 490 10.55 17.28 -23.80
N GLN C 491 10.17 16.74 -22.63
CA GLN C 491 10.40 15.32 -22.37
C GLN C 491 9.24 14.46 -22.87
N VAL C 492 8.01 14.98 -22.86
CA VAL C 492 6.83 14.24 -23.28
C VAL C 492 6.16 15.00 -24.40
N ASN C 493 5.91 14.31 -25.52
CA ASN C 493 5.23 14.90 -26.66
C ASN C 493 3.73 14.62 -26.67
N LYS C 494 3.30 13.47 -26.16
CA LYS C 494 1.89 13.13 -26.10
C LYS C 494 1.28 13.65 -24.80
N LYS C 495 0.05 13.25 -24.52
CA LYS C 495 -0.63 13.66 -23.29
C LYS C 495 -0.33 12.66 -22.18
N LEU C 496 -0.10 13.19 -20.97
CA LEU C 496 0.19 12.34 -19.83
C LEU C 496 -1.04 11.54 -19.43
N ASN C 497 -0.84 10.27 -19.12
CA ASN C 497 -1.92 9.41 -18.68
C ASN C 497 -2.04 9.44 -17.16
N LYS C 498 -3.20 9.00 -16.67
CA LYS C 498 -3.45 8.99 -15.24
C LYS C 498 -2.55 7.98 -14.52
N THR C 499 -2.21 6.89 -15.18
CA THR C 499 -1.39 5.84 -14.56
C THR C 499 0.11 6.10 -14.66
N ASP C 500 0.51 7.23 -15.24
CA ASP C 500 1.93 7.56 -15.38
C ASP C 500 2.40 8.59 -14.36
N LEU C 501 1.49 9.36 -13.77
CA LEU C 501 1.83 10.43 -12.85
C LEU C 501 1.54 9.99 -11.42
N ALA C 502 2.57 10.01 -10.57
CA ALA C 502 2.44 9.66 -9.17
C ALA C 502 2.77 10.88 -8.32
N LYS C 503 1.82 11.29 -7.48
CA LYS C 503 2.01 12.42 -6.59
C LYS C 503 2.44 11.91 -5.21
N LEU C 504 3.34 12.65 -4.56
CA LEU C 504 3.92 12.24 -3.29
C LEU C 504 3.91 13.41 -2.32
N LEU C 505 3.43 13.16 -1.11
CA LEU C 505 3.43 14.15 -0.04
C LEU C 505 4.22 13.60 1.14
N ILE C 506 5.32 14.25 1.47
CA ILE C 506 6.16 13.86 2.60
C ILE C 506 6.31 15.07 3.51
N PHE C 507 5.97 14.91 4.78
CA PHE C 507 5.91 16.03 5.71
C PHE C 507 5.92 15.50 7.13
N TYR C 508 6.01 16.43 8.08
CA TYR C 508 5.89 16.12 9.50
C TYR C 508 4.47 16.46 9.96
N LYS C 509 3.78 15.46 10.51
CA LYS C 509 2.45 15.72 11.05
C LYS C 509 2.51 16.69 12.23
N ASP C 510 3.54 16.55 13.07
CA ASP C 510 3.75 17.44 14.19
C ASP C 510 5.23 17.72 14.32
N LEU C 511 5.56 18.81 15.03
CA LEU C 511 6.94 19.20 15.29
C LEU C 511 7.48 18.56 16.57
N ASN C 512 6.83 17.54 17.09
CA ASN C 512 7.28 16.86 18.30
C ASN C 512 8.48 15.98 17.98
N GLN C 513 9.67 16.41 18.40
CA GLN C 513 10.90 15.66 18.21
C GLN C 513 11.19 14.88 19.48
N ARG C 514 10.94 13.58 19.46
CA ARG C 514 11.13 12.71 20.62
C ARG C 514 12.56 12.20 20.63
N SER C 515 13.29 12.52 21.69
CA SER C 515 14.68 12.11 21.86
C SER C 515 14.77 11.14 23.04
N ILE C 516 15.45 10.02 22.83
CA ILE C 516 15.63 8.99 23.85
C ILE C 516 17.10 8.94 24.17
N MET C 517 17.50 9.59 25.27
CA MET C 517 18.90 9.66 25.69
C MET C 517 19.10 8.81 26.92
N GLU C 518 20.21 8.06 26.94
CA GLU C 518 20.56 7.19 28.06
C GLU C 518 21.69 7.86 28.85
N SER C 519 21.37 8.37 30.03
CA SER C 519 22.34 9.01 30.88
C SER C 519 22.88 8.04 31.92
N PRO C 520 24.16 8.14 32.28
CA PRO C 520 24.71 7.24 33.29
C PRO C 520 24.19 7.55 34.68
N ALA C 521 24.25 6.53 35.54
CA ALA C 521 23.78 6.67 36.92
C ALA C 521 24.88 6.31 37.90
N UNK D 1 -20.59 -41.73 19.77
CA UNK D 1 -22.02 -41.97 19.77
C UNK D 1 -22.32 -43.45 19.55
N UNK D 2 -23.34 -43.96 20.25
CA UNK D 2 -23.75 -45.36 20.15
C UNK D 2 -25.18 -45.40 19.66
N UNK D 3 -25.36 -45.70 18.37
CA UNK D 3 -26.69 -45.77 17.79
C UNK D 3 -27.38 -47.07 18.18
N UNK D 4 -28.70 -47.05 18.18
CA UNK D 4 -29.50 -48.22 18.54
C UNK D 4 -30.85 -48.14 17.84
N UNK D 5 -31.19 -49.18 17.10
CA UNK D 5 -32.46 -49.24 16.39
C UNK D 5 -33.57 -49.69 17.33
N UNK D 6 -34.74 -49.06 17.19
CA UNK D 6 -35.86 -49.39 18.07
C UNK D 6 -36.45 -50.76 17.74
N UNK D 7 -36.92 -50.93 16.51
CA UNK D 7 -37.52 -52.20 16.08
C UNK D 7 -36.39 -53.19 15.81
N UNK D 8 -36.13 -54.07 16.78
CA UNK D 8 -35.07 -55.06 16.62
C UNK D 8 -35.42 -56.09 15.56
N UNK D 9 -36.70 -56.47 15.47
CA UNK D 9 -37.13 -57.43 14.46
C UNK D 9 -38.57 -57.09 14.09
N UNK D 10 -38.74 -56.34 13.00
CA UNK D 10 -40.06 -55.94 12.56
C UNK D 10 -40.72 -57.07 11.78
N UNK D 11 -42.03 -56.95 11.60
CA UNK D 11 -42.81 -57.95 10.86
C UNK D 11 -44.01 -57.26 10.23
N UNK D 12 -44.03 -57.23 8.90
CA UNK D 12 -45.11 -56.61 8.16
C UNK D 12 -45.38 -57.38 6.88
N UNK D 13 -46.62 -57.35 6.43
CA UNK D 13 -47.02 -58.05 5.22
C UNK D 13 -46.62 -57.24 3.99
N UNK D 14 -46.88 -57.81 2.81
CA UNK D 14 -46.56 -57.13 1.57
C UNK D 14 -47.48 -55.94 1.34
N UNK D 15 -46.96 -54.93 0.63
CA UNK D 15 -47.71 -53.72 0.31
C UNK D 15 -48.21 -53.02 1.58
N UNK D 16 -47.35 -52.95 2.59
CA UNK D 16 -47.67 -52.30 3.85
C UNK D 16 -46.61 -51.27 4.18
N UNK D 17 -47.01 -50.28 4.98
CA UNK D 17 -46.12 -49.21 5.40
C UNK D 17 -45.51 -49.54 6.75
N UNK D 18 -44.18 -49.51 6.82
CA UNK D 18 -43.43 -49.80 8.04
C UNK D 18 -42.52 -48.63 8.38
N UNK D 19 -41.84 -48.74 9.52
CA UNK D 19 -40.93 -47.70 9.97
C UNK D 19 -39.93 -48.31 10.95
N UNK D 20 -38.67 -47.92 10.81
CA UNK D 20 -37.59 -48.41 11.66
C UNK D 20 -36.92 -47.19 12.30
N UNK D 21 -37.19 -46.98 13.58
CA UNK D 21 -36.61 -45.84 14.29
C UNK D 21 -35.18 -46.15 14.72
N UNK D 22 -34.40 -45.08 14.89
CA UNK D 22 -33.00 -45.21 15.28
C UNK D 22 -32.65 -44.00 16.14
N UNK D 23 -32.35 -44.24 17.42
CA UNK D 23 -31.97 -43.19 18.35
C UNK D 23 -30.49 -43.32 18.68
N UNK D 24 -29.82 -42.17 18.85
CA UNK D 24 -28.42 -42.12 19.15
C UNK D 24 -28.19 -41.69 20.59
N UNK D 25 -26.98 -41.97 21.09
CA UNK D 25 -26.63 -41.61 22.46
C UNK D 25 -26.36 -40.12 22.59
N UNK D 26 -25.38 -39.62 21.86
CA UNK D 26 -25.04 -38.21 21.87
C UNK D 26 -25.86 -37.44 20.85
N UNK D 27 -25.94 -36.13 21.03
CA UNK D 27 -26.69 -35.28 20.13
C UNK D 27 -25.92 -35.06 18.83
N UNK D 28 -26.11 -35.95 17.87
CA UNK D 28 -25.43 -35.86 16.59
C UNK D 28 -26.15 -34.89 15.66
N UNK D 29 -25.52 -34.60 14.53
CA UNK D 29 -26.12 -33.74 13.51
C UNK D 29 -27.05 -34.55 12.63
N UNK D 30 -27.48 -33.96 11.51
CA UNK D 30 -28.36 -34.64 10.56
C UNK D 30 -27.64 -35.67 9.70
N UNK D 31 -26.41 -36.03 10.05
CA UNK D 31 -25.61 -36.97 9.26
C UNK D 31 -25.78 -38.36 9.85
N UNK D 32 -26.64 -39.17 9.23
CA UNK D 32 -26.86 -40.55 9.68
C UNK D 32 -27.27 -41.37 8.46
N UNK D 33 -26.32 -42.11 7.89
CA UNK D 33 -26.60 -42.92 6.72
C UNK D 33 -27.27 -44.23 7.11
N UNK D 34 -28.26 -44.64 6.32
CA UNK D 34 -29.01 -45.86 6.56
C UNK D 34 -28.71 -46.85 5.44
N UNK D 35 -28.16 -48.00 5.80
CA UNK D 35 -27.79 -49.03 4.85
C UNK D 35 -28.72 -50.22 4.96
N UNK D 36 -28.78 -51.01 3.90
CA UNK D 36 -29.62 -52.19 3.83
C UNK D 36 -28.80 -53.36 3.31
N UNK D 37 -28.81 -54.48 4.05
CA UNK D 37 -28.07 -55.67 3.68
C UNK D 37 -29.05 -56.83 3.53
N UNK D 38 -29.09 -57.40 2.34
CA UNK D 38 -29.99 -58.52 2.06
C UNK D 38 -29.46 -59.80 2.72
N UNK D 39 -30.21 -60.89 2.54
CA UNK D 39 -29.82 -62.16 3.15
C UNK D 39 -28.65 -62.79 2.42
N UNK D 40 -28.52 -62.56 1.11
CA UNK D 40 -27.47 -63.13 0.29
C UNK D 40 -26.82 -62.06 -0.57
N UNK D 41 -26.50 -60.92 0.04
CA UNK D 41 -25.87 -59.82 -0.67
C UNK D 41 -24.96 -59.07 0.31
N UNK D 42 -24.42 -57.95 -0.13
CA UNK D 42 -23.53 -57.13 0.68
C UNK D 42 -24.27 -55.88 1.16
N UNK D 43 -23.64 -55.19 2.12
CA UNK D 43 -24.24 -53.98 2.67
C UNK D 43 -24.26 -52.88 1.62
N UNK D 44 -25.46 -52.36 1.34
CA UNK D 44 -25.65 -51.32 0.35
C UNK D 44 -26.30 -50.10 1.00
N UNK D 45 -25.88 -48.92 0.56
CA UNK D 45 -26.40 -47.67 1.11
C UNK D 45 -27.78 -47.39 0.52
N UNK D 46 -28.75 -47.15 1.40
CA UNK D 46 -30.12 -46.85 0.98
C UNK D 46 -30.45 -45.37 1.03
N UNK D 47 -29.99 -44.65 2.06
CA UNK D 47 -30.27 -43.24 2.20
C UNK D 47 -28.99 -42.51 2.59
N UNK D 48 -28.88 -41.26 2.17
CA UNK D 48 -27.72 -40.42 2.46
C UNK D 48 -27.83 -39.84 3.87
N UNK D 49 -27.01 -38.82 4.17
CA UNK D 49 -26.87 -38.23 5.50
C UNK D 49 -28.19 -38.05 6.24
N UNK D 50 -29.12 -37.29 5.67
CA UNK D 50 -30.38 -37.02 6.37
C UNK D 50 -31.58 -37.65 5.67
N UNK D 51 -31.83 -37.34 4.40
CA UNK D 51 -32.97 -37.90 3.70
C UNK D 51 -32.76 -38.11 2.21
N UNK D 52 -31.57 -37.84 1.68
CA UNK D 52 -31.33 -37.94 0.25
C UNK D 52 -31.23 -39.40 -0.15
N UNK D 53 -32.05 -39.81 -1.12
CA UNK D 53 -32.03 -41.17 -1.62
C UNK D 53 -30.85 -41.38 -2.55
N UNK D 54 -30.34 -42.61 -2.57
CA UNK D 54 -29.21 -42.95 -3.43
C UNK D 54 -29.67 -43.04 -4.88
N UNK D 55 -28.71 -43.31 -5.78
CA UNK D 55 -29.02 -43.40 -7.19
C UNK D 55 -29.87 -44.63 -7.49
N UNK D 56 -29.39 -45.81 -7.10
CA UNK D 56 -30.14 -47.04 -7.35
C UNK D 56 -31.30 -47.24 -6.39
N UNK D 57 -31.35 -46.49 -5.30
CA UNK D 57 -32.43 -46.63 -4.34
C UNK D 57 -33.76 -46.16 -4.95
N UNK D 58 -34.84 -46.86 -4.59
CA UNK D 58 -36.16 -46.54 -5.10
C UNK D 58 -36.71 -45.31 -4.38
N UNK D 59 -37.94 -44.93 -4.76
CA UNK D 59 -38.61 -43.79 -4.16
C UNK D 59 -39.53 -44.17 -3.00
N UNK D 60 -39.75 -45.46 -2.77
CA UNK D 60 -40.61 -45.89 -1.67
C UNK D 60 -39.97 -45.67 -0.30
N UNK D 61 -38.64 -45.58 -0.25
CA UNK D 61 -37.93 -45.38 1.02
C UNK D 61 -37.75 -43.89 1.29
N UNK D 62 -38.02 -43.49 2.53
CA UNK D 62 -37.88 -42.10 2.95
C UNK D 62 -37.27 -42.07 4.34
N UNK D 63 -36.63 -40.94 4.66
CA UNK D 63 -35.98 -40.75 5.94
C UNK D 63 -36.31 -39.37 6.50
N UNK D 64 -36.29 -39.27 7.83
CA UNK D 64 -36.57 -38.02 8.53
C UNK D 64 -35.83 -38.02 9.85
N UNK D 65 -34.90 -37.08 10.01
CA UNK D 65 -34.09 -36.99 11.22
C UNK D 65 -33.51 -35.60 11.33
N UNK D 66 -33.53 -35.03 12.54
CA UNK D 66 -32.97 -33.73 12.80
C UNK D 66 -31.77 -33.77 13.74
N UNK D 67 -31.97 -34.23 14.97
CA UNK D 67 -30.88 -34.30 15.95
C UNK D 67 -30.58 -35.73 16.37
N UNK D 68 -31.56 -36.47 16.87
CA UNK D 68 -31.32 -37.83 17.33
C UNK D 68 -32.48 -38.79 17.07
N UNK D 69 -33.53 -38.35 16.38
CA UNK D 69 -34.70 -39.18 16.11
C UNK D 69 -34.70 -39.51 14.61
N UNK D 70 -34.04 -40.60 14.25
CA UNK D 70 -33.98 -41.06 12.87
C UNK D 70 -35.01 -42.15 12.64
N UNK D 71 -35.51 -42.21 11.41
CA UNK D 71 -36.52 -43.19 11.03
C UNK D 71 -36.51 -43.39 9.52
N UNK D 72 -36.59 -44.65 9.10
CA UNK D 72 -36.65 -45.00 7.69
C UNK D 72 -38.01 -45.62 7.41
N UNK D 73 -38.86 -44.88 6.69
CA UNK D 73 -40.21 -45.32 6.40
C UNK D 73 -40.28 -45.87 4.98
N UNK D 74 -40.87 -47.05 4.83
CA UNK D 74 -41.06 -47.68 3.54
C UNK D 74 -42.51 -47.52 3.11
N UNK D 75 -42.71 -47.01 1.89
CA UNK D 75 -44.07 -46.78 1.39
C UNK D 75 -44.83 -48.09 1.26
N UNK D 76 -44.34 -48.99 0.41
CA UNK D 76 -44.98 -50.29 0.19
C UNK D 76 -43.92 -51.37 0.17
N UNK D 77 -44.11 -52.40 0.99
CA UNK D 77 -43.16 -53.50 1.06
C UNK D 77 -43.28 -54.38 -0.18
N UNK D 78 -42.26 -55.21 -0.38
CA UNK D 78 -42.23 -56.12 -1.52
C UNK D 78 -41.35 -57.32 -1.16
N UNK D 79 -41.30 -58.28 -2.09
CA UNK D 79 -40.50 -59.47 -1.87
C UNK D 79 -39.00 -59.18 -1.94
N UNK D 80 -38.60 -58.03 -2.48
CA UNK D 80 -37.20 -57.66 -2.58
C UNK D 80 -36.81 -56.60 -1.56
N UNK D 81 -37.67 -56.31 -0.59
CA UNK D 81 -37.39 -55.33 0.44
C UNK D 81 -37.21 -55.95 1.83
N UNK D 82 -37.33 -57.27 1.94
CA UNK D 82 -37.15 -57.95 3.21
C UNK D 82 -35.66 -58.17 3.45
N UNK D 83 -35.08 -57.36 4.33
CA UNK D 83 -33.65 -57.43 4.62
C UNK D 83 -33.40 -56.80 5.98
N UNK D 84 -32.13 -56.68 6.34
CA UNK D 84 -31.72 -56.07 7.60
C UNK D 84 -31.24 -54.66 7.33
N UNK D 85 -31.96 -53.68 7.86
CA UNK D 85 -31.65 -52.27 7.66
C UNK D 85 -30.89 -51.75 8.87
N UNK D 86 -29.70 -51.21 8.62
CA UNK D 86 -28.84 -50.69 9.68
C UNK D 86 -28.63 -49.19 9.49
N UNK D 87 -28.09 -48.56 10.52
CA UNK D 87 -27.81 -47.12 10.50
C UNK D 87 -26.35 -46.91 10.90
N UNK D 88 -25.77 -45.84 10.36
CA UNK D 88 -24.37 -45.50 10.60
C UNK D 88 -24.25 -44.01 10.89
N UNK D 89 -23.59 -43.68 12.00
CA UNK D 89 -23.34 -42.29 12.37
C UNK D 89 -22.10 -41.77 11.66
N UNK D 90 -22.09 -40.46 11.42
CA UNK D 90 -20.97 -39.82 10.75
C UNK D 90 -20.45 -38.59 11.50
N UNK D 91 -20.89 -38.37 12.74
CA UNK D 91 -20.46 -37.22 13.52
C UNK D 91 -19.19 -37.51 14.31
N UNK D 92 -19.18 -38.60 15.07
CA UNK D 92 -18.03 -38.94 15.89
C UNK D 92 -16.95 -39.59 15.03
N UNK D 93 -15.71 -39.55 15.54
CA UNK D 93 -14.58 -40.14 14.82
C UNK D 93 -14.63 -41.66 14.79
N UNK D 94 -15.37 -42.28 15.72
CA UNK D 94 -15.46 -43.74 15.73
C UNK D 94 -16.32 -44.27 14.59
N UNK D 95 -17.34 -43.51 14.18
CA UNK D 95 -18.25 -43.90 13.11
C UNK D 95 -18.88 -45.26 13.41
N UNK D 96 -19.55 -45.33 14.55
CA UNK D 96 -20.18 -46.57 15.00
C UNK D 96 -21.50 -46.80 14.28
N UNK D 97 -21.77 -48.05 13.95
CA UNK D 97 -23.02 -48.43 13.29
C UNK D 97 -24.05 -48.84 14.34
N UNK D 98 -25.25 -49.19 13.87
CA UNK D 98 -26.36 -49.58 14.73
C UNK D 98 -26.61 -51.08 14.59
N UNK D 99 -27.59 -51.56 15.35
CA UNK D 99 -27.95 -52.97 15.30
C UNK D 99 -28.73 -53.27 14.02
N UNK D 100 -28.73 -54.55 13.66
CA UNK D 100 -29.39 -55.01 12.44
C UNK D 100 -30.89 -55.15 12.70
N UNK D 101 -31.68 -54.22 12.19
CA UNK D 101 -33.13 -54.28 12.31
C UNK D 101 -33.66 -55.20 11.22
N UNK D 102 -33.51 -56.51 11.45
CA UNK D 102 -33.88 -57.51 10.46
C UNK D 102 -35.41 -57.56 10.32
N UNK D 103 -35.89 -57.23 9.12
CA UNK D 103 -37.32 -57.31 8.84
C UNK D 103 -37.71 -58.75 8.54
N UNK D 104 -39.03 -58.98 8.48
CA UNK D 104 -39.55 -60.33 8.22
C UNK D 104 -40.92 -60.18 7.56
N UNK D 105 -40.98 -60.42 6.26
CA UNK D 105 -42.23 -60.31 5.52
C UNK D 105 -42.97 -61.65 5.50
N UNK E 1 -16.90 -51.37 -9.11
CA UNK E 1 -16.89 -52.80 -8.89
C UNK E 1 -15.65 -53.23 -8.11
N UNK E 2 -15.71 -53.06 -6.79
CA UNK E 2 -14.60 -53.42 -5.92
C UNK E 2 -14.67 -54.88 -5.52
N UNK E 3 -13.51 -55.47 -5.27
CA UNK E 3 -13.40 -56.87 -4.88
C UNK E 3 -12.59 -56.96 -3.60
N UNK E 4 -12.37 -58.19 -3.13
CA UNK E 4 -11.61 -58.44 -1.93
C UNK E 4 -11.09 -59.88 -1.96
N UNK E 5 -9.85 -60.05 -1.54
CA UNK E 5 -9.20 -61.36 -1.54
C UNK E 5 -8.08 -61.35 -0.50
N UNK E 6 -7.21 -62.36 -0.57
CA UNK E 6 -6.07 -62.49 0.34
C UNK E 6 -6.51 -62.55 1.80
N UNK E 7 -7.56 -63.33 2.07
CA UNK E 7 -8.07 -63.50 3.42
C UNK E 7 -8.49 -64.95 3.59
N UNK E 8 -8.04 -65.57 4.67
CA UNK E 8 -8.36 -66.96 4.96
C UNK E 8 -8.20 -67.19 6.46
N UNK E 9 -8.19 -68.46 6.86
CA UNK E 9 -8.05 -68.80 8.27
C UNK E 9 -6.65 -68.47 8.77
N UNK E 10 -6.56 -67.99 10.01
CA UNK E 10 -5.29 -67.64 10.62
C UNK E 10 -5.31 -68.10 12.07
N UNK E 11 -4.22 -67.82 12.78
CA UNK E 11 -4.07 -68.19 14.18
C UNK E 11 -4.09 -66.95 15.06
N UNK E 12 -4.01 -67.18 16.37
CA UNK E 12 -4.02 -66.09 17.33
C UNK E 12 -2.70 -65.31 17.27
N UNK E 13 -2.81 -63.98 17.35
CA UNK E 13 -1.66 -63.08 17.33
C UNK E 13 -0.82 -63.25 16.06
N UNK E 14 -1.46 -63.67 14.97
CA UNK E 14 -0.78 -63.85 13.70
C UNK E 14 -0.86 -62.57 12.88
N UNK E 15 -0.45 -62.64 11.62
CA UNK E 15 -0.47 -61.50 10.72
C UNK E 15 -1.12 -61.91 9.40
N UNK E 16 -1.90 -60.99 8.82
CA UNK E 16 -2.57 -61.25 7.56
C UNK E 16 -2.75 -59.93 6.82
N UNK E 17 -2.53 -59.97 5.50
CA UNK E 17 -2.68 -58.80 4.64
C UNK E 17 -3.81 -59.04 3.67
N UNK E 18 -4.80 -58.17 3.67
CA UNK E 18 -5.96 -58.27 2.80
C UNK E 18 -5.92 -57.15 1.76
N UNK E 19 -6.10 -57.50 0.49
CA UNK E 19 -6.06 -56.55 -0.60
C UNK E 19 -7.45 -56.42 -1.22
N UNK E 20 -7.64 -55.30 -1.92
CA UNK E 20 -8.92 -55.01 -2.58
C UNK E 20 -8.63 -54.37 -3.93
N UNK E 21 -9.05 -55.03 -5.00
CA UNK E 21 -8.83 -54.53 -6.36
C UNK E 21 -10.03 -53.72 -6.80
N UNK E 22 -9.82 -52.44 -7.07
CA UNK E 22 -10.88 -51.54 -7.51
C UNK E 22 -10.95 -51.55 -9.04
N UNK E 23 -12.08 -52.00 -9.58
CA UNK E 23 -12.29 -52.08 -11.02
C UNK E 23 -13.52 -51.28 -11.41
N UNK E 24 -13.52 -50.81 -12.66
CA UNK E 24 -14.61 -50.02 -13.24
C UNK E 24 -14.88 -48.74 -12.45
N UNK E 25 -13.88 -48.22 -11.75
CA UNK E 25 -14.03 -46.99 -10.99
C UNK E 25 -12.77 -46.15 -11.15
N UNK E 26 -12.95 -44.83 -11.12
CA UNK E 26 -11.84 -43.88 -11.24
C UNK E 26 -11.10 -43.84 -9.90
N UNK E 27 -10.10 -44.70 -9.78
CA UNK E 27 -9.31 -44.78 -8.56
C UNK E 27 -8.47 -43.52 -8.37
N UNK E 28 -7.79 -43.43 -7.24
CA UNK E 28 -6.96 -42.31 -6.84
C UNK E 28 -7.72 -41.00 -6.75
N UNK E 29 -9.06 -41.05 -6.75
CA UNK E 29 -9.88 -39.86 -6.62
C UNK E 29 -10.97 -39.98 -5.56
N UNK E 30 -11.37 -41.19 -5.19
CA UNK E 30 -12.38 -41.40 -4.16
C UNK E 30 -11.76 -42.19 -3.02
N UNK E 31 -12.00 -41.76 -1.78
CA UNK E 31 -11.45 -42.42 -0.62
C UNK E 31 -12.08 -43.81 -0.47
N UNK E 32 -11.41 -44.65 0.33
CA UNK E 32 -11.87 -46.00 0.59
C UNK E 32 -11.78 -46.30 2.07
N UNK E 33 -12.51 -47.32 2.50
CA UNK E 33 -12.54 -47.70 3.90
C UNK E 33 -12.85 -49.19 4.00
N UNK E 34 -12.43 -49.79 5.11
CA UNK E 34 -12.63 -51.20 5.37
C UNK E 34 -13.57 -51.37 6.56
N UNK E 35 -14.65 -52.13 6.37
CA UNK E 35 -15.62 -52.40 7.41
C UNK E 35 -15.68 -53.89 7.68
N UNK E 36 -15.76 -54.24 8.96
CA UNK E 36 -15.79 -55.63 9.40
C UNK E 36 -17.19 -56.00 9.88
N UNK E 37 -17.72 -57.09 9.37
CA UNK E 37 -19.03 -57.60 9.75
C UNK E 37 -18.83 -58.86 10.58
N UNK E 38 -19.12 -58.76 11.88
CA UNK E 38 -18.91 -59.87 12.79
C UNK E 38 -19.85 -61.03 12.45
N UNK E 39 -19.61 -62.16 13.11
CA UNK E 39 -20.43 -63.35 12.87
C UNK E 39 -21.87 -63.17 13.35
N UNK E 40 -22.12 -62.21 14.25
CA UNK E 40 -23.46 -61.93 14.75
C UNK E 40 -24.15 -60.84 13.95
N UNK E 41 -23.71 -60.59 12.71
CA UNK E 41 -24.30 -59.57 11.84
C UNK E 41 -24.28 -58.20 12.51
N UNK E 42 -23.07 -57.73 12.82
CA UNK E 42 -22.87 -56.44 13.46
C UNK E 42 -21.69 -55.76 12.76
N UNK E 43 -21.98 -54.82 11.87
CA UNK E 43 -20.94 -54.13 11.13
C UNK E 43 -20.16 -53.19 12.04
N UNK E 44 -18.90 -52.98 11.69
CA UNK E 44 -18.02 -52.10 12.46
C UNK E 44 -16.88 -51.63 11.58
N UNK E 45 -16.60 -50.34 11.61
CA UNK E 45 -15.54 -49.78 10.78
C UNK E 45 -14.17 -50.17 11.33
N UNK E 46 -13.28 -50.59 10.44
CA UNK E 46 -11.92 -50.97 10.82
C UNK E 46 -10.91 -49.87 10.52
N UNK E 47 -10.85 -49.40 9.29
CA UNK E 47 -9.92 -48.33 8.91
C UNK E 47 -10.50 -47.56 7.74
N UNK E 48 -9.93 -46.39 7.49
CA UNK E 48 -10.37 -45.53 6.40
C UNK E 48 -9.18 -44.73 5.90
N UNK E 49 -8.90 -44.82 4.60
CA UNK E 49 -7.80 -44.11 3.97
C UNK E 49 -8.32 -42.89 3.21
N UNK E 50 -7.40 -41.99 2.90
CA UNK E 50 -7.73 -40.77 2.18
C UNK E 50 -7.63 -41.03 0.67
N UNK E 51 -7.70 -39.95 -0.13
CA UNK E 51 -7.63 -40.10 -1.58
C UNK E 51 -6.22 -40.50 -2.02
N UNK E 52 -5.24 -39.68 -1.68
CA UNK E 52 -3.85 -39.96 -2.01
C UNK E 52 -3.13 -40.80 -0.96
N UNK E 53 -3.89 -41.42 -0.05
CA UNK E 53 -3.34 -42.29 1.00
C UNK E 53 -2.33 -41.56 1.88
N UNK E 54 -2.52 -40.26 2.08
CA UNK E 54 -1.65 -39.47 2.93
C UNK E 54 -2.17 -39.35 4.35
N UNK E 55 -3.37 -39.87 4.63
CA UNK E 55 -3.95 -39.81 5.96
C UNK E 55 -4.81 -41.05 6.18
N UNK E 56 -4.74 -41.61 7.38
CA UNK E 56 -5.50 -42.80 7.72
C UNK E 56 -5.94 -42.73 9.18
N UNK E 57 -7.20 -43.06 9.43
CA UNK E 57 -7.76 -43.04 10.77
C UNK E 57 -8.17 -44.44 11.20
N UNK E 58 -8.17 -44.67 12.51
CA UNK E 58 -8.54 -45.96 13.08
C UNK E 58 -9.75 -45.80 13.98
N UNK E 59 -10.33 -46.94 14.37
CA UNK E 59 -11.53 -46.97 15.19
C UNK E 59 -11.21 -47.11 16.68
N UNK E 60 -10.06 -46.61 17.13
CA UNK E 60 -9.60 -46.67 18.51
C UNK E 60 -9.50 -48.09 19.04
N UNK E 61 -9.54 -49.09 18.18
CA UNK E 61 -9.38 -50.48 18.59
C UNK E 61 -8.49 -51.29 17.65
N UNK E 62 -7.99 -50.69 16.57
CA UNK E 62 -7.11 -51.38 15.65
C UNK E 62 -5.83 -50.59 15.35
N UNK E 63 -5.60 -49.50 16.07
CA UNK E 63 -4.39 -48.71 15.87
C UNK E 63 -3.16 -49.52 16.27
N UNK E 64 -2.07 -49.32 15.54
CA UNK E 64 -0.80 -50.02 15.72
C UNK E 64 -0.93 -51.53 15.56
N UNK E 65 -2.04 -52.01 15.02
CA UNK E 65 -2.24 -53.44 14.78
C UNK E 65 -2.71 -53.67 13.35
N UNK E 66 -3.34 -52.67 12.76
CA UNK E 66 -3.81 -52.74 11.38
C UNK E 66 -3.40 -51.47 10.66
N UNK E 67 -2.84 -51.62 9.46
CA UNK E 67 -2.37 -50.50 8.66
C UNK E 67 -2.92 -50.63 7.24
N UNK E 68 -3.57 -49.57 6.76
CA UNK E 68 -4.13 -49.54 5.43
C UNK E 68 -3.29 -48.65 4.52
N UNK E 69 -3.24 -49.02 3.24
CA UNK E 69 -2.48 -48.26 2.26
C UNK E 69 -3.02 -48.57 0.87
N UNK E 70 -3.08 -47.55 0.03
CA UNK E 70 -3.57 -47.67 -1.33
C UNK E 70 -2.43 -47.53 -2.32
N UNK E 71 -2.66 -47.99 -3.55
CA UNK E 71 -1.68 -47.91 -4.62
C UNK E 71 -1.95 -46.78 -5.61
N UNK E 72 -3.16 -46.22 -5.59
CA UNK E 72 -3.55 -45.12 -6.49
C UNK E 72 -3.31 -45.48 -7.95
N UNK E 73 -4.02 -49.51 -8.96
CA UNK E 73 -5.44 -49.41 -8.60
C UNK E 73 -5.85 -50.55 -7.66
N UNK E 74 -5.32 -50.52 -6.44
CA UNK E 74 -5.62 -51.54 -5.46
C UNK E 74 -5.39 -50.98 -4.06
N UNK E 75 -6.21 -51.44 -3.12
CA UNK E 75 -6.12 -51.02 -1.72
C UNK E 75 -5.81 -52.24 -0.86
N UNK E 76 -4.76 -52.15 -0.05
CA UNK E 76 -4.33 -53.23 0.82
C UNK E 76 -4.47 -52.83 2.28
N UNK E 77 -4.57 -53.85 3.13
CA UNK E 77 -4.69 -53.62 4.57
C UNK E 77 -3.94 -54.74 5.29
N UNK E 78 -2.87 -54.38 6.00
CA UNK E 78 -2.05 -55.34 6.73
C UNK E 78 -2.44 -55.29 8.20
N UNK E 79 -2.95 -56.40 8.72
CA UNK E 79 -3.38 -56.51 10.11
C UNK E 79 -2.43 -57.45 10.85
N UNK E 80 -1.77 -56.92 11.88
CA UNK E 80 -0.84 -57.68 12.70
C UNK E 80 -1.41 -57.84 14.11
N UNK E 81 -0.96 -58.91 14.77
CA UNK E 81 -1.39 -59.24 16.13
C UNK E 81 -2.91 -59.37 16.21
N UNK E 82 -3.46 -60.19 15.32
CA UNK E 82 -4.90 -60.39 15.27
C UNK E 82 -5.38 -61.15 16.51
N UNK E 83 -6.39 -60.61 17.18
CA UNK E 83 -6.94 -61.23 18.38
C UNK E 83 -7.97 -62.28 17.97
N UNK E 84 -8.70 -62.81 18.96
CA UNK E 84 -9.73 -63.81 18.71
C UNK E 84 -11.09 -63.20 18.36
N UNK E 85 -11.26 -61.90 18.54
CA UNK E 85 -12.51 -61.23 18.23
C UNK E 85 -12.50 -60.56 16.85
N UNK E 86 -11.42 -60.72 16.09
CA UNK E 86 -11.32 -60.14 14.76
C UNK E 86 -11.81 -61.08 13.67
N UNK E 87 -12.46 -62.18 14.03
CA UNK E 87 -12.99 -63.14 13.06
C UNK E 87 -14.27 -62.55 12.46
N UNK E 88 -14.09 -61.70 11.46
CA UNK E 88 -15.20 -61.03 10.81
C UNK E 88 -14.90 -60.87 9.33
N UNK E 89 -15.95 -60.86 8.52
CA UNK E 89 -15.82 -60.68 7.09
C UNK E 89 -15.50 -59.22 6.77
N UNK E 90 -14.31 -58.96 6.27
CA UNK E 90 -13.87 -57.61 5.97
C UNK E 90 -14.41 -57.18 4.61
N UNK E 91 -15.02 -56.00 4.55
CA UNK E 91 -15.58 -55.46 3.32
C UNK E 91 -14.92 -54.12 3.02
N UNK E 92 -14.53 -53.94 1.76
CA UNK E 92 -13.89 -52.70 1.31
C UNK E 92 -14.96 -51.76 0.79
N UNK E 93 -15.24 -50.70 1.54
CA UNK E 93 -16.25 -49.71 1.17
C UNK E 93 -15.59 -48.50 0.54
N UNK E 94 -16.23 -47.96 -0.50
CA UNK E 94 -15.73 -46.80 -1.23
C UNK E 94 -16.58 -45.60 -0.86
N UNK E 95 -15.99 -44.63 -0.18
CA UNK E 95 -16.71 -43.43 0.22
C UNK E 95 -17.05 -42.59 -1.00
N UNK E 96 -18.21 -41.93 -0.94
CA UNK E 96 -18.65 -41.10 -2.05
C UNK E 96 -17.75 -39.88 -2.19
N UNK E 97 -17.25 -39.65 -3.41
CA UNK E 97 -16.37 -38.52 -3.68
C UNK E 97 -17.15 -37.27 -4.08
N UNK E 98 -18.11 -36.89 -3.24
CA UNK E 98 -18.92 -35.70 -3.48
C UNK E 98 -18.94 -34.80 -2.26
N UNK E 99 -18.81 -35.40 -1.08
CA UNK E 99 -18.84 -34.66 0.18
C UNK E 99 -17.72 -35.19 1.08
N UNK E 100 -16.68 -34.40 1.27
CA UNK E 100 -15.60 -34.76 2.16
C UNK E 100 -16.03 -34.60 3.62
N UNK E 101 -15.20 -35.13 4.52
CA UNK E 101 -15.41 -35.09 5.96
C UNK E 101 -16.70 -35.80 6.40
N UNK E 102 -17.29 -36.61 5.52
CA UNK E 102 -18.50 -37.37 5.85
C UNK E 102 -18.36 -38.75 5.22
N UNK E 103 -18.09 -39.75 6.04
CA UNK E 103 -17.88 -41.12 5.54
C UNK E 103 -19.22 -41.69 5.10
N UNK E 104 -19.46 -41.69 3.79
CA UNK E 104 -20.68 -42.26 3.20
C UNK E 104 -20.26 -43.40 2.30
N UNK E 105 -20.36 -44.63 2.82
CA UNK E 105 -19.95 -45.82 2.08
C UNK E 105 -20.96 -46.08 0.97
N UNK E 106 -20.62 -45.69 -0.26
CA UNK E 106 -21.52 -45.87 -1.39
C UNK E 106 -21.48 -47.31 -1.91
N UNK E 107 -20.31 -47.76 -2.35
CA UNK E 107 -20.13 -49.11 -2.89
C UNK E 107 -19.20 -49.90 -1.98
N UNK E 108 -19.57 -51.14 -1.72
CA UNK E 108 -18.80 -52.03 -0.86
C UNK E 108 -18.33 -53.24 -1.65
N UNK E 109 -17.33 -53.93 -1.08
CA UNK E 109 -16.78 -55.11 -1.71
C UNK E 109 -17.73 -56.29 -1.54
N UNK E 110 -17.33 -57.46 -2.05
CA UNK E 110 -18.18 -58.64 -1.97
C UNK E 110 -18.07 -59.31 -0.61
N UNK E 111 -16.90 -59.83 -0.28
CA UNK E 111 -16.66 -60.53 0.98
C UNK E 111 -15.19 -60.87 1.08
N UNK E 112 -14.71 -61.01 2.32
CA UNK E 112 -13.34 -61.46 2.58
C UNK E 112 -13.35 -62.12 3.96
N UNK E 113 -13.41 -63.45 3.96
CA UNK E 113 -13.47 -64.19 5.23
C UNK E 113 -12.09 -64.21 5.88
N UNK E 114 -11.99 -63.65 7.08
CA UNK E 114 -10.75 -63.58 7.84
C UNK E 114 -11.01 -64.18 9.23
N UNK E 115 -10.85 -65.50 9.34
CA UNK E 115 -11.07 -66.20 10.59
C UNK E 115 -9.79 -66.21 11.42
N UNK E 116 -9.94 -65.99 12.73
CA UNK E 116 -8.82 -65.96 13.67
C UNK E 116 -9.18 -66.85 14.85
N UNK E 117 -8.74 -68.10 14.79
CA UNK E 117 -9.00 -69.07 15.84
C UNK E 117 -7.90 -70.13 15.80
N UNK E 118 -8.06 -71.18 16.60
CA UNK E 118 -7.08 -72.26 16.66
C UNK E 118 -7.59 -73.49 15.92
N UNK F 1 13.72 27.47 -35.91
CA UNK F 1 14.32 28.44 -36.82
C UNK F 1 13.40 29.64 -37.02
N UNK F 2 13.94 30.84 -36.84
CA UNK F 2 13.19 32.07 -36.99
C UNK F 2 13.60 32.74 -38.31
N UNK F 3 12.61 33.03 -39.16
CA UNK F 3 12.85 33.66 -40.45
C UNK F 3 12.57 35.16 -40.32
N UNK F 4 13.62 35.97 -40.44
CA UNK F 4 13.51 37.42 -40.34
C UNK F 4 13.77 38.04 -41.71
N UNK F 5 12.77 38.70 -42.26
CA UNK F 5 12.87 39.35 -43.57
C UNK F 5 12.89 40.86 -43.38
N UNK F 6 13.97 41.49 -43.82
CA UNK F 6 14.14 42.93 -43.68
C UNK F 6 13.38 43.64 -44.80
N UNK F 7 13.60 44.95 -44.92
CA UNK F 7 12.94 45.77 -45.92
C UNK F 7 13.82 45.89 -47.16
N UNK F 8 13.40 46.73 -48.10
CA UNK F 8 14.15 46.94 -49.33
C UNK F 8 15.32 47.88 -49.10
N UNK F 9 16.12 48.09 -50.15
CA UNK F 9 17.28 48.99 -50.08
C UNK F 9 16.80 50.43 -50.12
N UNK F 10 16.40 50.93 -48.97
CA UNK F 10 15.89 52.31 -48.83
C UNK F 10 17.08 53.26 -48.85
N UNK F 11 17.55 53.56 -50.06
CA UNK F 11 18.67 54.49 -50.25
C UNK F 11 18.14 55.89 -50.51
N UNK F 12 17.68 56.53 -49.44
CA UNK F 12 17.11 57.86 -49.53
C UNK F 12 18.22 58.91 -49.63
N UNK F 13 17.82 60.16 -49.75
CA UNK F 13 18.77 61.26 -49.87
C UNK F 13 19.44 61.54 -48.53
N UNK F 14 20.60 62.20 -48.59
CA UNK F 14 21.34 62.52 -47.38
C UNK F 14 20.67 63.63 -46.57
N UNK F 15 19.78 64.41 -47.20
CA UNK F 15 19.09 65.49 -46.49
C UNK F 15 17.88 64.96 -45.72
N UNK F 16 14.57 61.15 -43.13
CA UNK F 16 14.43 60.06 -42.17
C UNK F 16 13.94 58.78 -42.85
N UNK F 17 14.63 57.68 -42.61
CA UNK F 17 14.29 56.39 -43.17
C UNK F 17 13.72 55.47 -42.10
N UNK F 18 12.90 54.52 -42.53
CA UNK F 18 12.26 53.56 -41.63
C UNK F 18 12.42 52.17 -42.24
N UNK F 19 13.23 51.33 -41.60
CA UNK F 19 13.48 49.98 -42.06
C UNK F 19 12.65 48.99 -41.25
N UNK F 20 11.90 48.15 -41.93
CA UNK F 20 11.04 47.16 -41.29
C UNK F 20 11.70 45.78 -41.31
N UNK F 21 11.27 44.94 -40.38
CA UNK F 21 11.79 43.58 -40.26
C UNK F 21 10.71 42.70 -39.67
N UNK F 22 10.14 41.82 -40.50
CA UNK F 22 9.07 40.94 -40.08
C UNK F 22 9.65 39.59 -39.70
N UNK F 23 9.36 39.14 -38.48
CA UNK F 23 9.84 37.86 -37.98
C UNK F 23 8.70 36.85 -37.98
N UNK F 24 9.04 35.58 -38.24
CA UNK F 24 8.06 34.51 -38.27
C UNK F 24 8.67 33.25 -37.70
N UNK F 25 7.82 32.26 -37.45
CA UNK F 25 8.23 30.96 -36.91
C UNK F 25 8.98 31.11 -35.59
N UNK F 26 8.55 32.05 -34.75
CA UNK F 26 9.19 32.25 -33.46
C UNK F 26 8.83 31.11 -32.51
N UNK F 27 9.67 30.92 -31.49
CA UNK F 27 9.45 29.85 -30.53
C UNK F 27 8.29 30.19 -29.59
N UNK F 28 8.41 31.29 -28.87
CA UNK F 28 7.39 31.75 -27.93
C UNK F 28 6.92 33.15 -28.30
N UNK F 29 6.08 33.72 -27.44
CA UNK F 29 5.57 35.06 -27.70
C UNK F 29 6.65 36.13 -27.47
N UNK F 30 7.52 35.93 -26.49
CA UNK F 30 8.58 36.88 -26.18
C UNK F 30 9.77 36.59 -27.07
N UNK F 31 9.94 37.39 -28.11
CA UNK F 31 11.04 37.24 -29.05
C UNK F 31 11.66 38.60 -29.33
N UNK F 32 12.98 38.68 -29.20
CA UNK F 32 13.70 39.93 -29.42
C UNK F 32 14.21 40.01 -30.85
N UNK F 33 14.26 41.22 -31.37
CA UNK F 33 14.74 41.49 -32.73
C UNK F 33 15.80 42.59 -32.65
N UNK F 34 17.05 42.19 -32.44
CA UNK F 34 18.13 43.14 -32.35
C UNK F 34 18.44 43.75 -33.72
N UNK F 35 19.27 44.78 -33.72
CA UNK F 35 19.65 45.47 -34.95
C UNK F 35 21.15 45.72 -34.93
N UNK F 36 21.84 45.27 -35.98
CA UNK F 36 23.28 45.43 -36.10
C UNK F 36 23.58 46.26 -37.35
N UNK F 37 24.36 47.33 -37.18
CA UNK F 37 24.73 48.22 -38.26
C UNK F 37 26.18 47.96 -38.63
N UNK F 38 26.40 47.28 -39.75
CA UNK F 38 27.74 46.95 -40.24
C UNK F 38 28.07 47.88 -41.40
N UNK F 39 29.02 48.78 -41.19
CA UNK F 39 29.44 49.72 -42.22
C UNK F 39 30.37 49.03 -43.21
N UNK F 40 30.61 49.70 -44.33
CA UNK F 40 31.49 49.16 -45.36
C UNK F 40 32.94 49.16 -44.87
N UNK F 41 33.60 48.01 -44.99
CA UNK F 41 34.98 47.83 -44.57
C UNK F 41 35.18 48.17 -43.10
N UNK F 42 34.17 47.90 -42.28
CA UNK F 42 34.21 48.16 -40.85
C UNK F 42 33.71 46.94 -40.10
N UNK F 43 33.67 47.05 -38.78
CA UNK F 43 33.19 45.96 -37.93
C UNK F 43 31.68 46.03 -37.77
N UNK F 44 31.12 45.06 -37.05
CA UNK F 44 29.69 45.00 -36.80
C UNK F 44 29.38 45.60 -35.43
N UNK F 45 28.49 46.59 -35.41
CA UNK F 45 28.07 47.27 -34.20
C UNK F 45 26.67 46.78 -33.79
N UNK F 46 26.14 47.40 -32.73
CA UNK F 46 24.81 47.08 -32.24
C UNK F 46 24.01 48.37 -32.16
N UNK F 47 22.85 48.38 -32.82
CA UNK F 47 22.01 49.58 -32.84
C UNK F 47 21.07 49.63 -31.64
N UNK F 48 20.20 48.62 -31.50
CA UNK F 48 19.23 48.56 -30.41
C UNK F 48 18.59 47.18 -30.44
N UNK F 49 17.90 46.86 -29.35
CA UNK F 49 17.11 45.64 -29.23
C UNK F 49 15.65 46.01 -29.03
N UNK F 50 14.76 45.19 -29.57
CA UNK F 50 13.33 45.45 -29.48
C UNK F 50 12.57 44.13 -29.33
N UNK F 51 11.73 44.05 -28.31
CA UNK F 51 10.90 42.88 -28.06
C UNK F 51 9.47 43.21 -28.50
N UNK F 52 9.01 42.57 -29.56
CA UNK F 52 7.69 42.85 -30.11
C UNK F 52 6.55 42.42 -29.19
N UNK F 53 6.85 41.65 -28.14
CA UNK F 53 5.79 41.20 -27.25
C UNK F 53 5.26 42.33 -26.37
N UNK F 54 6.14 43.26 -25.95
CA UNK F 54 5.74 44.37 -25.11
C UNK F 54 6.29 45.70 -25.59
N UNK F 55 6.84 45.75 -26.81
CA UNK F 55 7.40 46.97 -27.40
C UNK F 55 8.52 47.57 -26.56
N UNK F 56 9.12 46.79 -25.67
CA UNK F 56 10.23 47.27 -24.86
C UNK F 56 11.50 47.34 -25.69
N UNK F 57 12.26 48.42 -25.50
CA UNK F 57 13.47 48.65 -26.27
C UNK F 57 14.62 49.01 -25.33
N UNK F 58 15.83 48.56 -25.70
CA UNK F 58 17.04 48.85 -24.95
C UNK F 58 18.10 49.29 -25.98
N UNK F 59 18.15 50.59 -26.25
CA UNK F 59 19.06 51.12 -27.24
C UNK F 59 20.48 51.18 -26.71
N UNK F 60 21.41 51.55 -27.58
CA UNK F 60 22.81 51.68 -27.23
C UNK F 60 23.13 53.11 -26.80
N UNK F 61 24.27 53.27 -26.13
CA UNK F 61 24.67 54.59 -25.66
C UNK F 61 25.05 55.49 -26.83
N UNK F 62 25.61 54.93 -27.89
CA UNK F 62 26.00 55.73 -29.04
C UNK F 62 24.78 56.23 -29.82
N UNK F 63 23.96 55.30 -30.31
CA UNK F 63 22.74 55.65 -31.04
C UNK F 63 21.53 55.68 -30.11
N UNK F 64 21.63 56.55 -29.09
CA UNK F 64 20.55 56.66 -28.12
C UNK F 64 19.35 57.39 -28.69
N UNK F 65 19.59 58.49 -29.40
CA UNK F 65 18.52 59.28 -29.99
C UNK F 65 18.60 59.37 -31.51
N UNK F 66 19.69 58.90 -32.12
CA UNK F 66 19.82 58.97 -33.57
C UNK F 66 18.96 57.94 -34.28
N UNK F 67 18.52 56.89 -33.59
CA UNK F 67 17.70 55.85 -34.18
C UNK F 67 16.79 55.27 -33.13
N UNK F 68 15.48 55.25 -33.43
CA UNK F 68 14.48 54.69 -32.53
C UNK F 68 13.95 53.38 -33.09
N UNK F 69 13.31 52.61 -32.21
CA UNK F 69 12.75 51.31 -32.58
C UNK F 69 11.29 51.23 -32.15
N UNK F 70 10.44 50.74 -33.04
CA UNK F 70 9.02 50.58 -32.78
C UNK F 70 8.56 49.25 -33.37
N UNK F 71 7.84 48.47 -32.57
CA UNK F 71 7.37 47.15 -32.99
C UNK F 71 5.85 47.11 -32.95
N UNK F 72 5.30 46.08 -33.58
CA UNK F 72 3.86 45.85 -33.64
C UNK F 72 3.59 44.39 -33.31
N UNK F 73 2.94 44.15 -32.17
CA UNK F 73 2.68 42.78 -31.74
C UNK F 73 1.68 42.09 -32.65
N UNK F 74 0.80 42.85 -33.31
CA UNK F 74 -0.20 42.26 -34.19
C UNK F 74 0.45 41.62 -35.41
N UNK F 75 1.36 42.35 -36.05
CA UNK F 75 2.05 41.85 -37.23
C UNK F 75 3.36 41.16 -36.92
N UNK F 76 3.84 41.24 -35.68
CA UNK F 76 5.11 40.63 -35.27
C UNK F 76 6.26 41.13 -36.14
N UNK F 77 6.34 42.44 -36.30
CA UNK F 77 7.36 43.08 -37.11
C UNK F 77 7.90 44.31 -36.40
N UNK F 78 9.21 44.48 -36.46
CA UNK F 78 9.87 45.64 -35.86
C UNK F 78 10.19 46.67 -36.93
N UNK F 79 10.37 47.92 -36.49
CA UNK F 79 10.65 49.03 -37.39
C UNK F 79 11.66 49.95 -36.72
N UNK F 80 12.76 50.22 -37.41
CA UNK F 80 13.82 51.09 -36.91
C UNK F 80 13.81 52.39 -37.73
N UNK F 81 13.56 53.51 -37.06
CA UNK F 81 13.54 54.82 -37.70
C UNK F 81 14.85 55.52 -37.43
N UNK F 82 15.66 55.69 -38.47
CA UNK F 82 16.98 56.33 -38.36
C UNK F 82 16.80 57.80 -38.71
N UNK F 83 16.53 58.62 -37.69
CA UNK F 83 16.36 60.04 -37.89
C UNK F 83 17.72 60.75 -37.97
N UNK F 84 17.72 61.90 -38.64
CA UNK F 84 18.92 62.71 -38.84
C UNK F 84 20.03 61.90 -39.51
N UNK F 85 19.69 61.27 -40.63
CA UNK F 85 20.64 60.45 -41.38
C UNK F 85 21.61 61.35 -42.10
N UNK F 86 22.84 61.45 -41.58
CA UNK F 86 23.88 62.28 -42.17
C UNK F 86 24.61 61.48 -43.24
N UNK F 87 25.73 62.03 -43.73
CA UNK F 87 26.50 61.34 -44.76
C UNK F 87 27.19 60.10 -44.20
N UNK F 88 27.46 60.06 -42.91
CA UNK F 88 28.11 58.90 -42.28
C UNK F 88 27.07 57.92 -41.75
N UNK F 89 26.15 57.51 -42.62
CA UNK F 89 25.10 56.56 -42.24
C UNK F 89 24.87 55.47 -43.28
N UNK F 90 25.58 55.48 -44.40
CA UNK F 90 25.37 54.48 -45.45
C UNK F 90 25.97 53.16 -44.99
N UNK F 91 25.13 52.29 -44.43
CA UNK F 91 25.58 51.00 -43.93
C UNK F 91 24.46 50.00 -44.06
N UNK F 92 24.83 48.72 -44.03
CA UNK F 92 23.87 47.62 -44.09
C UNK F 92 23.38 47.32 -42.68
N UNK F 93 22.12 47.64 -42.40
CA UNK F 93 21.54 47.47 -41.07
C UNK F 93 20.83 46.12 -41.04
N UNK F 94 21.52 45.11 -40.53
CA UNK F 94 20.94 43.78 -40.40
C UNK F 94 20.06 43.70 -39.16
N UNK F 95 19.04 42.85 -39.23
CA UNK F 95 18.07 42.68 -38.14
C UNK F 95 18.24 41.27 -37.57
N UNK F 96 19.15 41.13 -36.61
CA UNK F 96 19.38 39.85 -35.98
C UNK F 96 18.27 39.55 -34.97
N UNK F 97 17.85 38.29 -34.93
CA UNK F 97 16.79 37.87 -34.04
C UNK F 97 17.15 36.52 -33.42
N UNK F 98 16.52 36.22 -32.30
CA UNK F 98 16.76 34.97 -31.59
C UNK F 98 15.49 34.58 -30.85
N UNK F 99 15.61 33.65 -29.91
CA UNK F 99 14.51 33.21 -29.06
C UNK F 99 14.57 33.89 -27.70
N UNK F 100 14.93 35.18 -27.68
CA UNK F 100 15.13 35.97 -26.47
C UNK F 100 16.30 35.44 -25.64
N UNK F 101 17.37 35.04 -26.32
CA UNK F 101 18.61 34.61 -25.69
C UNK F 101 19.74 35.57 -26.08
N UNK F 102 20.89 35.37 -25.45
CA UNK F 102 22.04 36.24 -25.73
C UNK F 102 22.58 36.01 -27.13
N UNK F 103 22.71 34.75 -27.54
CA UNK F 103 23.23 34.44 -28.86
C UNK F 103 22.19 34.73 -29.93
N UNK F 104 22.63 35.36 -31.01
CA UNK F 104 21.76 35.73 -32.14
C UNK F 104 22.14 34.84 -33.32
N UNK F 105 21.44 33.72 -33.46
CA UNK F 105 21.72 32.74 -34.51
C UNK F 105 20.86 32.92 -35.75
N UNK F 106 19.91 33.85 -35.74
CA UNK F 106 19.01 34.08 -36.87
C UNK F 106 19.15 35.54 -37.30
N UNK F 107 19.81 35.77 -38.43
CA UNK F 107 20.01 37.10 -38.97
C UNK F 107 19.04 37.37 -40.11
N UNK F 108 19.03 38.62 -40.56
CA UNK F 108 18.14 39.06 -41.63
C UNK F 108 18.93 39.16 -42.94
N UNK F 109 18.28 39.69 -43.97
CA UNK F 109 18.90 39.85 -45.28
C UNK F 109 19.88 41.01 -45.35
N UNK F 110 20.10 41.72 -44.23
CA UNK F 110 21.04 42.85 -44.17
C UNK F 110 20.69 43.92 -45.20
N UNK F 111 19.51 44.53 -45.00
CA UNK F 111 19.06 45.58 -45.89
C UNK F 111 19.96 46.80 -45.78
N UNK F 112 20.48 47.26 -46.91
CA UNK F 112 21.37 48.41 -46.94
C UNK F 112 20.58 49.70 -47.11
N UNK F 113 21.10 50.76 -46.49
CA UNK F 113 20.50 52.09 -46.56
C UNK F 113 21.59 53.08 -46.92
N UNK F 114 21.80 53.28 -48.22
CA UNK F 114 22.84 54.18 -48.72
C UNK F 114 22.31 55.61 -48.65
N UNK F 115 22.71 56.33 -47.60
CA UNK F 115 22.27 57.71 -47.42
C UNK F 115 23.17 58.67 -48.21
N UNK G 1 32.49 50.28 -22.89
CA UNK G 1 32.11 49.03 -23.53
C UNK G 1 33.29 48.06 -23.59
N UNK G 2 33.00 46.76 -23.56
CA UNK G 2 34.04 45.75 -23.62
C UNK G 2 34.62 45.64 -25.02
N UNK G 3 35.73 46.34 -25.26
CA UNK G 3 36.36 46.35 -26.58
C UNK G 3 37.02 45.00 -26.84
N UNK G 4 36.34 44.16 -27.62
CA UNK G 4 36.86 42.84 -27.98
C UNK G 4 37.68 42.97 -29.26
N UNK G 5 38.92 43.46 -29.08
CA UNK G 5 39.81 43.67 -30.21
C UNK G 5 40.43 42.34 -30.64
N UNK G 6 40.23 41.97 -31.89
CA UNK G 6 40.79 40.74 -32.43
C UNK G 6 42.26 40.93 -32.77
N UNK G 7 43.07 39.91 -32.46
CA UNK G 7 44.51 40.00 -32.71
C UNK G 7 44.82 39.69 -34.17
N UNK G 8 44.47 38.49 -34.64
CA UNK G 8 44.75 38.08 -36.01
C UNK G 8 43.81 38.81 -36.95
N UNK G 9 44.31 39.87 -37.59
CA UNK G 9 43.51 40.66 -38.52
C UNK G 9 43.49 40.08 -39.93
N UNK G 10 44.50 39.29 -40.29
CA UNK G 10 44.54 38.69 -41.63
C UNK G 10 45.25 37.34 -41.50
N UNK G 11 44.46 36.27 -41.38
CA UNK G 11 44.99 34.91 -41.26
C UNK G 11 44.94 34.26 -42.64
N UNK G 12 45.99 34.51 -43.42
CA UNK G 12 46.09 33.95 -44.78
C UNK G 12 46.76 32.58 -44.69
N UNK G 13 46.00 31.60 -44.22
CA UNK G 13 46.49 30.25 -44.07
C UNK G 13 46.16 29.43 -45.32
N UNK G 14 46.62 28.18 -45.33
CA UNK G 14 46.40 27.27 -46.44
C UNK G 14 45.24 26.33 -46.14
N UNK G 15 44.78 25.62 -47.18
CA UNK G 15 43.68 24.69 -47.03
C UNK G 15 44.13 23.46 -46.23
N UNK G 16 43.13 22.69 -45.78
CA UNK G 16 43.36 21.48 -44.99
C UNK G 16 44.20 21.76 -43.76
N UNK G 17 43.87 22.84 -43.05
CA UNK G 17 44.60 23.24 -41.84
C UNK G 17 43.61 23.65 -40.77
N UNK G 18 44.10 23.75 -39.54
CA UNK G 18 43.25 24.13 -38.42
C UNK G 18 43.08 25.63 -38.36
N UNK G 19 42.02 26.06 -37.67
CA UNK G 19 41.73 27.48 -37.54
C UNK G 19 42.55 28.10 -36.42
N UNK G 20 42.88 29.38 -36.58
CA UNK G 20 43.67 30.12 -35.59
C UNK G 20 43.10 31.52 -35.49
N UNK G 21 42.49 31.83 -34.34
CA UNK G 21 41.91 33.14 -34.09
C UNK G 21 42.19 33.54 -32.65
N UNK G 22 42.06 34.84 -32.40
CA UNK G 22 42.32 35.39 -31.07
C UNK G 22 41.50 36.65 -30.88
N UNK G 23 41.00 36.86 -29.67
CA UNK G 23 40.20 38.04 -29.34
C UNK G 23 40.40 38.37 -27.87
N UNK G 24 40.95 39.55 -27.60
CA UNK G 24 41.22 40.00 -26.23
C UNK G 24 40.08 40.90 -25.79
N UNK G 25 39.33 40.45 -24.79
CA UNK G 25 38.21 41.22 -24.26
C UNK G 25 38.65 41.97 -23.00
N UNK G 26 38.38 43.28 -22.97
CA UNK G 26 38.74 44.12 -21.83
C UNK G 26 37.63 44.12 -20.79
N UNK G 27 37.38 42.93 -20.25
CA UNK G 27 36.34 42.75 -19.23
C UNK G 27 36.65 41.56 -18.34
N UNK G 28 34.41 38.72 -19.65
CA UNK G 28 33.26 38.16 -20.36
C UNK G 28 32.57 37.10 -19.52
N UNK G 29 32.49 37.32 -18.21
CA UNK G 29 31.85 36.41 -17.27
C UNK G 29 30.76 37.18 -16.53
N UNK G 30 29.51 36.97 -16.93
CA UNK G 30 28.38 37.66 -16.32
C UNK G 30 28.04 37.02 -14.97
N UNK G 31 27.03 37.58 -14.29
CA UNK G 31 26.61 37.07 -13.00
C UNK G 31 25.90 35.74 -13.09
N UNK G 32 25.50 35.30 -14.28
CA UNK G 32 24.81 34.03 -14.48
C UNK G 32 25.76 32.85 -14.52
N UNK G 33 27.03 33.03 -14.17
CA UNK G 33 28.04 31.98 -14.15
C UNK G 33 28.23 31.32 -15.51
N UNK G 34 27.98 32.06 -16.59
CA UNK G 34 28.13 31.56 -17.95
C UNK G 34 28.88 32.57 -18.80
N UNK G 35 29.83 32.09 -19.59
CA UNK G 35 30.60 32.97 -20.45
C UNK G 35 29.82 33.30 -21.72
N UNK G 36 29.88 34.56 -22.14
CA UNK G 36 29.19 35.04 -23.33
C UNK G 36 30.23 35.45 -24.35
N UNK G 37 30.66 34.48 -25.18
CA UNK G 37 31.64 34.72 -26.23
C UNK G 37 31.19 33.94 -27.46
N UNK G 38 30.46 34.60 -28.35
CA UNK G 38 29.94 33.98 -29.56
C UNK G 38 30.83 34.32 -30.76
N UNK G 39 30.92 33.38 -31.69
CA UNK G 39 31.71 33.54 -32.90
C UNK G 39 30.78 33.80 -34.08
N UNK G 40 31.11 34.82 -34.87
CA UNK G 40 30.30 35.21 -36.03
C UNK G 40 31.13 35.01 -37.29
N UNK G 41 30.66 34.14 -38.17
CA UNK G 41 31.32 33.82 -39.43
C UNK G 41 30.55 34.51 -40.56
N UNK G 42 30.99 35.70 -40.94
CA UNK G 42 30.36 36.47 -41.99
C UNK G 42 30.96 36.12 -43.34
N UNK G 43 30.11 35.85 -44.32
CA UNK G 43 30.56 35.50 -45.66
C UNK G 43 30.68 36.77 -46.50
N UNK G 44 30.92 36.60 -47.80
CA UNK G 44 31.07 37.73 -48.71
C UNK G 44 29.69 38.26 -49.08
N UNK G 45 29.36 39.44 -48.55
CA UNK G 45 28.08 40.11 -48.84
C UNK G 45 26.89 39.22 -48.46
N UNK G 46 26.92 38.70 -47.25
CA UNK G 46 25.87 37.83 -46.74
C UNK G 46 25.63 38.17 -45.27
N UNK G 47 24.79 37.37 -44.62
CA UNK G 47 24.47 37.56 -43.21
C UNK G 47 25.41 36.72 -42.35
N UNK G 48 25.75 37.26 -41.17
CA UNK G 48 26.65 36.56 -40.28
C UNK G 48 25.96 35.37 -39.64
N UNK G 49 26.68 34.25 -39.54
CA UNK G 49 26.18 33.04 -38.92
C UNK G 49 26.78 32.86 -37.53
N UNK G 50 26.26 31.88 -36.80
CA UNK G 50 26.71 31.59 -35.45
C UNK G 50 27.53 30.30 -35.45
N UNK G 51 28.62 30.32 -34.69
CA UNK G 51 29.50 29.16 -34.55
C UNK G 51 29.66 28.69 -33.11
N UNK G 52 29.52 29.58 -32.13
CA UNK G 52 29.61 29.22 -30.71
C UNK G 52 28.45 29.89 -29.98
N UNK G 53 27.63 29.08 -29.31
CA UNK G 53 26.45 29.62 -28.63
C UNK G 53 26.86 30.37 -27.36
N UNK G 54 27.45 29.67 -26.40
CA UNK G 54 27.97 30.33 -25.20
C UNK G 54 29.45 30.60 -25.33
N UNK G 55 30.26 29.55 -25.41
CA UNK G 55 31.69 29.67 -25.69
C UNK G 55 32.16 28.74 -26.79
N UNK G 56 31.66 27.50 -26.83
CA UNK G 56 32.07 26.54 -27.84
C UNK G 56 30.93 25.77 -28.48
N UNK G 57 29.75 25.69 -27.86
CA UNK G 57 28.67 24.88 -28.43
C UNK G 57 28.19 25.47 -29.74
N UNK G 58 28.17 24.64 -30.78
CA UNK G 58 27.77 25.05 -32.11
C UNK G 58 26.32 24.66 -32.38
N UNK G 59 25.65 25.47 -33.21
CA UNK G 59 24.26 25.22 -33.56
C UNK G 59 24.17 24.22 -34.71
N UNK G 60 34.62 23.14 -35.79
CA UNK G 60 35.16 24.31 -35.12
C UNK G 60 34.91 24.22 -33.61
N UNK G 61 35.78 24.86 -32.84
CA UNK G 61 35.67 24.87 -31.38
C UNK G 61 36.45 26.05 -30.84
N UNK G 62 36.35 26.25 -29.53
CA UNK G 62 37.05 27.33 -28.84
C UNK G 62 38.09 26.74 -27.88
N UNK G 63 38.85 27.63 -27.26
CA UNK G 63 39.92 27.22 -26.36
C UNK G 63 40.20 28.36 -25.39
N UNK G 64 41.31 28.25 -24.64
CA UNK G 64 41.86 29.17 -23.66
C UNK G 64 41.05 29.20 -22.37
N UNK G 65 39.88 28.55 -22.31
CA UNK G 65 39.07 28.41 -21.10
C UNK G 65 38.96 29.69 -20.29
N UNK G 66 38.79 30.82 -20.96
CA UNK G 66 38.74 32.12 -20.27
C UNK G 66 37.99 33.10 -21.16
N UNK G 67 38.02 34.38 -20.77
CA UNK G 67 37.33 35.41 -21.55
C UNK G 67 38.01 35.64 -22.89
N UNK G 68 39.32 35.46 -22.97
CA UNK G 68 40.05 35.63 -24.22
C UNK G 68 39.63 34.55 -25.20
N UNK G 69 38.87 34.93 -26.22
CA UNK G 69 38.37 33.98 -27.20
C UNK G 69 39.49 33.55 -28.15
N UNK G 70 39.49 32.26 -28.49
CA UNK G 70 40.48 31.70 -29.40
C UNK G 70 39.87 30.53 -30.14
N UNK G 71 40.16 30.45 -31.44
CA UNK G 71 39.63 29.37 -32.27
C UNK G 71 40.60 29.03 -33.40
N UNK G 72 40.24 37.70 -41.50
CA UNK G 72 39.63 37.73 -42.83
C UNK G 72 39.56 36.33 -43.42
N UNK G 73 40.66 35.58 -43.30
CA UNK G 73 40.75 34.21 -43.81
C UNK G 73 40.41 34.13 -45.29
C1 NAG H . 10.48 36.27 -7.95
C2 NAG H . 11.26 36.87 -6.77
C3 NAG H . 11.70 38.29 -7.10
C4 NAG H . 12.46 38.33 -8.42
C5 NAG H . 11.64 37.67 -9.53
C6 NAG H . 12.39 37.55 -10.83
C7 NAG H . 10.52 35.85 -4.67
C8 NAG H . 9.63 35.99 -3.47
N2 NAG H . 10.46 36.85 -5.56
O3 NAG H . 12.51 38.79 -6.05
O4 NAG H . 12.74 39.67 -8.78
O5 NAG H . 11.29 36.34 -9.13
O6 NAG H . 13.14 36.35 -10.91
O7 NAG H . 11.27 34.89 -4.82
C1 NAG H . 13.97 40.27 -8.90
C2 NAG H . 14.20 41.37 -9.94
C3 NAG H . 15.67 41.44 -10.31
C4 NAG H . 16.54 41.58 -9.07
C5 NAG H . 16.22 40.47 -8.07
C6 NAG H . 16.95 40.62 -6.76
C7 NAG H . 12.10 41.56 -11.19
C8 NAG H . 11.40 41.26 -12.48
N2 NAG H . 13.38 41.16 -11.11
O3 NAG H . 15.89 42.55 -11.17
O4 NAG H . 17.91 41.51 -9.42
O5 NAG H . 14.82 40.49 -7.76
O6 NAG H . 16.12 41.21 -5.76
O7 NAG H . 11.54 42.14 -10.27
C1 NAG I . -26.79 6.47 18.29
C2 NAG I . -26.32 5.44 19.33
C3 NAG I . -27.53 4.70 19.92
C4 NAG I . -28.54 5.71 20.46
C5 NAG I . -28.91 6.72 19.39
C6 NAG I . -29.83 7.81 19.90
C7 NAG I . -24.06 4.67 18.79
C8 NAG I . -23.24 3.59 18.13
N2 NAG I . -25.38 4.50 18.74
O3 NAG I . -27.08 3.84 20.95
O4 NAG I . -29.71 5.02 20.89
O5 NAG I . -27.73 7.36 18.90
O6 NAG I . -29.52 9.07 19.29
O7 NAG I . -23.55 5.64 19.33
C1 NAG I . -29.76 5.03 22.33
C2 NAG I . -31.19 4.74 22.79
C3 NAG I . -31.28 4.71 24.30
C4 NAG I . -30.19 3.83 24.91
C5 NAG I . -28.83 4.19 24.32
C6 NAG I . -27.75 3.26 24.87
C7 NAG I . -32.87 5.50 21.22
C8 NAG I . -33.66 6.67 20.69
N2 NAG I . -32.08 5.75 22.26
O3 NAG I . -32.57 4.21 24.69
O4 NAG I . -30.16 4.01 26.32
O5 NAG I . -28.87 4.07 22.90
O6 NAG I . -26.85 4.00 25.70
O7 NAG I . -32.96 4.39 20.71
C1 NAG J . 16.41 25.41 -4.84
C2 NAG J . 15.77 26.01 -3.59
C3 NAG J . 15.69 27.53 -3.72
C4 NAG J . 17.05 28.11 -4.05
C5 NAG J . 17.64 27.42 -5.28
C6 NAG J . 19.04 27.86 -5.60
C7 NAG J . 14.03 25.09 -2.13
C8 NAG J . 12.64 24.52 -2.05
N2 NAG J . 14.45 25.44 -3.34
O3 NAG J . 15.20 28.08 -2.50
O4 NAG J . 16.94 29.51 -4.30
O5 NAG J . 17.69 26.00 -5.07
O6 NAG J . 19.86 26.77 -6.01
O7 NAG J . 14.72 25.23 -1.12
C1 NAG J . 17.44 30.41 -3.40
C2 NAG J . 17.91 31.76 -3.93
C3 NAG J . 18.31 32.68 -2.78
C4 NAG J . 17.18 32.78 -1.77
C5 NAG J . 16.73 31.39 -1.33
C6 NAG J . 15.52 31.42 -0.43
C7 NAG J . 18.86 31.38 -6.17
C8 NAG J . 20.12 31.22 -6.98
N2 NAG J . 19.03 31.59 -4.87
O3 NAG J . 18.63 33.97 -3.29
O4 NAG J . 17.61 33.52 -0.63
O5 NAG J . 16.38 30.61 -2.48
O6 NAG J . 15.70 30.56 0.70
O7 NAG J . 17.75 31.28 -6.67
NA NA K . -12.95 -12.46 -1.80
C1 NAG L . -37.77 -16.72 31.86
C2 NAG L . -38.34 -16.45 33.25
C3 NAG L . -37.48 -15.44 34.00
C4 NAG L . -36.02 -15.89 34.02
C5 NAG L . -35.54 -16.18 32.60
C6 NAG L . -34.14 -16.74 32.56
C7 NAG L . -40.77 -16.78 33.44
C8 NAG L . -42.12 -16.14 33.30
N2 NAG L . -39.72 -16.00 33.17
O3 NAG L . -37.96 -15.30 35.33
O4 NAG L . -35.21 -14.87 34.59
O5 NAG L . -36.40 -17.14 31.98
O6 NAG L . -34.12 -18.03 31.96
O7 NAG L . -40.64 -17.96 33.77
C1 NAG M . 5.73 -23.56 32.81
C2 NAG M . 6.45 -24.35 33.89
C3 NAG M . 7.18 -25.55 33.28
C4 NAG M . 6.24 -26.39 32.45
C5 NAG M . 5.51 -25.51 31.42
C6 NAG M . 4.47 -26.26 30.63
C7 NAG M . 7.08 -22.95 35.81
C8 NAG M . 8.15 -22.11 36.43
N2 NAG M . 7.37 -23.51 34.63
O3 NAG M . 7.75 -26.34 34.32
O4 NAG M . 6.95 -27.41 31.77
O5 NAG M . 4.85 -24.42 32.08
O6 NAG M . 3.31 -25.46 30.42
O7 NAG M . 5.98 -23.11 36.35
C1 NAG N . -17.22 40.36 -11.41
C2 NAG N . -18.53 41.07 -11.76
C3 NAG N . -18.98 41.96 -10.60
C4 NAG N . -19.06 41.15 -9.31
C5 NAG N . -17.73 40.45 -9.06
C6 NAG N . -17.76 39.54 -7.85
C7 NAG N . -19.31 41.86 -13.95
C8 NAG N . -19.00 42.72 -15.14
N2 NAG N . -18.39 41.85 -12.98
O3 NAG N . -20.25 42.52 -10.90
O4 NAG N . -19.35 42.01 -8.21
O5 NAG N . -17.38 39.62 -10.18
O6 NAG N . -17.17 38.28 -8.14
O7 NAG N . -20.34 41.20 -13.88
C1 NAG O . -2.72 12.76 31.68
C2 NAG O . -4.17 13.21 31.84
C3 NAG O . -4.37 13.89 33.19
C4 NAG O . -3.87 13.00 34.32
C5 NAG O . -2.43 12.57 34.06
C6 NAG O . -1.91 11.58 35.07
C7 NAG O . -5.81 14.09 30.24
C8 NAG O . -6.05 15.06 29.12
N2 NAG O . -4.58 14.08 30.75
O3 NAG O . -5.74 14.19 33.38
O4 NAG O . -3.93 13.70 35.55
O5 NAG O . -2.34 11.92 32.78
O6 NAG O . -2.93 11.19 35.99
O7 NAG O . -6.69 13.35 30.65
#